data_8QAU
#
_entry.id   8QAU
#
_cell.length_a   1.00
_cell.length_b   1.00
_cell.length_c   1.00
_cell.angle_alpha   90.00
_cell.angle_beta   90.00
_cell.angle_gamma   90.00
#
_symmetry.space_group_name_H-M   'P 1'
#
loop_
_entity.id
_entity.type
_entity.pdbx_description
1 polymer 'Tubulin alpha-1A chain'
2 polymer 'Tubulin beta chain'
3 polymer 'Kinetochore protein NDC80'
4 polymer 'Kinetochore protein NUF2'
5 polymer 'DASH complex subunit DAM1'
6 non-polymer "GUANOSINE-5'-TRIPHOSPHATE"
7 non-polymer 'MAGNESIUM ION'
8 non-polymer "GUANOSINE-5'-DIPHOSPHATE"
9 non-polymer TAXOL
#
loop_
_entity_poly.entity_id
_entity_poly.type
_entity_poly.pdbx_seq_one_letter_code
_entity_poly.pdbx_strand_id
1 'polypeptide(L)'
;MRECISIHVGQAGVQIGNACWELYCLEHGIQPDGQMPSDKTIGGGDDSFNTFFSETGAGKHVPRAVFVDLEPTVIDEVRT
GTYRQLFHPEQLITGKEDAANNYARGHYTIGKEIIDLVLDRIRKLADQCTGLQGFSVFHSFGGGTGSGFTSLLMERLSVD
YGKKSKLEFSIYPAPQVSTAVVEPYNSILTTHTTLEHSDCAFMVDNEAIYDICRRNLDIERPTYTNLNRLIGQIVSSITA
SLRFDGALNVDLTEFQTNLVPYPRAHFPLATYAPVISAEKAYHEQLSVAEITNACFEPANQMVKCDPRHGKYMACCLLYR
GDVVPKDVNAAIATIKTKRTIQFVDWCPTGFKVGINYEPPTVVPGGDLAKVQRAVCMLSNTTAIAEAWARLDHKFDLMYA
KRAFVHWYVGEGMEEGEFSEAREDMAALEKDYEEVGVDSVEGEGEEEGEEY
;
C
2 'polypeptide(L)'
;MREIVHIQAGQCGNQIGAKFWEVISDEHGIDPTGSYHGDSDLQLERINVYYNEAAGNKYVPRAILVDLEPGTMDSVRSGP
FGQIFRPDNFVFGQSGAGNNWAKGHYTEGAELVDSVLDVVRKESESCDCLQGFQLTHSLGGGTGSGMGTLLISKIREEYP
DRIMNTFSVVPSPKVSDTVVEPYNATLSVHQLVENTDETYCIDNEALYDICFRTLKLTTPTYGDLNHLVSATMSGVTTCL
RFPGQLNADLRKLAVNMVPFPRLHFFMPGFAPLTSRGSQQYRALTVPELTQQMFDAKNMMAACDPRHGRYLTVAAVFRGR
MSMKEVDEQMLNVQNKNSSYFVEWIPNNVKTAVCDIPPRGLKMSATFIGNSTAIQELFKRISEQFTAMFRRKAFLHWYTG
EGMDEMEFTEAESNMNDLVSEYQQYQDATADEQGEFEEEGEEDEA
;
D
3 'polypeptide(L)'
;MQSSTSTDQHVLHHMDPHRFTSQIPTATSSQLRRRNSTNQGLTDMINKSIARNTISGTGIPTGGINKNKRTRSTVAGGTN
GTALALNDKSNSRNSVSRLSINQLGSLQQHLSNRDPRPLRDKNFQSAIQEEIYDYLKKNKFDIETNHPISIKFLKQPTQK
GFIIIFKWLYLRLDPGYGFTKSIENEIYQILKNLRYPFLESINKSQISAVGGSNWHKFLGMLHWMVRTNIKLDMCLNKVD
RSLINQNTQEITILSQPLKTLDEQDQRQERYELMVEKLLIDYFTESYKSFLKLEDNYEPSMQELKLGFEKFVHIINTDIA
NLQTQNDNLYEKYQEVMKISQKIKTTREKWKALKSDSNKYENYVNAMKQKSQEWPGKLEKMKSECELKEEEIKALQSNIS
ELHKILRKKGISTEQFELQNQEREKLTRELDKINIQSDKLTSSIKSRKLEAEGIFKSLLDTLRQYDSSIQNLTRSRSQLG
HNVNDSSLKINISENLLDRDFHEGISYEQLFPKGSGINESIKKSILKLNDEIQERIKTIEKDNITLEKDIKNLKHDINEK
TQINEKLELELSEANSKFELSKQENERLLVAQRIEIEKMEKKINDSNLLMKTKISDAEELVTSTELKLEELKVDLNRKRY
KLHQQVIHVIDITSKFKINIQSSLENSENELGNVIEELRNLEFETEHNVTN
;
A
4 'polypeptide(L)'
;MSRNQDVFPILDLQELVICLQSCDFALATQENISRPTSDYMVTLYKQIIENFMGISVESLLNSSNQETGDGHLQEENENI
YLDTLNVLVLNKICFKFFENIGVQDFNMTDLYKPEAQRTQRLLSAVVNYARFREERMFDCNSFILQMESLLGQLRSKFDD
YNLIQQQLKQYEDVDGDNIPDEQELQKLEEQNKELEIQLKKLTKIQETLSIDYNDYKISKQSIFKDLEALSFQIVELESN
RDKLIKISNTDMEELSEGIKELNDLLIQRKKTLDDLTAQQKNLQDTVTTFETIISELYDVLRIISSEVQESNRTETELVG
LKQNLINNKLKLMNVLETGIMYKLEILQEQLDLQLKNLEKLSQDTKEESRLNDTKLMDLQIKYENEIKPKIDKTDIFIQE
ELISGKINKLNDEIKQLQKDFEVEVKEIEIEYSLLSGHINKYMNEMLEYMQ
;
B
5 'polypeptide(L)'
;MSEDKAKLGTTRSATEYRLSIGSAPTSRRSSMGESSSLMKFADQEGLTSSVGEYNENTIQQLLLPKIRELSDSIITLDSN
FTRLNFIHESLADLNESLGSLLYGIMSNSWCVEFSQAPHDIQDDLIAIKQLKSLEDEKNNLVMELSNMERGIKRKKDEQG
ENDLAKASQNKQFNQPLFPSSQVRKYRSYDNRDKRKPSKIGNNLQVENEEDYEDDTSSEASFVLNPTNIGMSKSSQGHVT
KTTRLNNNTNSKLRRKSILHTIRNSIASGADLPIENDNVVNLGDLHPNNRISLGSGAARVVNGPVTKNRNSMFSGRAERK
PTESRHSVAKKTEKKINTRPPFR
;
E
#
loop_
_chem_comp.id
_chem_comp.type
_chem_comp.name
_chem_comp.formula
GDP RNA linking GUANOSINE-5'-DIPHOSPHATE 'C10 H15 N5 O11 P2'
GTP non-polymer GUANOSINE-5'-TRIPHOSPHATE 'C10 H16 N5 O14 P3'
MG non-polymer 'MAGNESIUM ION' 'Mg 2'
TA1 non-polymer TAXOL 'C47 H51 N O14'
#
# COMPACT_ATOMS: atom_id res chain seq x y z
N MET A 1 -12.00 55.73 -2.38
CA MET A 1 -13.33 55.17 -2.14
C MET A 1 -13.21 53.68 -1.82
N ARG A 2 -13.51 53.33 -0.58
CA ARG A 2 -13.25 52.00 -0.05
C ARG A 2 -14.19 50.95 -0.62
N GLU A 3 -13.67 49.72 -0.75
CA GLU A 3 -14.46 48.54 -1.04
C GLU A 3 -13.86 47.37 -0.28
N CYS A 4 -14.66 46.32 -0.10
CA CYS A 4 -14.21 45.11 0.59
C CYS A 4 -14.81 43.89 -0.11
N ILE A 5 -13.97 42.89 -0.39
CA ILE A 5 -14.37 41.67 -1.07
C ILE A 5 -14.37 40.53 -0.07
N SER A 6 -15.42 39.71 -0.10
CA SER A 6 -15.57 38.58 0.82
C SER A 6 -15.58 37.28 0.03
N ILE A 7 -14.81 36.31 0.49
CA ILE A 7 -14.66 35.01 -0.17
C ILE A 7 -15.11 33.93 0.82
N HIS A 8 -15.90 32.98 0.35
CA HIS A 8 -16.49 31.95 1.22
C HIS A 8 -16.20 30.57 0.65
N VAL A 9 -15.25 29.87 1.28
CA VAL A 9 -14.94 28.49 0.95
C VAL A 9 -15.97 27.58 1.61
N GLY A 10 -16.20 26.40 1.02
CA GLY A 10 -17.51 25.76 1.11
C GLY A 10 -18.23 25.57 2.41
N GLN A 11 -17.82 24.64 3.27
CA GLN A 11 -18.74 24.17 4.31
C GLN A 11 -18.96 25.23 5.38
N ALA A 12 -17.92 25.56 6.13
CA ALA A 12 -18.07 26.59 7.16
C ALA A 12 -18.28 27.97 6.54
N GLY A 13 -17.52 28.28 5.50
CA GLY A 13 -17.53 29.62 4.95
C GLY A 13 -18.86 30.02 4.34
N VAL A 14 -19.51 29.09 3.64
CA VAL A 14 -20.77 29.44 2.97
C VAL A 14 -21.84 29.78 4.00
N GLN A 15 -21.94 28.99 5.07
CA GLN A 15 -22.95 29.26 6.09
C GLN A 15 -22.62 30.52 6.87
N ILE A 16 -21.33 30.71 7.23
CA ILE A 16 -20.94 31.93 7.92
C ILE A 16 -21.25 33.15 7.07
N GLY A 17 -20.98 33.07 5.77
CA GLY A 17 -21.30 34.16 4.88
C GLY A 17 -22.78 34.38 4.72
N ASN A 18 -23.58 33.31 4.74
CA ASN A 18 -25.02 33.49 4.69
C ASN A 18 -25.51 34.29 5.89
N ALA A 19 -25.00 33.96 7.09
CA ALA A 19 -25.33 34.75 8.26
C ALA A 19 -24.83 36.18 8.14
N CYS A 20 -23.61 36.35 7.63
CA CYS A 20 -23.05 37.69 7.47
C CYS A 20 -23.89 38.54 6.54
N TRP A 21 -24.37 37.95 5.44
CA TRP A 21 -25.14 38.71 4.47
C TRP A 21 -26.56 38.98 4.96
N GLU A 22 -27.16 38.06 5.74
CA GLU A 22 -28.36 38.41 6.47
C GLU A 22 -28.13 39.67 7.29
N LEU A 23 -27.04 39.69 8.06
CA LEU A 23 -26.78 40.80 8.95
C LEU A 23 -26.56 42.09 8.17
N TYR A 24 -25.78 42.04 7.09
CA TYR A 24 -25.50 43.24 6.30
C TYR A 24 -26.75 43.77 5.63
N CYS A 25 -27.56 42.88 5.05
CA CYS A 25 -28.79 43.30 4.40
C CYS A 25 -29.73 43.95 5.41
N LEU A 26 -29.82 43.41 6.62
CA LEU A 26 -30.60 44.06 7.66
C LEU A 26 -30.00 45.41 8.05
N GLU A 27 -28.66 45.48 8.13
CA GLU A 27 -27.99 46.71 8.55
C GLU A 27 -28.28 47.85 7.60
N HIS A 28 -28.19 47.60 6.30
CA HIS A 28 -28.29 48.67 5.33
C HIS A 28 -29.72 48.93 4.86
N GLY A 29 -30.70 48.23 5.43
CA GLY A 29 -32.09 48.47 5.08
C GLY A 29 -32.55 47.82 3.80
N ILE A 30 -31.70 47.07 3.13
CA ILE A 30 -32.06 46.41 1.88
C ILE A 30 -33.00 45.27 2.16
N GLN A 31 -33.95 45.05 1.25
CA GLN A 31 -34.82 43.90 1.34
C GLN A 31 -34.06 42.64 0.93
N PRO A 32 -34.52 41.45 1.34
CA PRO A 32 -33.76 40.25 1.04
C PRO A 32 -33.73 39.80 -0.42
N ASP A 33 -34.50 40.42 -1.31
CA ASP A 33 -34.35 40.17 -2.74
C ASP A 33 -33.40 41.16 -3.42
N GLY A 34 -32.87 42.13 -2.69
CA GLY A 34 -31.95 43.10 -3.23
C GLY A 34 -32.52 44.49 -3.44
N GLN A 35 -33.84 44.62 -3.57
CA GLN A 35 -34.46 45.92 -3.76
C GLN A 35 -34.41 46.71 -2.46
N MET A 36 -34.02 47.99 -2.57
CA MET A 36 -33.88 48.84 -1.39
C MET A 36 -35.07 49.78 -1.29
N PRO A 37 -35.91 49.66 -0.26
CA PRO A 37 -37.05 50.55 -0.04
C PRO A 37 -36.62 51.98 0.29
N ASP A 47 -22.81 55.82 -0.33
CA ASP A 47 -23.38 55.82 1.02
C ASP A 47 -22.76 54.74 1.89
N SER A 48 -23.56 54.22 2.83
CA SER A 48 -23.06 53.20 3.74
C SER A 48 -22.86 51.86 3.04
N PHE A 49 -23.77 51.51 2.13
CA PHE A 49 -23.76 50.21 1.47
C PHE A 49 -22.67 50.07 0.43
N ASN A 50 -21.90 51.13 0.15
CA ASN A 50 -20.93 51.08 -0.94
C ASN A 50 -19.81 50.08 -0.67
N THR A 51 -19.52 49.78 0.60
CA THR A 51 -18.43 48.87 0.89
C THR A 51 -18.78 47.44 0.50
N PHE A 52 -20.04 47.04 0.69
CA PHE A 52 -20.45 45.65 0.49
C PHE A 52 -21.33 45.45 -0.72
N PHE A 53 -22.28 46.35 -0.99
CA PHE A 53 -23.28 46.16 -2.03
C PHE A 53 -23.09 47.19 -3.13
N SER A 54 -23.06 46.72 -4.37
CA SER A 54 -22.99 47.60 -5.54
C SER A 54 -24.35 47.64 -6.22
N GLU A 55 -24.79 48.84 -6.58
CA GLU A 55 -26.15 49.04 -7.08
C GLU A 55 -26.21 48.87 -8.60
N THR A 56 -27.42 48.72 -9.10
CA THR A 56 -27.67 48.66 -10.54
C THR A 56 -28.70 49.70 -10.94
N GLY A 57 -29.14 49.67 -12.20
CA GLY A 57 -30.07 50.68 -12.67
C GLY A 57 -31.43 50.61 -12.01
N ALA A 58 -31.97 49.40 -11.87
CA ALA A 58 -33.31 49.22 -11.33
C ALA A 58 -33.37 49.32 -9.81
N GLY A 59 -32.31 49.77 -9.16
CA GLY A 59 -32.27 49.88 -7.72
C GLY A 59 -31.81 48.63 -7.01
N LYS A 60 -31.63 47.53 -7.71
CA LYS A 60 -31.15 46.30 -7.09
C LYS A 60 -29.72 46.47 -6.62
N HIS A 61 -29.42 45.94 -5.43
CA HIS A 61 -28.08 45.94 -4.87
C HIS A 61 -27.57 44.50 -4.85
N VAL A 62 -26.45 44.27 -5.53
CA VAL A 62 -25.82 42.96 -5.56
C VAL A 62 -24.62 42.97 -4.64
N PRO A 63 -24.46 41.98 -3.75
CA PRO A 63 -23.31 41.98 -2.84
C PRO A 63 -22.02 41.62 -3.57
N ARG A 64 -20.90 42.04 -2.97
CA ARG A 64 -19.57 41.70 -3.46
C ARG A 64 -19.10 40.39 -2.82
N ALA A 65 -19.87 39.34 -3.04
CA ALA A 65 -19.60 38.04 -2.44
C ALA A 65 -19.31 37.00 -3.53
N VAL A 66 -18.43 36.06 -3.20
CA VAL A 66 -18.15 34.92 -4.05
C VAL A 66 -18.32 33.66 -3.21
N PHE A 67 -19.24 32.79 -3.61
CA PHE A 67 -19.52 31.56 -2.89
C PHE A 67 -18.93 30.38 -3.66
N VAL A 68 -18.09 29.59 -2.98
CA VAL A 68 -17.37 28.49 -3.61
C VAL A 68 -17.58 27.23 -2.78
N ASP A 69 -17.70 26.09 -3.45
CA ASP A 69 -17.71 24.79 -2.79
C ASP A 69 -17.39 23.73 -3.84
N LEU A 70 -16.95 22.58 -3.37
CA LEU A 70 -16.71 21.44 -4.25
C LEU A 70 -17.89 20.49 -4.33
N GLU A 71 -18.93 20.71 -3.53
CA GLU A 71 -20.20 20.01 -3.66
C GLU A 71 -21.32 21.05 -3.73
N PRO A 72 -22.37 20.77 -4.50
CA PRO A 72 -23.39 21.80 -4.77
C PRO A 72 -24.56 21.83 -3.80
N THR A 73 -24.61 20.96 -2.80
CA THR A 73 -25.81 20.86 -1.97
C THR A 73 -26.04 22.12 -1.15
N VAL A 74 -25.00 22.59 -0.45
CA VAL A 74 -25.16 23.76 0.41
C VAL A 74 -25.42 25.01 -0.43
N ILE A 75 -24.74 25.14 -1.57
CA ILE A 75 -25.01 26.26 -2.46
C ILE A 75 -26.41 26.16 -3.04
N ASP A 76 -26.87 24.93 -3.33
CA ASP A 76 -28.24 24.75 -3.78
C ASP A 76 -29.24 25.19 -2.73
N GLU A 77 -28.92 24.98 -1.45
CA GLU A 77 -29.72 25.56 -0.39
C GLU A 77 -29.67 27.08 -0.44
N VAL A 78 -28.49 27.64 -0.70
CA VAL A 78 -28.38 29.07 -0.95
C VAL A 78 -29.10 29.44 -2.24
N ARG A 79 -28.95 28.62 -3.29
CA ARG A 79 -29.57 28.89 -4.58
C ARG A 79 -31.09 28.80 -4.56
N THR A 80 -31.69 28.23 -3.50
CA THR A 80 -33.13 28.08 -3.42
C THR A 80 -33.73 28.61 -2.12
N GLY A 81 -32.91 29.15 -1.22
CA GLY A 81 -33.42 29.66 0.03
C GLY A 81 -34.10 31.01 -0.13
N THR A 82 -34.01 31.86 0.90
CA THR A 82 -34.64 33.17 0.85
C THR A 82 -33.78 34.20 0.13
N TYR A 83 -32.53 33.88 -0.20
CA TYR A 83 -31.63 34.81 -0.86
C TYR A 83 -31.26 34.38 -2.28
N ARG A 84 -32.09 33.56 -2.91
CA ARG A 84 -31.78 33.13 -4.28
C ARG A 84 -31.80 34.30 -5.25
N GLN A 85 -32.42 35.41 -4.88
CA GLN A 85 -32.47 36.60 -5.72
C GLN A 85 -31.47 37.67 -5.30
N LEU A 86 -30.82 37.50 -4.14
CA LEU A 86 -29.84 38.49 -3.70
C LEU A 86 -28.57 38.43 -4.53
N PHE A 87 -28.07 37.22 -4.78
CA PHE A 87 -26.81 37.05 -5.48
C PHE A 87 -27.03 37.02 -6.98
N HIS A 88 -26.02 37.48 -7.72
CA HIS A 88 -25.96 37.29 -9.16
C HIS A 88 -25.57 35.84 -9.42
N PRO A 89 -26.34 35.09 -10.21
CA PRO A 89 -26.15 33.63 -10.28
C PRO A 89 -24.76 33.15 -10.67
N GLU A 90 -23.84 34.05 -11.00
CA GLU A 90 -22.52 33.64 -11.44
C GLU A 90 -21.48 33.58 -10.32
N GLN A 91 -21.71 34.28 -9.20
CA GLN A 91 -20.77 34.13 -8.09
C GLN A 91 -20.99 32.85 -7.29
N LEU A 92 -22.12 32.18 -7.47
CA LEU A 92 -22.41 30.93 -6.78
C LEU A 92 -21.74 29.81 -7.54
N ILE A 93 -20.52 29.45 -7.13
CA ILE A 93 -19.70 28.47 -7.83
C ILE A 93 -19.74 27.15 -7.07
N THR A 94 -19.92 26.06 -7.80
CA THR A 94 -19.96 24.72 -7.23
C THR A 94 -19.11 23.78 -8.06
N GLY A 95 -18.69 22.70 -7.43
CA GLY A 95 -18.00 21.60 -8.08
C GLY A 95 -18.94 20.45 -8.40
N LYS A 96 -18.36 19.25 -8.45
CA LYS A 96 -19.14 18.03 -8.66
C LYS A 96 -19.06 17.09 -7.47
N GLU A 97 -17.86 16.80 -6.99
CA GLU A 97 -17.65 15.95 -5.82
C GLU A 97 -16.84 16.71 -4.79
N ASP A 98 -17.25 16.61 -3.53
CA ASP A 98 -16.56 17.33 -2.45
C ASP A 98 -15.15 16.80 -2.26
N ALA A 99 -14.32 17.61 -1.61
CA ALA A 99 -12.95 17.21 -1.33
C ALA A 99 -12.88 16.02 -0.39
N ALA A 100 -13.92 15.79 0.42
CA ALA A 100 -14.03 14.62 1.29
C ALA A 100 -12.87 14.54 2.27
N ASN A 101 -12.71 15.60 3.06
CA ASN A 101 -11.72 15.72 4.12
C ASN A 101 -10.29 15.54 3.62
N ASN A 102 -10.07 15.52 2.31
CA ASN A 102 -8.75 15.30 1.74
C ASN A 102 -8.14 16.65 1.39
N TYR A 103 -7.01 16.96 2.02
CA TYR A 103 -6.33 18.22 1.72
C TYR A 103 -5.81 18.21 0.29
N ALA A 104 -5.27 17.08 -0.16
CA ALA A 104 -4.74 17.00 -1.52
C ALA A 104 -5.84 17.16 -2.56
N ARG A 105 -7.03 16.61 -2.30
CA ARG A 105 -8.13 16.77 -3.24
C ARG A 105 -8.52 18.22 -3.39
N GLY A 106 -8.58 18.96 -2.28
CA GLY A 106 -8.90 20.37 -2.36
C GLY A 106 -7.79 21.18 -3.04
N HIS A 107 -6.54 20.86 -2.73
CA HIS A 107 -5.42 21.66 -3.21
C HIS A 107 -4.98 21.23 -4.61
N TYR A 108 -4.76 19.93 -4.81
CA TYR A 108 -4.07 19.43 -6.00
C TYR A 108 -5.02 18.94 -7.08
N THR A 109 -5.87 17.97 -6.76
CA THR A 109 -6.60 17.23 -7.80
C THR A 109 -7.92 17.89 -8.17
N ILE A 110 -8.83 18.05 -7.21
CA ILE A 110 -10.17 18.54 -7.53
C ILE A 110 -10.20 20.06 -7.62
N GLY A 111 -9.41 20.75 -6.81
CA GLY A 111 -9.51 22.21 -6.75
C GLY A 111 -9.13 22.88 -8.05
N LYS A 112 -8.11 22.35 -8.74
CA LYS A 112 -7.55 23.03 -9.91
C LYS A 112 -8.52 23.11 -11.08
N GLU A 113 -9.62 22.38 -11.04
CA GLU A 113 -10.64 22.45 -12.09
C GLU A 113 -11.67 23.53 -11.85
N ILE A 114 -11.60 24.24 -10.73
CA ILE A 114 -12.58 25.27 -10.39
C ILE A 114 -11.83 26.53 -9.99
N ILE A 115 -10.52 26.39 -9.75
CA ILE A 115 -9.71 27.53 -9.32
C ILE A 115 -9.68 28.60 -10.41
N ASP A 116 -9.63 28.19 -11.67
CA ASP A 116 -9.61 29.16 -12.76
C ASP A 116 -10.89 29.98 -12.77
N LEU A 117 -12.03 29.32 -12.62
CA LEU A 117 -13.31 30.02 -12.62
C LEU A 117 -13.42 30.98 -11.43
N VAL A 118 -12.96 30.55 -10.25
CA VAL A 118 -13.10 31.42 -9.09
C VAL A 118 -12.18 32.63 -9.22
N LEU A 119 -10.96 32.45 -9.74
CA LEU A 119 -10.10 33.61 -9.99
C LEU A 119 -10.71 34.54 -11.03
N ASP A 120 -11.30 33.99 -12.09
CA ASP A 120 -11.92 34.84 -13.10
C ASP A 120 -13.03 35.69 -12.49
N ARG A 121 -13.88 35.06 -11.68
CA ARG A 121 -15.00 35.81 -11.10
C ARG A 121 -14.51 36.83 -10.08
N ILE A 122 -13.50 36.48 -9.27
CA ILE A 122 -13.00 37.43 -8.29
C ILE A 122 -12.32 38.61 -8.96
N ARG A 123 -11.65 38.38 -10.10
CA ARG A 123 -11.06 39.47 -10.85
C ARG A 123 -12.15 40.37 -11.45
N LYS A 124 -13.23 39.76 -11.95
CA LYS A 124 -14.35 40.55 -12.43
C LYS A 124 -14.92 41.42 -11.33
N LEU A 125 -15.06 40.88 -10.13
CA LEU A 125 -15.59 41.66 -9.01
C LEU A 125 -14.62 42.76 -8.59
N ALA A 126 -13.31 42.46 -8.58
CA ALA A 126 -12.33 43.45 -8.18
C ALA A 126 -12.21 44.58 -9.20
N ASP A 127 -12.58 44.31 -10.46
CA ASP A 127 -12.52 45.37 -11.48
C ASP A 127 -13.45 46.52 -11.12
N GLN A 128 -14.65 46.23 -10.63
CA GLN A 128 -15.59 47.29 -10.27
C GLN A 128 -15.13 48.09 -9.06
N CYS A 129 -14.31 47.50 -8.18
CA CYS A 129 -13.85 48.22 -7.02
C CYS A 129 -12.87 49.33 -7.41
N THR A 130 -13.01 50.48 -6.77
CA THR A 130 -12.14 51.62 -7.03
C THR A 130 -11.00 51.75 -6.04
N GLY A 131 -11.24 51.42 -4.77
CA GLY A 131 -10.22 51.52 -3.75
C GLY A 131 -10.20 50.32 -2.84
N LEU A 132 -10.46 49.14 -3.41
CA LEU A 132 -10.53 47.87 -2.67
C LEU A 132 -9.44 47.78 -1.61
N GLN A 133 -9.84 47.44 -0.39
CA GLN A 133 -8.94 47.44 0.75
C GLN A 133 -8.47 46.06 1.20
N GLY A 134 -9.26 45.01 0.96
CA GLY A 134 -8.82 43.70 1.39
C GLY A 134 -9.82 42.62 1.01
N PHE A 135 -9.43 41.39 1.33
CA PHE A 135 -10.25 40.20 1.10
C PHE A 135 -10.67 39.61 2.44
N SER A 136 -11.97 39.40 2.62
CA SER A 136 -12.51 38.77 3.81
C SER A 136 -12.77 37.30 3.47
N VAL A 137 -11.76 36.47 3.68
CA VAL A 137 -11.81 35.05 3.32
C VAL A 137 -12.34 34.26 4.51
N PHE A 138 -13.39 33.47 4.29
CA PHE A 138 -13.97 32.63 5.32
C PHE A 138 -13.77 31.17 4.95
N HIS A 139 -13.12 30.42 5.83
CA HIS A 139 -12.83 29.02 5.57
C HIS A 139 -12.67 28.30 6.91
N SER A 140 -12.24 27.04 6.85
CA SER A 140 -12.09 26.23 8.05
C SER A 140 -10.83 25.37 7.93
N PHE A 141 -10.03 25.36 8.99
CA PHE A 141 -8.76 24.62 9.00
C PHE A 141 -8.95 23.11 8.97
N GLY A 142 -10.13 22.61 9.34
CA GLY A 142 -10.26 21.21 9.66
C GLY A 142 -10.71 20.26 8.57
N GLY A 143 -11.14 20.80 7.43
CA GLY A 143 -11.70 19.98 6.37
C GLY A 143 -10.77 19.84 5.18
N GLY A 144 -11.32 19.26 4.11
CA GLY A 144 -10.59 19.07 2.88
C GLY A 144 -10.65 20.28 1.98
N THR A 145 -11.86 20.76 1.69
CA THR A 145 -12.00 21.98 0.88
C THR A 145 -11.40 23.17 1.61
N GLY A 146 -11.83 23.40 2.85
CA GLY A 146 -11.43 24.58 3.59
C GLY A 146 -9.93 24.68 3.82
N SER A 147 -9.20 23.57 3.71
CA SER A 147 -7.75 23.60 3.76
C SER A 147 -7.13 23.67 2.37
N GLY A 148 -7.38 22.66 1.54
CA GLY A 148 -6.71 22.58 0.26
C GLY A 148 -7.10 23.70 -0.70
N PHE A 149 -8.40 23.88 -0.92
CA PHE A 149 -8.83 24.87 -1.90
C PHE A 149 -8.53 26.28 -1.40
N THR A 150 -8.66 26.49 -0.08
CA THR A 150 -8.30 27.79 0.47
C THR A 150 -6.81 28.06 0.30
N SER A 151 -5.97 27.04 0.49
CA SER A 151 -4.54 27.22 0.27
C SER A 151 -4.24 27.58 -1.17
N LEU A 152 -4.86 26.86 -2.11
CA LEU A 152 -4.64 27.15 -3.52
C LEU A 152 -5.12 28.55 -3.90
N LEU A 153 -6.31 28.93 -3.42
CA LEU A 153 -6.85 30.24 -3.72
C LEU A 153 -6.00 31.35 -3.11
N MET A 154 -5.49 31.14 -1.89
CA MET A 154 -4.65 32.16 -1.26
C MET A 154 -3.33 32.29 -2.02
N GLU A 155 -2.76 31.17 -2.49
CA GLU A 155 -1.58 31.25 -3.33
C GLU A 155 -1.84 32.08 -4.57
N ARG A 156 -2.94 31.78 -5.27
CA ARG A 156 -3.26 32.52 -6.49
C ARG A 156 -3.49 34.00 -6.20
N LEU A 157 -4.18 34.31 -5.11
CA LEU A 157 -4.46 35.71 -4.77
C LEU A 157 -3.19 36.46 -4.42
N SER A 158 -2.31 35.85 -3.61
CA SER A 158 -1.05 36.49 -3.27
C SER A 158 -0.17 36.68 -4.49
N VAL A 159 -0.28 35.79 -5.47
CA VAL A 159 0.45 36.00 -6.72
C VAL A 159 -0.14 37.17 -7.49
N ASP A 160 -1.47 37.22 -7.59
CA ASP A 160 -2.13 38.22 -8.42
C ASP A 160 -2.45 39.53 -7.70
N TYR A 161 -2.57 39.50 -6.38
CA TYR A 161 -2.96 40.66 -5.59
C TYR A 161 -2.04 40.83 -4.39
N GLY A 162 -0.73 40.79 -4.65
CA GLY A 162 0.27 40.75 -3.59
C GLY A 162 0.29 41.98 -2.69
N LYS A 163 -0.35 43.07 -3.09
CA LYS A 163 -0.32 44.29 -2.28
C LYS A 163 -1.53 44.40 -1.34
N LYS A 164 -2.72 44.08 -1.83
CA LYS A 164 -3.92 44.22 -1.02
C LYS A 164 -3.91 43.23 0.14
N SER A 165 -4.46 43.67 1.28
CA SER A 165 -4.51 42.83 2.47
C SER A 165 -5.50 41.69 2.27
N LYS A 166 -5.29 40.61 3.04
CA LYS A 166 -6.15 39.44 2.97
C LYS A 166 -6.42 38.97 4.39
N LEU A 167 -7.69 38.99 4.79
CA LEU A 167 -8.10 38.63 6.15
C LEU A 167 -8.84 37.30 6.11
N GLU A 168 -8.36 36.33 6.88
CA GLU A 168 -8.98 35.02 6.98
C GLU A 168 -9.74 34.92 8.30
N PHE A 169 -11.00 34.54 8.23
CA PHE A 169 -11.83 34.32 9.42
C PHE A 169 -12.12 32.83 9.49
N SER A 170 -11.19 32.08 10.09
CA SER A 170 -11.19 30.64 10.01
C SER A 170 -11.90 30.00 11.19
N ILE A 171 -12.06 28.68 11.11
CA ILE A 171 -12.67 27.87 12.16
C ILE A 171 -11.65 26.83 12.58
N TYR A 172 -10.86 27.14 13.57
CA TYR A 172 -9.82 26.19 13.99
C TYR A 172 -10.44 24.97 14.66
N PRO A 173 -9.86 23.79 14.47
CA PRO A 173 -10.40 22.60 15.14
C PRO A 173 -10.31 22.71 16.65
N ALA A 174 -11.32 22.17 17.31
CA ALA A 174 -11.39 22.20 18.76
C ALA A 174 -10.46 21.15 19.37
N PRO A 175 -9.97 21.37 20.60
CA PRO A 175 -9.10 20.38 21.23
C PRO A 175 -9.77 19.03 21.47
N GLN A 176 -11.08 19.01 21.70
CA GLN A 176 -11.73 17.76 22.09
C GLN A 176 -12.92 17.37 21.22
N VAL A 177 -13.70 18.33 20.74
CA VAL A 177 -14.99 18.02 20.13
C VAL A 177 -14.90 18.04 18.61
N SER A 178 -13.69 17.81 18.08
CA SER A 178 -13.50 17.79 16.63
C SER A 178 -14.37 16.71 15.98
N THR A 179 -14.80 16.99 14.74
CA THR A 179 -15.72 16.11 14.04
C THR A 179 -15.08 15.52 12.79
N ALA A 180 -13.82 15.09 12.89
CA ALA A 180 -13.15 14.51 11.74
C ALA A 180 -11.94 13.73 12.20
N VAL A 181 -11.79 12.51 11.68
CA VAL A 181 -10.68 11.66 12.07
C VAL A 181 -9.36 12.18 11.51
N VAL A 182 -9.38 12.77 10.32
CA VAL A 182 -8.18 13.28 9.68
C VAL A 182 -8.04 14.79 9.85
N GLU A 183 -8.75 15.37 10.81
CA GLU A 183 -8.70 16.82 10.99
C GLU A 183 -7.32 17.37 11.34
N PRO A 184 -6.55 16.76 12.26
CA PRO A 184 -5.20 17.31 12.51
C PRO A 184 -4.32 17.36 11.29
N TYR A 185 -4.44 16.38 10.40
CA TYR A 185 -3.60 16.37 9.19
C TYR A 185 -3.86 17.59 8.34
N ASN A 186 -5.12 17.86 8.00
CA ASN A 186 -5.45 19.00 7.17
C ASN A 186 -5.11 20.31 7.89
N SER A 187 -5.37 20.37 9.20
CA SER A 187 -5.11 21.59 9.94
C SER A 187 -3.61 21.91 9.96
N ILE A 188 -2.76 20.89 10.10
CA ILE A 188 -1.32 21.12 10.03
C ILE A 188 -0.89 21.48 8.60
N LEU A 189 -1.53 20.86 7.60
CA LEU A 189 -1.11 21.12 6.22
C LEU A 189 -1.44 22.54 5.77
N THR A 190 -2.53 23.13 6.27
CA THR A 190 -2.91 24.46 5.81
C THR A 190 -2.13 25.59 6.49
N THR A 191 -1.22 25.27 7.40
CA THR A 191 -0.49 26.31 8.13
C THR A 191 0.48 27.05 7.22
N HIS A 192 1.14 26.33 6.30
CA HIS A 192 2.12 26.99 5.42
C HIS A 192 1.45 28.04 4.54
N THR A 193 0.18 27.88 4.24
CA THR A 193 -0.55 28.84 3.41
C THR A 193 -1.39 29.81 4.21
N THR A 194 -1.63 29.55 5.49
CA THR A 194 -2.22 30.57 6.34
C THR A 194 -1.16 31.41 7.05
N LEU A 195 0.12 31.09 6.86
CA LEU A 195 1.20 31.80 7.53
C LEU A 195 1.74 32.97 6.71
N GLU A 196 2.17 32.72 5.48
CA GLU A 196 2.84 33.74 4.66
C GLU A 196 1.89 34.51 3.77
N HIS A 197 0.84 33.87 3.25
CA HIS A 197 -0.07 34.51 2.31
C HIS A 197 -1.28 35.12 2.99
N SER A 198 -1.14 35.59 4.22
CA SER A 198 -2.25 36.16 4.97
C SER A 198 -1.79 37.45 5.64
N ASP A 199 -2.76 38.20 6.16
CA ASP A 199 -2.48 39.43 6.88
C ASP A 199 -2.91 39.35 8.34
N CYS A 200 -4.16 38.99 8.60
CA CYS A 200 -4.66 38.88 9.98
C CYS A 200 -5.72 37.80 10.02
N ALA A 201 -5.31 36.58 10.39
CA ALA A 201 -6.23 35.44 10.48
C ALA A 201 -6.78 35.37 11.89
N PHE A 202 -8.06 35.67 12.06
CA PHE A 202 -8.72 35.63 13.36
C PHE A 202 -9.22 34.22 13.63
N MET A 203 -8.57 33.52 14.55
CA MET A 203 -8.93 32.16 14.86
C MET A 203 -10.27 32.10 15.58
N VAL A 204 -11.01 31.02 15.33
CA VAL A 204 -12.27 30.74 16.00
C VAL A 204 -12.35 29.25 16.27
N ASP A 205 -12.79 28.89 17.48
CA ASP A 205 -13.00 27.49 17.85
C ASP A 205 -14.48 27.26 18.10
N ASN A 206 -14.96 26.09 17.70
CA ASN A 206 -16.37 25.75 17.91
C ASN A 206 -16.67 25.56 19.39
N GLU A 207 -15.74 24.96 20.14
CA GLU A 207 -15.98 24.67 21.54
C GLU A 207 -16.15 25.95 22.36
N ALA A 208 -15.32 26.96 22.08
CA ALA A 208 -15.41 28.20 22.85
C ALA A 208 -16.74 28.90 22.62
N ILE A 209 -17.22 28.93 21.37
CA ILE A 209 -18.51 29.57 21.11
C ILE A 209 -19.64 28.72 21.68
N TYR A 210 -19.50 27.41 21.70
CA TYR A 210 -20.48 26.57 22.40
C TYR A 210 -20.57 26.96 23.87
N ASP A 211 -19.41 27.11 24.51
CA ASP A 211 -19.39 27.50 25.92
C ASP A 211 -19.98 28.89 26.14
N ILE A 212 -19.67 29.82 25.23
CA ILE A 212 -20.22 31.17 25.34
C ILE A 212 -21.73 31.15 25.20
N CYS A 213 -22.25 30.37 24.25
CA CYS A 213 -23.70 30.25 24.10
C CYS A 213 -24.33 29.62 25.33
N ARG A 214 -23.65 28.64 25.94
CA ARG A 214 -24.20 28.00 27.12
C ARG A 214 -24.20 28.93 28.34
N ARG A 215 -23.19 29.78 28.47
CA ARG A 215 -23.05 30.60 29.67
C ARG A 215 -23.71 31.97 29.51
N ASN A 216 -23.23 32.77 28.57
CA ASN A 216 -23.70 34.15 28.45
C ASN A 216 -25.08 34.23 27.81
N LEU A 217 -25.34 33.41 26.80
CA LEU A 217 -26.58 33.50 26.05
C LEU A 217 -27.69 32.62 26.65
N ASP A 218 -27.35 31.77 27.61
CA ASP A 218 -28.33 30.93 28.32
C ASP A 218 -29.13 30.07 27.34
N ILE A 219 -28.42 29.35 26.47
CA ILE A 219 -29.02 28.35 25.59
C ILE A 219 -28.11 27.13 25.59
N GLU A 220 -28.72 25.95 25.74
CA GLU A 220 -27.97 24.69 25.79
C GLU A 220 -28.20 23.83 24.55
N ARG A 221 -28.83 24.37 23.50
CA ARG A 221 -29.00 23.68 22.23
C ARG A 221 -28.56 24.59 21.10
N PRO A 222 -27.25 24.88 21.00
CA PRO A 222 -26.76 25.77 19.94
C PRO A 222 -26.51 25.00 18.65
N THR A 223 -27.24 25.35 17.60
CA THR A 223 -26.94 24.84 16.28
C THR A 223 -25.80 25.66 15.66
N TYR A 224 -25.44 25.34 14.42
CA TYR A 224 -24.40 26.11 13.75
C TYR A 224 -24.86 27.53 13.44
N THR A 225 -26.17 27.76 13.40
CA THR A 225 -26.70 29.08 13.03
C THR A 225 -26.27 30.13 14.05
N ASN A 226 -26.30 29.80 15.34
CA ASN A 226 -25.93 30.79 16.36
C ASN A 226 -24.47 31.18 16.25
N LEU A 227 -23.59 30.18 16.07
CA LEU A 227 -22.17 30.47 15.92
C LEU A 227 -21.92 31.33 14.68
N ASN A 228 -22.58 30.98 13.57
CA ASN A 228 -22.41 31.78 12.35
C ASN A 228 -22.91 33.20 12.55
N ARG A 229 -24.03 33.37 13.26
CA ARG A 229 -24.55 34.72 13.53
C ARG A 229 -23.57 35.52 14.37
N LEU A 230 -22.98 34.90 15.39
CA LEU A 230 -22.07 35.63 16.26
C LEU A 230 -20.80 36.02 15.50
N ILE A 231 -20.29 35.11 14.67
CA ILE A 231 -19.11 35.43 13.85
C ILE A 231 -19.42 36.54 12.87
N GLY A 232 -20.63 36.52 12.30
CA GLY A 232 -21.05 37.62 11.46
C GLY A 232 -21.09 38.94 12.21
N GLN A 233 -21.55 38.91 13.46
CA GLN A 233 -21.55 40.11 14.29
C GLN A 233 -20.13 40.63 14.48
N ILE A 234 -19.18 39.74 14.75
CA ILE A 234 -17.80 40.17 14.96
C ILE A 234 -17.22 40.79 13.69
N VAL A 235 -17.42 40.13 12.55
CA VAL A 235 -16.84 40.66 11.31
C VAL A 235 -17.51 41.97 10.92
N SER A 236 -18.82 42.11 11.17
CA SER A 236 -19.48 43.38 10.91
C SER A 236 -18.95 44.47 11.83
N SER A 237 -18.66 44.15 13.09
CA SER A 237 -18.07 45.13 13.98
C SER A 237 -16.69 45.56 13.50
N ILE A 238 -15.92 44.61 12.96
CA ILE A 238 -14.62 44.94 12.41
C ILE A 238 -14.76 45.88 11.21
N THR A 239 -15.68 45.57 10.31
CA THR A 239 -15.82 46.32 9.07
C THR A 239 -16.68 47.57 9.20
N ALA A 240 -17.25 47.82 10.38
CA ALA A 240 -18.10 49.00 10.56
C ALA A 240 -17.36 50.31 10.40
N SER A 241 -16.03 50.30 10.55
CA SER A 241 -15.27 51.54 10.43
C SER A 241 -15.29 52.10 9.01
N LEU A 242 -15.52 51.26 8.00
CA LEU A 242 -15.55 51.70 6.62
C LEU A 242 -16.94 52.10 6.14
N ARG A 243 -17.98 51.83 6.93
CA ARG A 243 -19.35 52.07 6.49
C ARG A 243 -20.03 53.25 7.15
N PHE A 244 -19.65 53.60 8.38
CA PHE A 244 -20.28 54.69 9.11
C PHE A 244 -19.22 55.54 9.77
N ASP A 245 -19.54 56.82 9.97
CA ASP A 245 -18.61 57.74 10.59
C ASP A 245 -18.64 57.60 12.11
N GLY A 246 -17.60 58.15 12.75
CA GLY A 246 -17.48 58.07 14.19
C GLY A 246 -16.34 58.92 14.69
N ALA A 247 -16.16 58.91 16.00
CA ALA A 247 -15.10 59.71 16.61
C ALA A 247 -13.72 59.26 16.15
N LEU A 248 -13.49 57.95 16.12
CA LEU A 248 -12.23 57.39 15.65
C LEU A 248 -12.54 56.22 14.72
N ASN A 249 -11.96 56.26 13.52
CA ASN A 249 -12.15 55.20 12.54
C ASN A 249 -10.80 54.63 12.15
N VAL A 250 -10.70 53.30 12.13
CA VAL A 250 -9.47 52.61 11.76
C VAL A 250 -9.78 51.69 10.59
N ASP A 251 -9.05 51.87 9.48
CA ASP A 251 -9.17 50.99 8.34
C ASP A 251 -8.20 49.82 8.48
N LEU A 252 -8.20 48.93 7.49
CA LEU A 252 -7.44 47.70 7.60
C LEU A 252 -5.93 47.96 7.70
N THR A 253 -5.42 48.95 6.98
CA THR A 253 -3.98 49.20 6.99
C THR A 253 -3.51 49.67 8.37
N GLU A 254 -4.18 50.69 8.93
CA GLU A 254 -3.83 51.13 10.27
C GLU A 254 -4.17 50.07 11.30
N PHE A 255 -5.19 49.26 11.03
CA PHE A 255 -5.51 48.13 11.90
C PHE A 255 -4.33 47.16 12.01
N GLN A 256 -3.74 46.81 10.86
CA GLN A 256 -2.56 45.94 10.87
C GLN A 256 -1.37 46.63 11.54
N THR A 257 -1.14 47.91 11.20
CA THR A 257 -0.04 48.64 11.79
C THR A 257 -0.17 48.76 13.30
N ASN A 258 -1.40 48.68 13.82
CA ASN A 258 -1.62 48.71 15.26
C ASN A 258 -1.47 47.34 15.90
N LEU A 259 -2.01 46.29 15.27
CA LEU A 259 -1.99 44.97 15.88
C LEU A 259 -0.65 44.26 15.68
N VAL A 260 -0.27 44.02 14.43
CA VAL A 260 0.82 43.11 14.10
C VAL A 260 2.17 43.78 14.37
N PRO A 261 2.97 43.26 15.31
CA PRO A 261 4.29 43.86 15.55
C PRO A 261 5.40 43.27 14.70
N TYR A 262 5.26 42.01 14.30
CA TYR A 262 6.27 41.30 13.55
C TYR A 262 5.63 40.56 12.38
N PRO A 263 6.37 40.36 11.29
CA PRO A 263 5.73 39.80 10.09
C PRO A 263 5.07 38.45 10.30
N ARG A 264 5.65 37.58 11.13
CA ARG A 264 5.10 36.25 11.34
C ARG A 264 4.15 36.18 12.55
N ALA A 265 4.05 37.24 13.34
CA ALA A 265 3.15 37.24 14.49
C ALA A 265 1.84 37.95 14.12
N HIS A 266 1.08 37.32 13.23
CA HIS A 266 -0.14 37.93 12.73
C HIS A 266 -1.36 37.05 12.95
N PHE A 267 -1.53 36.51 14.16
CA PHE A 267 -2.65 35.65 14.51
C PHE A 267 -3.39 36.27 15.69
N PRO A 268 -4.23 37.27 15.46
CA PRO A 268 -4.96 37.91 16.56
C PRO A 268 -5.99 36.95 17.16
N LEU A 269 -6.52 37.38 18.30
CA LEU A 269 -7.51 36.62 19.06
C LEU A 269 -8.73 37.50 19.26
N ALA A 270 -9.90 36.98 18.91
CA ALA A 270 -11.12 37.76 18.83
C ALA A 270 -11.95 37.63 20.10
N THR A 271 -12.76 38.66 20.36
CA THR A 271 -13.74 38.64 21.45
C THR A 271 -14.80 39.67 21.14
N TYR A 272 -16.02 39.41 21.58
CA TYR A 272 -17.13 40.33 21.37
C TYR A 272 -17.86 40.55 22.69
N ALA A 273 -18.48 41.72 22.83
CA ALA A 273 -19.26 42.02 24.01
C ALA A 273 -20.27 43.10 23.66
N PRO A 274 -21.42 43.15 24.34
CA PRO A 274 -21.90 42.19 25.34
C PRO A 274 -22.75 41.10 24.71
N VAL A 275 -22.27 39.85 24.72
CA VAL A 275 -23.08 38.75 24.24
C VAL A 275 -24.06 38.37 25.34
N ILE A 276 -25.23 39.00 25.32
CA ILE A 276 -26.18 38.89 26.42
C ILE A 276 -27.54 38.48 25.86
N SER A 277 -28.33 37.83 26.72
CA SER A 277 -29.68 37.42 26.33
C SER A 277 -30.64 38.59 26.50
N ALA A 278 -31.93 38.33 26.42
CA ALA A 278 -32.92 39.40 26.51
C ALA A 278 -33.16 39.84 27.95
N GLU A 279 -33.53 38.90 28.82
CA GLU A 279 -33.87 39.25 30.20
C GLU A 279 -32.68 39.85 30.92
N LYS A 280 -31.49 39.28 30.73
CA LYS A 280 -30.29 39.85 31.32
C LYS A 280 -30.05 41.26 30.82
N ALA A 281 -30.28 41.50 29.52
CA ALA A 281 -30.12 42.84 28.98
C ALA A 281 -31.08 43.82 29.63
N TYR A 282 -32.36 43.43 29.79
CA TYR A 282 -33.32 44.33 30.41
C TYR A 282 -32.93 44.62 31.86
N HIS A 283 -32.51 43.61 32.60
CA HIS A 283 -32.17 43.84 34.01
C HIS A 283 -30.83 44.53 34.19
N GLU A 284 -29.86 44.25 33.32
CA GLU A 284 -28.56 44.89 33.46
C GLU A 284 -28.56 46.30 32.88
N GLN A 285 -27.58 47.09 33.31
CA GLN A 285 -27.36 48.45 32.82
C GLN A 285 -25.91 48.49 32.31
N LEU A 286 -25.76 48.37 30.99
CA LEU A 286 -24.44 48.18 30.41
C LEU A 286 -23.59 49.45 30.56
N SER A 287 -22.34 49.25 30.96
CA SER A 287 -21.39 50.35 31.12
C SER A 287 -20.11 50.02 30.38
N VAL A 288 -19.39 51.07 29.98
CA VAL A 288 -18.19 50.88 29.16
C VAL A 288 -17.13 50.11 29.93
N ALA A 289 -17.00 50.39 31.23
CA ALA A 289 -15.99 49.70 32.03
C ALA A 289 -16.24 48.20 32.07
N GLU A 290 -17.50 47.79 32.26
CA GLU A 290 -17.77 46.36 32.40
C GLU A 290 -17.70 45.62 31.08
N ILE A 291 -18.13 46.24 29.96
CA ILE A 291 -17.97 45.58 28.68
C ILE A 291 -16.49 45.49 28.31
N THR A 292 -15.72 46.54 28.61
CA THR A 292 -14.28 46.49 28.36
C THR A 292 -13.62 45.39 29.18
N ASN A 293 -14.02 45.24 30.44
CA ASN A 293 -13.48 44.17 31.27
C ASN A 293 -13.91 42.80 30.77
N ALA A 294 -15.17 42.67 30.32
CA ALA A 294 -15.65 41.40 29.79
C ALA A 294 -14.91 41.02 28.51
N CYS A 295 -14.43 42.02 27.77
CA CYS A 295 -13.58 41.71 26.61
C CYS A 295 -12.31 40.98 27.04
N PHE A 296 -11.83 41.22 28.26
CA PHE A 296 -10.64 40.56 28.77
C PHE A 296 -10.97 39.30 29.58
N GLU A 297 -12.23 38.93 29.68
CA GLU A 297 -12.61 37.77 30.48
C GLU A 297 -12.15 36.50 29.78
N PRO A 298 -11.32 35.68 30.41
CA PRO A 298 -10.73 34.53 29.70
C PRO A 298 -11.74 33.54 29.16
N ALA A 299 -12.86 33.33 29.84
CA ALA A 299 -13.89 32.43 29.33
C ALA A 299 -14.69 33.05 28.19
N ASN A 300 -14.50 34.34 27.91
CA ASN A 300 -15.18 35.01 26.81
C ASN A 300 -14.40 34.95 25.51
N GLN A 301 -13.18 34.40 25.52
CA GLN A 301 -12.39 34.32 24.31
C GLN A 301 -12.96 33.27 23.35
N MET A 302 -12.54 33.36 22.09
CA MET A 302 -13.03 32.45 21.06
C MET A 302 -12.14 31.25 20.79
N VAL A 303 -10.98 31.18 21.43
CA VAL A 303 -10.10 30.03 21.30
C VAL A 303 -9.90 29.42 22.68
N LYS A 304 -9.96 28.10 22.76
CA LYS A 304 -9.91 27.43 24.06
C LYS A 304 -8.50 27.50 24.64
N CYS A 305 -8.06 28.72 24.96
CA CYS A 305 -6.79 28.97 25.62
C CYS A 305 -7.00 30.04 26.68
N ASP A 306 -6.22 29.96 27.75
CA ASP A 306 -6.35 30.89 28.86
C ASP A 306 -5.36 32.02 28.70
N PRO A 307 -5.81 33.27 28.52
CA PRO A 307 -4.86 34.37 28.31
C PRO A 307 -3.94 34.64 29.49
N ARG A 308 -4.27 34.14 30.69
CA ARG A 308 -3.37 34.35 31.82
C ARG A 308 -2.00 33.74 31.59
N HIS A 309 -1.92 32.65 30.83
CA HIS A 309 -0.64 32.02 30.56
C HIS A 309 0.18 32.76 29.52
N GLY A 310 -0.37 33.80 28.90
CA GLY A 310 0.35 34.55 27.89
C GLY A 310 0.35 36.03 28.19
N LYS A 311 1.22 36.73 27.47
CA LYS A 311 1.37 38.17 27.61
C LYS A 311 0.76 38.86 26.39
N TYR A 312 -0.14 39.82 26.63
CA TYR A 312 -0.76 40.53 25.53
C TYR A 312 0.27 41.36 24.77
N MET A 313 0.36 41.14 23.46
CA MET A 313 1.25 41.92 22.61
C MET A 313 0.65 43.27 22.26
N ALA A 314 -0.55 43.25 21.67
CA ALA A 314 -1.23 44.47 21.29
C ALA A 314 -2.73 44.23 21.34
N CYS A 315 -3.49 45.30 21.48
CA CYS A 315 -4.93 45.18 21.61
C CYS A 315 -5.60 46.33 20.87
N CYS A 316 -6.70 46.03 20.18
CA CYS A 316 -7.51 47.06 19.57
C CYS A 316 -8.97 46.85 19.94
N LEU A 317 -9.64 47.95 20.26
CA LEU A 317 -11.02 47.94 20.73
C LEU A 317 -11.87 48.77 19.79
N LEU A 318 -12.90 48.16 19.22
CA LEU A 318 -13.84 48.81 18.32
C LEU A 318 -15.16 48.97 19.07
N TYR A 319 -15.42 50.19 19.53
CA TYR A 319 -16.63 50.50 20.30
C TYR A 319 -17.74 50.90 19.32
N ARG A 320 -18.71 50.01 19.15
CA ARG A 320 -19.85 50.23 18.29
C ARG A 320 -20.98 50.85 19.12
N GLY A 321 -21.64 51.87 18.55
CA GLY A 321 -22.65 52.58 19.30
C GLY A 321 -22.09 53.84 19.94
N ASP A 322 -22.97 54.56 20.62
CA ASP A 322 -22.62 55.85 21.20
C ASP A 322 -21.73 55.68 22.44
N VAL A 323 -20.45 55.98 22.29
CA VAL A 323 -19.49 55.93 23.38
C VAL A 323 -18.64 57.19 23.35
N VAL A 324 -18.34 57.74 24.52
CA VAL A 324 -17.54 58.96 24.65
C VAL A 324 -16.09 58.56 24.85
N PRO A 325 -15.14 59.17 24.13
CA PRO A 325 -13.74 58.73 24.22
C PRO A 325 -13.14 58.80 25.63
N LYS A 326 -13.56 59.74 26.47
CA LYS A 326 -13.01 59.83 27.82
C LYS A 326 -13.35 58.58 28.62
N ASP A 327 -14.55 58.05 28.45
CA ASP A 327 -14.91 56.79 29.11
C ASP A 327 -14.03 55.65 28.61
N VAL A 328 -13.72 55.64 27.32
CA VAL A 328 -12.82 54.62 26.77
C VAL A 328 -11.45 54.73 27.39
N ASN A 329 -10.93 55.95 27.54
CA ASN A 329 -9.62 56.14 28.15
C ASN A 329 -9.64 55.69 29.61
N ALA A 330 -10.73 55.98 30.33
CA ALA A 330 -10.85 55.53 31.70
C ALA A 330 -10.85 54.01 31.78
N ALA A 331 -11.57 53.34 30.87
CA ALA A 331 -11.57 51.89 30.85
C ALA A 331 -10.19 51.34 30.54
N ILE A 332 -9.46 51.97 29.62
CA ILE A 332 -8.11 51.55 29.30
C ILE A 332 -7.21 51.67 30.52
N ALA A 333 -7.31 52.78 31.24
CA ALA A 333 -6.52 52.96 32.46
C ALA A 333 -6.88 51.91 33.50
N THR A 334 -8.17 51.61 33.66
CA THR A 334 -8.59 50.59 34.60
C THR A 334 -8.00 49.23 34.24
N ILE A 335 -8.03 48.88 32.95
CA ILE A 335 -7.47 47.60 32.52
C ILE A 335 -5.96 47.56 32.78
N LYS A 336 -5.26 48.65 32.48
CA LYS A 336 -3.83 48.69 32.70
C LYS A 336 -3.49 48.56 34.19
N THR A 337 -4.31 49.16 35.05
CA THR A 337 -4.07 49.04 36.48
C THR A 337 -4.24 47.59 36.96
N LYS A 338 -5.17 46.86 36.35
CA LYS A 338 -5.39 45.47 36.73
C LYS A 338 -4.15 44.64 36.43
N ARG A 339 -3.78 43.79 37.37
CA ARG A 339 -2.58 42.97 37.24
C ARG A 339 -2.82 41.61 36.59
N THR A 340 -4.09 41.23 36.39
CA THR A 340 -4.36 39.99 35.68
C THR A 340 -4.03 40.11 34.19
N ILE A 341 -4.30 41.27 33.61
CA ILE A 341 -3.91 41.54 32.23
C ILE A 341 -2.47 42.01 32.23
N GLN A 342 -1.58 41.18 31.70
CA GLN A 342 -0.14 41.47 31.68
C GLN A 342 0.29 41.70 30.24
N PHE A 343 0.86 42.87 29.97
CA PHE A 343 1.37 43.19 28.66
C PHE A 343 2.86 42.90 28.57
N VAL A 344 3.44 43.21 27.42
CA VAL A 344 4.86 42.99 27.18
C VAL A 344 5.61 44.28 27.42
N ASP A 345 6.88 44.16 27.81
CA ASP A 345 7.66 45.33 28.20
C ASP A 345 7.88 46.29 27.04
N TRP A 346 8.20 45.76 25.86
CA TRP A 346 8.54 46.62 24.74
C TRP A 346 7.33 47.25 24.05
N CYS A 347 6.13 47.12 24.62
CA CYS A 347 4.92 47.72 24.07
C CYS A 347 4.19 48.48 25.16
N PRO A 348 4.66 49.71 25.48
CA PRO A 348 3.99 50.49 26.52
C PRO A 348 2.55 50.83 26.18
N THR A 349 2.33 51.46 25.03
CA THR A 349 0.99 51.83 24.58
C THR A 349 0.44 50.65 23.79
N GLY A 350 -0.39 49.83 24.44
CA GLY A 350 -0.86 48.61 23.81
C GLY A 350 -2.29 48.65 23.31
N PHE A 351 -3.02 49.73 23.57
CA PHE A 351 -4.43 49.82 23.25
C PHE A 351 -4.65 50.84 22.14
N LYS A 352 -5.23 50.38 21.03
CA LYS A 352 -5.65 51.24 19.93
C LYS A 352 -7.17 51.16 19.81
N VAL A 353 -7.81 52.31 19.76
CA VAL A 353 -9.26 52.41 19.94
C VAL A 353 -9.90 53.08 18.73
N GLY A 354 -10.97 52.48 18.24
CA GLY A 354 -11.82 53.14 17.25
C GLY A 354 -13.26 53.03 17.67
N ILE A 355 -14.04 54.06 17.32
CA ILE A 355 -15.43 54.18 17.75
C ILE A 355 -16.30 54.46 16.53
N ASN A 356 -17.40 53.71 16.42
CA ASN A 356 -18.37 53.89 15.35
C ASN A 356 -19.72 54.24 15.95
N TYR A 357 -20.47 55.08 15.23
CA TYR A 357 -21.70 55.67 15.75
C TYR A 357 -22.96 54.87 15.47
N GLU A 358 -22.87 53.73 14.80
CA GLU A 358 -24.05 52.95 14.47
C GLU A 358 -24.16 51.73 15.38
N PRO A 359 -25.15 51.66 16.26
CA PRO A 359 -25.23 50.54 17.21
C PRO A 359 -25.53 49.24 16.50
N PRO A 360 -25.26 48.10 17.13
CA PRO A 360 -25.49 46.81 16.46
C PRO A 360 -26.97 46.60 16.14
N THR A 361 -27.21 45.90 15.04
CA THR A 361 -28.57 45.56 14.65
C THR A 361 -29.00 44.26 15.32
N VAL A 362 -30.31 44.01 15.27
CA VAL A 362 -30.90 42.80 15.82
C VAL A 362 -31.57 42.03 14.68
N VAL A 363 -31.15 40.79 14.48
CA VAL A 363 -31.79 39.96 13.45
C VAL A 363 -33.08 39.39 14.00
N PRO A 364 -34.21 39.56 13.32
CA PRO A 364 -35.47 38.97 13.81
C PRO A 364 -35.34 37.46 13.98
N GLY A 365 -35.89 36.96 15.08
CA GLY A 365 -35.71 35.56 15.42
C GLY A 365 -34.35 35.23 15.97
N GLY A 366 -33.53 36.23 16.28
CA GLY A 366 -32.19 36.00 16.78
C GLY A 366 -32.17 35.78 18.28
N ASP A 367 -30.96 35.82 18.82
CA ASP A 367 -30.74 35.55 20.24
C ASP A 367 -30.09 36.71 20.98
N LEU A 368 -29.55 37.70 20.29
CA LEU A 368 -28.90 38.85 20.92
C LEU A 368 -29.87 40.01 21.00
N ALA A 369 -30.10 40.50 22.21
CA ALA A 369 -31.05 41.58 22.43
C ALA A 369 -30.47 42.91 21.96
N LYS A 370 -31.34 43.90 21.83
CA LYS A 370 -30.92 45.23 21.42
C LYS A 370 -30.11 45.89 22.53
N VAL A 371 -28.85 46.21 22.22
CA VAL A 371 -27.97 46.92 23.14
C VAL A 371 -27.59 48.25 22.50
N GLN A 372 -27.69 49.33 23.28
CA GLN A 372 -27.35 50.64 22.76
C GLN A 372 -25.87 50.77 22.43
N ARG A 373 -25.03 49.86 22.96
CA ARG A 373 -23.59 49.91 22.74
C ARG A 373 -23.04 48.49 22.74
N ALA A 374 -21.86 48.35 22.15
CA ALA A 374 -21.14 47.08 22.11
C ALA A 374 -19.67 47.38 21.85
N VAL A 375 -18.84 46.36 21.99
CA VAL A 375 -17.40 46.53 21.81
C VAL A 375 -16.81 45.22 21.33
N CYS A 376 -15.95 45.30 20.32
CA CYS A 376 -15.24 44.16 19.76
C CYS A 376 -13.76 44.29 20.10
N MET A 377 -13.20 43.26 20.72
CA MET A 377 -11.82 43.23 21.15
C MET A 377 -11.03 42.32 20.21
N LEU A 378 -9.87 42.80 19.76
CA LEU A 378 -8.96 41.98 18.95
C LEU A 378 -7.58 42.13 19.54
N SER A 379 -7.06 41.06 20.14
CA SER A 379 -5.82 41.11 20.90
C SER A 379 -4.82 40.11 20.34
N ASN A 380 -3.67 40.61 19.90
CA ASN A 380 -2.54 39.77 19.57
C ASN A 380 -1.80 39.46 20.86
N THR A 381 -1.65 38.17 21.17
CA THR A 381 -1.07 37.73 22.43
C THR A 381 -0.37 36.39 22.22
N THR A 382 0.48 36.04 23.19
CA THR A 382 1.22 34.78 23.13
C THR A 382 0.40 33.58 23.57
N ALA A 383 -0.74 33.79 24.25
CA ALA A 383 -1.52 32.68 24.76
C ALA A 383 -2.00 31.77 23.65
N ILE A 384 -2.22 32.33 22.45
CA ILE A 384 -2.66 31.52 21.32
C ILE A 384 -1.66 30.42 20.99
N ALA A 385 -0.40 30.59 21.39
CA ALA A 385 0.59 29.53 21.17
C ALA A 385 0.14 28.22 21.80
N GLU A 386 -0.51 28.29 22.95
CA GLU A 386 -0.95 27.08 23.64
C GLU A 386 -1.90 26.28 22.77
N ALA A 387 -2.60 26.92 21.84
CA ALA A 387 -3.44 26.18 20.91
C ALA A 387 -2.60 25.32 19.98
N TRP A 388 -1.57 25.91 19.35
CA TRP A 388 -0.79 25.20 18.34
C TRP A 388 -0.30 23.86 18.86
N ALA A 389 0.36 23.88 20.03
CA ALA A 389 0.96 22.67 20.56
C ALA A 389 -0.04 21.54 20.66
N ARG A 390 -1.30 21.84 20.97
CA ARG A 390 -2.30 20.78 21.09
C ARG A 390 -2.38 19.96 19.80
N LEU A 391 -2.53 20.64 18.66
CA LEU A 391 -2.54 19.91 17.40
C LEU A 391 -1.20 19.25 17.14
N ASP A 392 -0.11 19.88 17.56
CA ASP A 392 1.20 19.27 17.41
C ASP A 392 1.29 17.92 18.12
N HIS A 393 0.42 17.70 19.11
CA HIS A 393 0.31 16.36 19.68
C HIS A 393 -0.54 15.47 18.78
N LYS A 394 -1.75 15.93 18.44
CA LYS A 394 -2.68 15.08 17.70
C LYS A 394 -2.18 14.74 16.31
N PHE A 395 -1.32 15.59 15.74
CA PHE A 395 -0.63 15.23 14.51
C PHE A 395 0.34 14.08 14.75
N ASP A 396 1.20 14.24 15.76
CA ASP A 396 2.30 13.30 15.96
C ASP A 396 1.79 11.88 16.16
N LEU A 397 0.80 11.72 17.04
CA LEU A 397 0.27 10.39 17.35
C LEU A 397 -0.24 9.67 16.11
N MET A 398 -0.56 10.41 15.04
CA MET A 398 -0.89 9.77 13.79
C MET A 398 0.37 9.54 12.95
N TYR A 399 1.18 10.58 12.78
CA TYR A 399 2.34 10.46 11.90
C TYR A 399 3.42 9.55 12.48
N ALA A 400 3.35 9.26 13.78
CA ALA A 400 4.27 8.27 14.35
C ALA A 400 4.01 6.89 13.79
N LYS A 401 2.84 6.65 13.22
CA LYS A 401 2.53 5.36 12.59
C LYS A 401 2.21 5.49 11.11
N ARG A 402 2.33 6.68 10.53
CA ARG A 402 1.94 6.93 9.14
C ARG A 402 0.53 6.42 8.88
N ALA A 403 -0.41 6.89 9.70
CA ALA A 403 -1.74 6.29 9.74
C ALA A 403 -2.52 6.52 8.45
N PHE A 404 -2.83 7.77 8.13
CA PHE A 404 -3.67 8.09 7.00
C PHE A 404 -2.89 8.68 5.83
N VAL A 405 -1.57 8.62 5.89
CA VAL A 405 -0.74 9.26 4.87
C VAL A 405 -1.04 8.69 3.49
N HIS A 406 -1.34 7.39 3.41
CA HIS A 406 -1.62 6.77 2.13
C HIS A 406 -2.84 7.36 1.45
N TRP A 407 -3.74 8.00 2.21
CA TRP A 407 -4.90 8.64 1.60
C TRP A 407 -4.58 9.98 0.97
N TYR A 408 -3.43 10.56 1.30
CA TYR A 408 -2.98 11.82 0.71
C TYR A 408 -1.91 11.62 -0.35
N VAL A 409 -0.94 10.73 -0.08
CA VAL A 409 0.12 10.45 -1.04
C VAL A 409 -0.47 9.94 -2.35
N GLY A 410 -1.52 9.13 -2.26
CA GLY A 410 -2.19 8.62 -3.44
C GLY A 410 -3.05 9.63 -4.18
N GLU A 411 -3.12 10.87 -3.70
CA GLU A 411 -3.90 11.90 -4.36
C GLU A 411 -3.06 12.98 -5.03
N GLY A 412 -1.74 12.97 -4.81
CA GLY A 412 -0.88 13.96 -5.44
C GLY A 412 0.08 14.58 -4.45
N MET A 413 -0.05 14.20 -3.18
CA MET A 413 0.79 14.74 -2.13
C MET A 413 2.08 13.95 -1.99
N GLU A 414 3.15 14.65 -1.66
CA GLU A 414 4.42 14.03 -1.29
C GLU A 414 4.49 13.92 0.23
N GLU A 415 4.96 12.77 0.72
CA GLU A 415 4.91 12.49 2.14
C GLU A 415 5.75 13.48 2.94
N GLY A 416 6.93 13.83 2.42
CA GLY A 416 7.79 14.77 3.12
C GLY A 416 7.11 16.09 3.43
N GLU A 417 6.20 16.53 2.57
CA GLU A 417 5.51 17.80 2.78
C GLU A 417 4.74 17.80 4.10
N PHE A 418 4.36 16.63 4.61
CA PHE A 418 3.82 16.56 5.96
C PHE A 418 4.84 17.10 6.96
N SER A 419 6.00 16.46 7.05
CA SER A 419 6.98 16.82 8.06
C SER A 419 7.40 18.28 7.92
N GLU A 420 7.66 18.72 6.69
CA GLU A 420 7.99 20.11 6.44
C GLU A 420 6.96 21.03 7.07
N ALA A 421 5.67 20.75 6.86
CA ALA A 421 4.62 21.56 7.45
C ALA A 421 4.76 21.58 8.97
N ARG A 422 4.95 20.41 9.57
CA ARG A 422 5.18 20.36 11.01
C ARG A 422 6.41 21.18 11.38
N GLU A 423 7.47 21.09 10.59
CA GLU A 423 8.67 21.87 10.85
C GLU A 423 8.35 23.35 10.96
N ASP A 424 7.38 23.83 10.16
CA ASP A 424 7.01 25.24 10.22
C ASP A 424 6.49 25.62 11.60
N MET A 425 5.62 24.77 12.18
CA MET A 425 5.24 24.98 13.57
C MET A 425 6.45 24.98 14.48
N ALA A 426 7.39 24.07 14.24
CA ALA A 426 8.60 24.04 15.05
C ALA A 426 9.33 25.38 15.00
N ALA A 427 9.13 26.15 13.94
CA ALA A 427 9.64 27.52 13.91
C ALA A 427 8.64 28.49 14.54
N LEU A 428 7.36 28.37 14.16
CA LEU A 428 6.38 29.40 14.52
C LEU A 428 6.21 29.51 16.03
N GLU A 429 6.27 28.37 16.74
CA GLU A 429 6.19 28.42 18.20
C GLU A 429 7.27 29.33 18.76
N LYS A 430 8.50 29.19 18.26
CA LYS A 430 9.59 30.02 18.74
C LYS A 430 9.35 31.49 18.43
N ASP A 431 8.62 31.78 17.35
CA ASP A 431 8.30 33.16 17.03
C ASP A 431 7.30 33.76 18.01
N TYR A 432 6.56 32.92 18.74
CA TYR A 432 5.78 33.37 19.88
C TYR A 432 6.48 33.14 21.20
N GLU A 433 7.73 32.68 21.19
CA GLU A 433 8.48 32.45 22.41
C GLU A 433 9.72 33.33 22.52
N GLU A 434 10.52 33.43 21.46
CA GLU A 434 11.70 34.28 21.50
C GLU A 434 11.32 35.73 21.77
N VAL A 435 10.26 36.21 21.11
CA VAL A 435 9.77 37.56 21.35
C VAL A 435 9.07 37.68 22.69
N GLY A 436 8.71 36.55 23.32
CA GLY A 436 8.12 36.59 24.63
C GLY A 436 9.10 36.91 25.74
N VAL A 437 10.39 36.71 25.49
CA VAL A 437 11.42 37.00 26.48
C VAL A 437 11.67 38.50 26.53
N ASP A 438 11.97 39.01 27.72
CA ASP A 438 12.22 40.43 27.91
C ASP A 438 13.48 40.86 27.17
N SER A 439 13.65 42.18 27.04
CA SER A 439 14.79 42.71 26.31
C SER A 439 16.11 42.35 26.97
N VAL A 440 16.16 42.41 28.30
CA VAL A 440 17.38 42.07 29.03
C VAL A 440 17.45 40.57 29.26
N MET B 1 -23.95 15.59 -10.45
CA MET B 1 -24.37 15.02 -9.18
C MET B 1 -23.55 13.79 -8.84
N ARG B 2 -24.08 12.95 -7.95
CA ARG B 2 -23.41 11.74 -7.49
C ARG B 2 -24.35 10.57 -7.69
N GLU B 3 -24.07 9.74 -8.70
CA GLU B 3 -24.94 8.63 -9.07
C GLU B 3 -24.26 7.31 -8.73
N ILE B 4 -25.04 6.39 -8.15
CA ILE B 4 -24.54 5.11 -7.69
C ILE B 4 -25.24 4.01 -8.48
N VAL B 5 -24.46 3.10 -9.05
CA VAL B 5 -24.99 1.93 -9.74
C VAL B 5 -25.18 0.81 -8.72
N HIS B 6 -26.36 0.22 -8.71
CA HIS B 6 -26.72 -0.79 -7.72
C HIS B 6 -26.75 -2.17 -8.39
N ILE B 7 -25.97 -3.10 -7.84
CA ILE B 7 -25.87 -4.45 -8.36
C ILE B 7 -26.16 -5.43 -7.23
N GLN B 8 -26.82 -6.53 -7.57
CA GLN B 8 -27.07 -7.57 -6.58
C GLN B 8 -27.17 -8.92 -7.29
N ALA B 9 -26.52 -9.92 -6.70
CA ALA B 9 -26.46 -11.27 -7.27
C ALA B 9 -26.97 -12.28 -6.26
N GLY B 10 -27.57 -13.34 -6.77
CA GLY B 10 -28.10 -14.40 -5.94
C GLY B 10 -29.47 -14.07 -5.38
N GLN B 11 -30.10 -15.08 -4.78
CA GLN B 11 -31.42 -14.89 -4.20
C GLN B 11 -31.39 -13.89 -3.05
N CYS B 12 -30.38 -14.00 -2.18
CA CYS B 12 -30.26 -13.08 -1.05
C CYS B 12 -30.12 -11.64 -1.54
N GLY B 13 -29.19 -11.42 -2.48
CA GLY B 13 -28.99 -10.08 -3.00
C GLY B 13 -30.22 -9.54 -3.69
N ASN B 14 -30.91 -10.39 -4.47
CA ASN B 14 -32.10 -9.95 -5.16
C ASN B 14 -33.19 -9.53 -4.17
N GLN B 15 -33.41 -10.32 -3.12
CA GLN B 15 -34.44 -9.98 -2.16
C GLN B 15 -34.09 -8.73 -1.37
N ILE B 16 -32.83 -8.62 -0.93
CA ILE B 16 -32.40 -7.44 -0.19
C ILE B 16 -32.54 -6.18 -1.04
N GLY B 17 -32.13 -6.26 -2.31
CA GLY B 17 -32.27 -5.12 -3.19
C GLY B 17 -33.71 -4.76 -3.47
N ALA B 18 -34.58 -5.77 -3.61
CA ALA B 18 -36.00 -5.49 -3.80
C ALA B 18 -36.56 -4.72 -2.61
N LYS B 19 -36.24 -5.18 -1.40
CA LYS B 19 -36.72 -4.46 -0.22
C LYS B 19 -36.12 -3.05 -0.14
N PHE B 20 -34.86 -2.90 -0.51
CA PHE B 20 -34.22 -1.59 -0.50
C PHE B 20 -34.90 -0.63 -1.48
N TRP B 21 -35.20 -1.12 -2.69
CA TRP B 21 -35.86 -0.28 -3.67
C TRP B 21 -37.26 0.09 -3.22
N GLU B 22 -37.98 -0.85 -2.58
CA GLU B 22 -39.28 -0.51 -2.03
C GLU B 22 -39.17 0.58 -0.96
N VAL B 23 -38.19 0.44 -0.06
CA VAL B 23 -38.03 1.41 1.02
C VAL B 23 -37.75 2.80 0.45
N ILE B 24 -36.77 2.91 -0.45
CA ILE B 24 -36.42 4.24 -0.93
C ILE B 24 -37.42 4.78 -1.95
N SER B 25 -38.23 3.91 -2.56
CA SER B 25 -39.33 4.40 -3.39
C SER B 25 -40.43 5.00 -2.52
N ASP B 26 -40.74 4.36 -1.39
CA ASP B 26 -41.68 4.96 -0.45
C ASP B 26 -41.11 6.24 0.15
N GLU B 27 -39.79 6.28 0.37
CA GLU B 27 -39.17 7.50 0.89
C GLU B 27 -39.27 8.65 -0.11
N HIS B 28 -39.11 8.36 -1.40
CA HIS B 28 -39.12 9.38 -2.44
C HIS B 28 -40.51 9.61 -3.02
N GLY B 29 -41.54 8.97 -2.49
CA GLY B 29 -42.89 9.17 -3.00
C GLY B 29 -43.12 8.64 -4.40
N ILE B 30 -42.63 7.44 -4.69
CA ILE B 30 -42.76 6.82 -6.01
C ILE B 30 -43.67 5.61 -5.88
N ASP B 31 -44.77 5.61 -6.62
CA ASP B 31 -45.64 4.46 -6.69
C ASP B 31 -45.00 3.39 -7.57
N PRO B 32 -45.51 2.15 -7.55
CA PRO B 32 -44.93 1.11 -8.41
C PRO B 32 -44.99 1.44 -9.89
N THR B 33 -45.87 2.33 -10.32
CA THR B 33 -45.92 2.75 -11.72
C THR B 33 -44.87 3.80 -12.05
N GLY B 34 -44.13 4.31 -11.05
CA GLY B 34 -43.09 5.27 -11.29
C GLY B 34 -43.51 6.73 -11.24
N SER B 35 -44.80 7.01 -11.07
CA SER B 35 -45.26 8.38 -11.06
C SER B 35 -45.10 9.00 -9.68
N TYR B 36 -44.44 10.16 -9.62
CA TYR B 36 -44.21 10.83 -8.35
C TYR B 36 -45.53 11.31 -7.75
N HIS B 37 -45.66 11.14 -6.43
CA HIS B 37 -46.88 11.57 -5.74
C HIS B 37 -46.60 12.21 -4.39
N GLY B 38 -45.35 12.48 -4.04
CA GLY B 38 -45.03 13.02 -2.74
C GLY B 38 -45.42 14.48 -2.60
N ASP B 39 -45.31 14.97 -1.36
CA ASP B 39 -45.66 16.33 -1.00
C ASP B 39 -44.44 17.04 -0.42
N SER B 40 -43.30 16.94 -1.10
CA SER B 40 -42.08 17.59 -0.67
C SER B 40 -41.19 17.84 -1.87
N ASP B 41 -40.80 19.10 -2.07
CA ASP B 41 -39.91 19.44 -3.18
C ASP B 41 -38.52 18.87 -2.98
N LEU B 42 -38.15 18.51 -1.76
CA LEU B 42 -36.80 18.02 -1.47
C LEU B 42 -36.62 16.56 -1.84
N GLN B 43 -37.70 15.85 -2.21
CA GLN B 43 -37.56 14.45 -2.60
C GLN B 43 -37.02 14.30 -4.02
N LEU B 44 -37.37 15.22 -4.92
CA LEU B 44 -36.94 15.15 -6.31
C LEU B 44 -35.79 16.10 -6.63
N GLU B 45 -35.32 16.89 -5.65
CA GLU B 45 -34.19 17.76 -5.92
C GLU B 45 -32.94 16.96 -6.25
N ARG B 46 -32.83 15.74 -5.74
CA ARG B 46 -31.67 14.89 -6.00
C ARG B 46 -32.09 13.44 -6.19
N ILE B 47 -33.27 13.21 -6.79
CA ILE B 47 -33.75 11.85 -6.99
C ILE B 47 -32.91 11.10 -8.02
N ASN B 48 -32.10 11.81 -8.81
CA ASN B 48 -31.32 11.15 -9.85
C ASN B 48 -30.21 10.28 -9.29
N VAL B 49 -29.93 10.35 -7.99
CA VAL B 49 -28.91 9.49 -7.40
C VAL B 49 -29.27 8.03 -7.57
N TYR B 50 -30.55 7.70 -7.37
CA TYR B 50 -31.03 6.33 -7.47
C TYR B 50 -31.93 6.07 -8.67
N TYR B 51 -32.60 7.10 -9.19
CA TYR B 51 -33.62 6.93 -10.21
C TYR B 51 -33.25 7.69 -11.47
N ASN B 52 -33.25 6.98 -12.60
CA ASN B 52 -33.03 7.57 -13.91
C ASN B 52 -34.37 7.96 -14.51
N GLU B 53 -34.45 9.17 -15.04
CA GLU B 53 -35.71 9.70 -15.53
C GLU B 53 -36.02 9.17 -16.92
N ALA B 54 -37.31 9.17 -17.26
CA ALA B 54 -37.77 8.76 -18.57
C ALA B 54 -39.12 9.40 -18.83
N ALA B 55 -39.48 9.46 -20.12
CA ALA B 55 -40.66 10.18 -20.58
C ALA B 55 -41.92 9.70 -19.84
N GLY B 56 -42.91 10.59 -19.79
CA GLY B 56 -44.04 10.38 -18.90
C GLY B 56 -43.75 10.71 -17.46
N ASN B 57 -42.64 11.39 -17.18
CA ASN B 57 -42.22 11.72 -15.82
C ASN B 57 -42.10 10.47 -14.96
N LYS B 58 -41.58 9.38 -15.53
CA LYS B 58 -41.39 8.17 -14.77
C LYS B 58 -39.92 8.00 -14.41
N TYR B 59 -39.68 7.24 -13.34
CA TYR B 59 -38.33 7.06 -12.83
C TYR B 59 -38.06 5.57 -12.67
N VAL B 60 -36.94 5.10 -13.22
CA VAL B 60 -36.57 3.69 -13.20
C VAL B 60 -35.29 3.56 -12.36
N PRO B 61 -35.22 2.62 -11.43
CA PRO B 61 -34.01 2.50 -10.60
C PRO B 61 -32.79 2.07 -11.41
N ARG B 62 -31.62 2.49 -10.93
CA ARG B 62 -30.34 2.04 -11.46
C ARG B 62 -29.95 0.73 -10.80
N ALA B 63 -30.69 -0.32 -11.12
CA ALA B 63 -30.49 -1.64 -10.56
C ALA B 63 -30.07 -2.61 -11.66
N ILE B 64 -29.11 -3.47 -11.35
CA ILE B 64 -28.65 -4.50 -12.26
C ILE B 64 -28.95 -5.83 -11.59
N LEU B 65 -30.12 -6.40 -11.89
CA LEU B 65 -30.59 -7.61 -11.24
C LEU B 65 -29.98 -8.81 -11.97
N VAL B 66 -29.10 -9.55 -11.29
CA VAL B 66 -28.37 -10.64 -11.90
C VAL B 66 -28.50 -11.90 -11.05
N ASP B 67 -28.70 -13.04 -11.72
CA ASP B 67 -28.75 -14.33 -11.06
C ASP B 67 -28.47 -15.39 -12.12
N LEU B 68 -28.12 -16.59 -11.64
CA LEU B 68 -27.92 -17.74 -12.53
C LEU B 68 -29.13 -18.65 -12.60
N GLU B 69 -30.22 -18.30 -11.93
CA GLU B 69 -31.45 -19.10 -11.94
C GLU B 69 -32.64 -18.16 -11.86
N PRO B 70 -33.62 -18.29 -12.77
CA PRO B 70 -34.68 -17.27 -12.87
C PRO B 70 -35.76 -17.38 -11.80
N GLY B 71 -35.54 -18.17 -10.76
CA GLY B 71 -36.56 -18.35 -9.74
C GLY B 71 -36.86 -17.13 -8.91
N THR B 72 -35.89 -16.70 -8.10
CA THR B 72 -36.10 -15.54 -7.23
C THR B 72 -36.28 -14.27 -8.05
N MET B 73 -35.71 -14.23 -9.25
CA MET B 73 -35.94 -13.11 -10.15
C MET B 73 -37.38 -13.03 -10.60
N ASP B 74 -37.96 -14.17 -11.00
CA ASP B 74 -39.37 -14.18 -11.35
C ASP B 74 -40.27 -14.03 -10.13
N SER B 75 -39.74 -14.24 -8.94
CA SER B 75 -40.47 -13.88 -7.73
C SER B 75 -40.51 -12.36 -7.55
N VAL B 76 -39.38 -11.70 -7.78
CA VAL B 76 -39.35 -10.25 -7.57
C VAL B 76 -40.05 -9.52 -8.71
N ARG B 77 -40.11 -10.13 -9.90
CA ARG B 77 -40.76 -9.47 -11.03
C ARG B 77 -42.24 -9.23 -10.76
N SER B 78 -42.93 -10.20 -10.15
CA SER B 78 -44.35 -10.10 -9.86
C SER B 78 -44.62 -9.49 -8.50
N GLY B 79 -43.61 -8.99 -7.80
CA GLY B 79 -43.77 -8.45 -6.49
C GLY B 79 -44.52 -7.12 -6.51
N PRO B 80 -44.74 -6.57 -5.31
CA PRO B 80 -45.47 -5.29 -5.22
C PRO B 80 -44.81 -4.15 -5.96
N PHE B 81 -43.48 -4.12 -5.99
CA PHE B 81 -42.73 -3.05 -6.65
C PHE B 81 -41.84 -3.60 -7.75
N GLY B 82 -42.28 -4.69 -8.39
CA GLY B 82 -41.42 -5.38 -9.35
C GLY B 82 -41.41 -4.75 -10.72
N GLN B 83 -42.47 -4.04 -11.10
CA GLN B 83 -42.51 -3.42 -12.42
C GLN B 83 -41.58 -2.22 -12.52
N ILE B 84 -41.11 -1.68 -11.39
CA ILE B 84 -40.37 -0.43 -11.39
C ILE B 84 -39.06 -0.54 -12.16
N PHE B 85 -38.48 -1.73 -12.26
CA PHE B 85 -37.17 -1.87 -12.85
C PHE B 85 -37.25 -1.81 -14.38
N ARG B 86 -36.07 -1.72 -14.99
CA ARG B 86 -35.97 -1.78 -16.44
C ARG B 86 -35.97 -3.24 -16.87
N PRO B 87 -36.88 -3.67 -17.74
CA PRO B 87 -36.92 -5.09 -18.13
C PRO B 87 -35.63 -5.57 -18.78
N ASP B 88 -34.88 -4.67 -19.42
CA ASP B 88 -33.60 -5.07 -20.01
C ASP B 88 -32.57 -5.39 -18.93
N ASN B 89 -32.71 -4.81 -17.75
CA ASN B 89 -31.75 -5.04 -16.67
C ASN B 89 -31.90 -6.41 -16.03
N PHE B 90 -33.00 -7.11 -16.29
CA PHE B 90 -33.20 -8.45 -15.76
C PHE B 90 -32.35 -9.42 -16.58
N VAL B 91 -31.22 -9.83 -16.02
CA VAL B 91 -30.29 -10.74 -16.68
C VAL B 91 -30.21 -12.01 -15.84
N PHE B 92 -30.19 -13.16 -16.50
CA PHE B 92 -30.46 -14.42 -15.81
C PHE B 92 -29.84 -15.57 -16.58
N GLY B 93 -29.35 -16.57 -15.84
CA GLY B 93 -28.93 -17.83 -16.43
C GLY B 93 -30.06 -18.85 -16.44
N GLN B 94 -29.69 -20.10 -16.64
CA GLN B 94 -30.64 -21.20 -16.60
C GLN B 94 -30.23 -22.32 -15.67
N SER B 95 -28.94 -22.61 -15.57
CA SER B 95 -28.41 -23.60 -14.64
C SER B 95 -27.82 -22.87 -13.45
N GLY B 96 -28.36 -23.12 -12.26
CA GLY B 96 -27.89 -22.45 -11.07
C GLY B 96 -26.47 -22.84 -10.73
N ALA B 97 -25.88 -22.07 -9.80
CA ALA B 97 -24.50 -22.33 -9.40
C ALA B 97 -24.41 -23.57 -8.52
N GLY B 98 -25.48 -23.92 -7.82
CA GLY B 98 -25.45 -25.10 -6.97
C GLY B 98 -24.47 -25.00 -5.82
N ASN B 99 -24.37 -23.82 -5.19
CA ASN B 99 -23.51 -23.59 -4.04
C ASN B 99 -22.04 -23.91 -4.35
N ASN B 100 -21.60 -23.62 -5.56
CA ASN B 100 -20.21 -23.78 -5.95
C ASN B 100 -19.60 -22.43 -6.22
N TRP B 101 -18.47 -22.14 -5.57
CA TRP B 101 -17.72 -20.94 -5.90
C TRP B 101 -17.15 -21.03 -7.31
N ALA B 102 -16.67 -22.22 -7.69
CA ALA B 102 -16.08 -22.40 -9.02
C ALA B 102 -17.11 -22.20 -10.12
N LYS B 103 -18.29 -22.81 -9.97
CA LYS B 103 -19.30 -22.71 -11.01
C LYS B 103 -19.79 -21.27 -11.16
N GLY B 104 -20.04 -20.58 -10.05
CA GLY B 104 -20.45 -19.19 -10.13
C GLY B 104 -19.36 -18.24 -10.56
N HIS B 105 -18.10 -18.63 -10.39
CA HIS B 105 -16.98 -17.77 -10.70
C HIS B 105 -16.32 -18.09 -12.03
N TYR B 106 -15.96 -19.34 -12.27
CA TYR B 106 -15.10 -19.70 -13.39
C TYR B 106 -15.87 -20.02 -14.66
N THR B 107 -16.73 -21.03 -14.63
CA THR B 107 -17.31 -21.57 -15.86
C THR B 107 -18.72 -21.04 -16.14
N GLU B 108 -19.66 -21.26 -15.22
CA GLU B 108 -21.03 -20.86 -15.49
C GLU B 108 -21.18 -19.33 -15.44
N GLY B 109 -20.49 -18.68 -14.50
CA GLY B 109 -20.59 -17.24 -14.40
C GLY B 109 -19.96 -16.51 -15.58
N ALA B 110 -18.86 -17.05 -16.11
CA ALA B 110 -18.14 -16.36 -17.18
C ALA B 110 -19.00 -16.19 -18.42
N GLU B 111 -19.81 -17.20 -18.75
CA GLU B 111 -20.67 -17.10 -19.93
C GLU B 111 -21.66 -15.96 -19.83
N LEU B 112 -21.95 -15.48 -18.63
CA LEU B 112 -22.94 -14.42 -18.43
C LEU B 112 -22.34 -13.10 -17.96
N VAL B 113 -21.11 -13.10 -17.46
CA VAL B 113 -20.55 -11.89 -16.84
C VAL B 113 -20.37 -10.78 -17.86
N ASP B 114 -20.21 -11.11 -19.14
CA ASP B 114 -20.16 -10.06 -20.15
C ASP B 114 -21.52 -9.40 -20.33
N SER B 115 -22.60 -10.18 -20.25
CA SER B 115 -23.94 -9.65 -20.39
C SER B 115 -24.36 -8.77 -19.22
N VAL B 116 -23.60 -8.77 -18.13
CA VAL B 116 -23.81 -7.81 -17.05
C VAL B 116 -22.78 -6.69 -17.08
N LEU B 117 -21.56 -6.96 -17.54
CA LEU B 117 -20.57 -5.90 -17.68
C LEU B 117 -21.03 -4.86 -18.69
N ASP B 118 -21.59 -5.29 -19.81
CA ASP B 118 -22.09 -4.32 -20.79
C ASP B 118 -23.24 -3.51 -20.22
N VAL B 119 -24.12 -4.14 -19.45
CA VAL B 119 -25.26 -3.42 -18.88
C VAL B 119 -24.79 -2.39 -17.86
N VAL B 120 -23.86 -2.77 -16.98
CA VAL B 120 -23.39 -1.81 -15.98
C VAL B 120 -22.60 -0.70 -16.64
N ARG B 121 -21.87 -1.00 -17.71
CA ARG B 121 -21.16 0.05 -18.43
C ARG B 121 -22.14 1.03 -19.08
N LYS B 122 -23.22 0.52 -19.67
CA LYS B 122 -24.23 1.41 -20.24
C LYS B 122 -24.87 2.27 -19.17
N GLU B 123 -25.18 1.67 -18.02
CA GLU B 123 -25.78 2.44 -16.92
C GLU B 123 -24.83 3.51 -16.41
N SER B 124 -23.55 3.18 -16.28
CA SER B 124 -22.57 4.16 -15.80
C SER B 124 -22.36 5.28 -16.80
N GLU B 125 -22.44 4.98 -18.10
CA GLU B 125 -22.36 6.03 -19.09
C GLU B 125 -23.66 6.81 -19.23
N SER B 126 -24.76 6.30 -18.67
CA SER B 126 -26.03 7.02 -18.72
C SER B 126 -26.14 8.10 -17.64
N CYS B 127 -25.24 8.14 -16.67
CA CYS B 127 -25.30 9.12 -15.60
C CYS B 127 -24.31 10.25 -15.87
N ASP B 128 -24.28 11.22 -14.95
CA ASP B 128 -23.45 12.42 -15.12
C ASP B 128 -22.08 12.27 -14.49
N CYS B 129 -22.03 12.03 -13.18
CA CYS B 129 -20.76 11.88 -12.46
C CYS B 129 -20.92 10.70 -11.51
N LEU B 130 -20.32 9.57 -11.89
CA LEU B 130 -20.46 8.35 -11.10
C LEU B 130 -19.72 8.50 -9.77
N GLN B 131 -20.41 8.17 -8.67
CA GLN B 131 -19.80 8.16 -7.36
C GLN B 131 -19.22 6.80 -7.01
N GLY B 132 -19.98 5.73 -7.28
CA GLY B 132 -19.49 4.40 -7.00
C GLY B 132 -20.54 3.37 -7.32
N PHE B 133 -20.24 2.13 -6.93
CA PHE B 133 -21.14 1.00 -7.14
C PHE B 133 -21.59 0.45 -5.79
N GLN B 134 -22.81 -0.07 -5.76
CA GLN B 134 -23.41 -0.63 -4.56
C GLN B 134 -23.79 -2.08 -4.84
N LEU B 135 -23.13 -3.02 -4.15
CA LEU B 135 -23.27 -4.44 -4.42
C LEU B 135 -23.82 -5.15 -3.19
N THR B 136 -24.81 -6.01 -3.40
CA THR B 136 -25.42 -6.80 -2.34
C THR B 136 -25.34 -8.27 -2.69
N HIS B 137 -24.76 -9.07 -1.80
CA HIS B 137 -24.57 -10.50 -2.04
C HIS B 137 -24.29 -11.19 -0.71
N SER B 138 -23.95 -12.48 -0.79
CA SER B 138 -23.58 -13.27 0.37
C SER B 138 -22.36 -14.11 0.04
N LEU B 139 -21.51 -14.32 1.05
CA LEU B 139 -20.25 -15.04 0.85
C LEU B 139 -20.39 -16.55 0.97
N GLY B 140 -21.54 -17.05 1.44
CA GLY B 140 -21.69 -18.48 1.66
C GLY B 140 -22.31 -19.23 0.51
N GLY B 141 -22.88 -18.52 -0.45
CA GLY B 141 -23.54 -19.15 -1.58
C GLY B 141 -22.61 -19.40 -2.75
N GLY B 142 -23.18 -19.94 -3.82
CA GLY B 142 -22.42 -20.26 -5.01
C GLY B 142 -22.44 -19.18 -6.07
N THR B 143 -23.63 -18.74 -6.47
CA THR B 143 -23.72 -17.65 -7.44
C THR B 143 -23.46 -16.31 -6.78
N GLY B 144 -23.93 -16.12 -5.55
CA GLY B 144 -23.72 -14.89 -4.84
C GLY B 144 -22.25 -14.54 -4.68
N SER B 145 -21.53 -15.33 -3.90
CA SER B 145 -20.13 -15.02 -3.61
C SER B 145 -19.28 -15.03 -4.87
N GLY B 146 -19.39 -16.08 -5.67
CA GLY B 146 -18.55 -16.21 -6.85
C GLY B 146 -18.81 -15.11 -7.87
N MET B 147 -20.07 -14.90 -8.23
CA MET B 147 -20.39 -13.89 -9.23
C MET B 147 -20.12 -12.49 -8.69
N GLY B 148 -20.35 -12.26 -7.39
CA GLY B 148 -20.01 -10.98 -6.82
C GLY B 148 -18.52 -10.69 -6.89
N THR B 149 -17.70 -11.68 -6.57
CA THR B 149 -16.25 -11.49 -6.67
C THR B 149 -15.81 -11.26 -8.11
N LEU B 150 -16.41 -12.00 -9.05
CA LEU B 150 -16.07 -11.80 -10.45
C LEU B 150 -16.41 -10.38 -10.91
N LEU B 151 -17.62 -9.93 -10.59
CA LEU B 151 -18.04 -8.59 -10.95
C LEU B 151 -17.17 -7.54 -10.27
N ILE B 152 -16.84 -7.77 -8.99
CA ILE B 152 -15.96 -6.86 -8.26
C ILE B 152 -14.63 -6.70 -8.99
N SER B 153 -14.01 -7.82 -9.36
CA SER B 153 -12.74 -7.76 -10.04
C SER B 153 -12.87 -7.03 -11.37
N LYS B 154 -13.89 -7.37 -12.16
CA LYS B 154 -14.02 -6.76 -13.48
C LYS B 154 -14.22 -5.25 -13.37
N ILE B 155 -15.04 -4.80 -12.43
CA ILE B 155 -15.25 -3.37 -12.25
C ILE B 155 -13.96 -2.69 -11.79
N ARG B 156 -13.24 -3.31 -10.86
CA ARG B 156 -12.01 -2.68 -10.37
C ARG B 156 -10.98 -2.53 -11.48
N GLU B 157 -10.84 -3.55 -12.33
CA GLU B 157 -9.96 -3.38 -13.48
C GLU B 157 -10.59 -2.55 -14.59
N GLU B 158 -11.86 -2.16 -14.48
CA GLU B 158 -12.48 -1.27 -15.44
C GLU B 158 -12.77 0.13 -14.90
N TYR B 159 -13.06 0.26 -13.60
CA TYR B 159 -13.35 1.56 -12.99
C TYR B 159 -12.49 1.74 -11.74
N PRO B 160 -11.18 1.88 -11.91
CA PRO B 160 -10.31 2.02 -10.72
C PRO B 160 -10.56 3.29 -9.93
N ASP B 161 -11.04 4.36 -10.58
CA ASP B 161 -11.13 5.65 -9.92
C ASP B 161 -12.26 5.68 -8.90
N ARG B 162 -13.42 5.14 -9.26
CA ARG B 162 -14.61 5.25 -8.43
C ARG B 162 -14.48 4.43 -7.15
N ILE B 163 -15.50 4.51 -6.31
CA ILE B 163 -15.51 3.82 -5.03
C ILE B 163 -16.30 2.53 -5.16
N MET B 164 -15.95 1.53 -4.35
CA MET B 164 -16.55 0.21 -4.41
C MET B 164 -17.17 -0.09 -3.05
N ASN B 165 -18.48 0.12 -2.93
CA ASN B 165 -19.21 -0.07 -1.68
C ASN B 165 -20.10 -1.30 -1.83
N THR B 166 -19.90 -2.28 -0.95
CA THR B 166 -20.63 -3.55 -1.03
C THR B 166 -21.17 -3.94 0.33
N PHE B 167 -22.31 -4.64 0.31
CA PHE B 167 -22.96 -5.16 1.50
C PHE B 167 -23.00 -6.67 1.37
N SER B 168 -22.19 -7.36 2.18
CA SER B 168 -22.02 -8.80 2.06
C SER B 168 -22.59 -9.49 3.30
N VAL B 169 -23.39 -10.52 3.08
CA VAL B 169 -23.98 -11.31 4.17
C VAL B 169 -22.99 -12.42 4.48
N VAL B 170 -22.07 -12.14 5.39
CA VAL B 170 -21.04 -13.10 5.78
C VAL B 170 -21.70 -14.28 6.48
N PRO B 171 -21.27 -15.52 6.24
CA PRO B 171 -21.89 -16.66 6.94
C PRO B 171 -21.64 -16.61 8.43
N SER B 172 -22.59 -17.19 9.18
CA SER B 172 -22.56 -17.27 10.63
C SER B 172 -22.33 -18.71 11.08
N PRO B 173 -21.67 -18.92 12.22
CA PRO B 173 -21.39 -20.29 12.68
C PRO B 173 -22.63 -21.05 13.10
N LYS B 174 -23.49 -20.41 13.90
CA LYS B 174 -24.65 -21.10 14.45
C LYS B 174 -25.73 -21.30 13.38
N VAL B 175 -26.23 -20.20 12.81
CA VAL B 175 -27.27 -20.28 11.78
C VAL B 175 -26.57 -20.68 10.48
N SER B 176 -26.64 -21.97 10.15
CA SER B 176 -26.02 -22.51 8.96
C SER B 176 -27.07 -23.18 8.09
N ASP B 177 -27.00 -22.91 6.78
CA ASP B 177 -27.95 -23.48 5.83
C ASP B 177 -27.23 -24.07 4.61
N THR B 178 -25.97 -24.46 4.76
CA THR B 178 -25.18 -24.95 3.65
C THR B 178 -23.94 -25.66 4.20
N VAL B 179 -23.58 -26.79 3.57
CA VAL B 179 -22.47 -27.60 4.06
C VAL B 179 -21.14 -27.21 3.43
N VAL B 180 -21.14 -26.32 2.44
CA VAL B 180 -19.90 -25.89 1.80
C VAL B 180 -19.69 -24.40 2.00
N GLU B 181 -20.24 -23.86 3.08
CA GLU B 181 -20.06 -22.44 3.38
C GLU B 181 -18.61 -22.04 3.58
N PRO B 182 -17.79 -22.76 4.35
CA PRO B 182 -16.41 -22.28 4.58
C PRO B 182 -15.60 -22.13 3.30
N TYR B 183 -15.76 -23.06 2.35
CA TYR B 183 -14.97 -22.99 1.13
C TYR B 183 -15.29 -21.71 0.35
N ASN B 184 -16.57 -21.45 0.12
CA ASN B 184 -16.96 -20.28 -0.65
C ASN B 184 -16.62 -19.00 0.09
N ALA B 185 -16.80 -18.98 1.41
CA ALA B 185 -16.47 -17.77 2.18
C ALA B 185 -14.98 -17.47 2.10
N THR B 186 -14.13 -18.50 2.27
CA THR B 186 -12.69 -18.29 2.20
C THR B 186 -12.27 -17.85 0.81
N LEU B 187 -12.87 -18.42 -0.23
CA LEU B 187 -12.52 -18.01 -1.58
C LEU B 187 -12.97 -16.60 -1.89
N SER B 188 -14.10 -16.17 -1.32
CA SER B 188 -14.61 -14.83 -1.60
C SER B 188 -13.83 -13.75 -0.86
N VAL B 189 -13.39 -14.05 0.37
CA VAL B 189 -12.66 -13.04 1.14
C VAL B 189 -11.37 -12.64 0.44
N HIS B 190 -10.72 -13.59 -0.24
CA HIS B 190 -9.51 -13.28 -1.00
C HIS B 190 -9.74 -12.11 -1.96
N GLN B 191 -10.82 -12.15 -2.74
CA GLN B 191 -11.07 -11.08 -3.68
C GLN B 191 -11.60 -9.83 -2.99
N LEU B 192 -12.42 -10.01 -1.94
CA LEU B 192 -12.97 -8.85 -1.25
C LEU B 192 -11.89 -8.00 -0.60
N VAL B 193 -10.82 -8.62 -0.10
CA VAL B 193 -9.76 -7.85 0.55
C VAL B 193 -9.08 -6.91 -0.44
N GLU B 194 -8.66 -7.45 -1.59
CA GLU B 194 -7.80 -6.71 -2.49
C GLU B 194 -8.55 -5.97 -3.59
N ASN B 195 -9.86 -6.16 -3.72
CA ASN B 195 -10.59 -5.53 -4.82
C ASN B 195 -11.78 -4.70 -4.34
N THR B 196 -11.76 -4.21 -3.10
CA THR B 196 -12.85 -3.40 -2.58
C THR B 196 -12.30 -2.36 -1.64
N ASP B 197 -12.88 -1.16 -1.68
CA ASP B 197 -12.43 -0.04 -0.86
C ASP B 197 -13.12 0.02 0.49
N GLU B 198 -14.34 -0.49 0.60
CA GLU B 198 -15.00 -0.62 1.89
C GLU B 198 -16.13 -1.64 1.77
N THR B 199 -16.22 -2.52 2.78
CA THR B 199 -17.19 -3.59 2.79
C THR B 199 -17.86 -3.66 4.16
N TYR B 200 -19.17 -3.78 4.17
CA TYR B 200 -19.94 -3.88 5.42
C TYR B 200 -20.26 -5.33 5.69
N CYS B 201 -19.78 -5.85 6.80
CA CYS B 201 -19.95 -7.26 7.15
C CYS B 201 -21.26 -7.46 7.89
N ILE B 202 -22.06 -8.40 7.41
CA ILE B 202 -23.39 -8.68 7.96
C ILE B 202 -23.52 -10.18 8.21
N ASP B 203 -24.10 -10.54 9.35
CA ASP B 203 -24.39 -11.94 9.68
C ASP B 203 -25.88 -12.11 9.88
N ASN B 204 -26.41 -13.24 9.42
CA ASN B 204 -27.83 -13.52 9.61
C ASN B 204 -28.15 -13.74 11.09
N GLU B 205 -27.21 -14.32 11.84
CA GLU B 205 -27.44 -14.58 13.25
C GLU B 205 -27.60 -13.28 14.04
N ALA B 206 -26.79 -12.27 13.75
CA ALA B 206 -26.91 -11.00 14.45
C ALA B 206 -28.25 -10.33 14.16
N LEU B 207 -28.71 -10.38 12.91
CA LEU B 207 -30.01 -9.83 12.58
C LEU B 207 -31.12 -10.61 13.28
N TYR B 208 -30.99 -11.93 13.36
CA TYR B 208 -31.99 -12.72 14.08
C TYR B 208 -32.03 -12.34 15.55
N ASP B 209 -30.87 -12.14 16.17
CA ASP B 209 -30.85 -11.75 17.58
C ASP B 209 -31.43 -10.35 17.77
N ILE B 210 -31.15 -9.43 16.85
CA ILE B 210 -31.74 -8.10 16.93
C ILE B 210 -33.26 -8.19 16.86
N CYS B 211 -33.77 -9.04 15.96
CA CYS B 211 -35.22 -9.22 15.86
C CYS B 211 -35.79 -9.89 17.11
N PHE B 212 -35.03 -10.80 17.73
CA PHE B 212 -35.53 -11.48 18.92
C PHE B 212 -35.59 -10.54 20.12
N ARG B 213 -34.52 -9.78 20.36
CA ARG B 213 -34.39 -9.01 21.59
C ARG B 213 -34.83 -7.56 21.45
N THR B 214 -34.30 -6.84 20.46
CA THR B 214 -34.63 -5.43 20.32
C THR B 214 -36.06 -5.24 19.83
N LEU B 215 -36.40 -5.79 18.67
CA LEU B 215 -37.75 -5.67 18.14
C LEU B 215 -38.75 -6.59 18.83
N LYS B 216 -38.26 -7.61 19.54
CA LYS B 216 -39.11 -8.56 20.25
C LYS B 216 -40.17 -9.16 19.33
N LEU B 217 -39.74 -9.52 18.13
CA LEU B 217 -40.63 -10.17 17.17
C LEU B 217 -40.85 -11.62 17.58
N THR B 218 -41.98 -12.18 17.13
CA THR B 218 -42.28 -13.57 17.40
C THR B 218 -41.58 -14.49 16.42
N THR B 219 -41.88 -14.33 15.13
CA THR B 219 -41.30 -15.14 14.05
C THR B 219 -40.71 -14.21 13.00
N PRO B 220 -39.45 -13.80 13.14
CA PRO B 220 -38.84 -12.91 12.15
C PRO B 220 -38.44 -13.63 10.87
N THR B 221 -39.17 -13.37 9.78
CA THR B 221 -38.85 -13.98 8.50
C THR B 221 -37.77 -13.16 7.79
N TYR B 222 -37.45 -13.56 6.56
CA TYR B 222 -36.42 -12.87 5.79
C TYR B 222 -36.84 -11.43 5.46
N GLY B 223 -38.14 -11.16 5.42
CA GLY B 223 -38.59 -9.81 5.13
C GLY B 223 -38.07 -8.80 6.14
N ASP B 224 -38.09 -9.15 7.44
CA ASP B 224 -37.63 -8.23 8.47
C ASP B 224 -36.13 -8.00 8.38
N LEU B 225 -35.36 -9.06 8.16
CA LEU B 225 -33.90 -8.92 8.06
C LEU B 225 -33.53 -8.06 6.86
N ASN B 226 -34.18 -8.29 5.72
CA ASN B 226 -33.91 -7.47 4.54
C ASN B 226 -34.38 -6.03 4.75
N HIS B 227 -35.45 -5.83 5.53
CA HIS B 227 -35.88 -4.49 5.88
C HIS B 227 -34.81 -3.77 6.68
N LEU B 228 -34.22 -4.46 7.66
CA LEU B 228 -33.16 -3.86 8.46
C LEU B 228 -31.95 -3.52 7.60
N VAL B 229 -31.55 -4.44 6.72
CA VAL B 229 -30.38 -4.18 5.87
C VAL B 229 -30.66 -3.03 4.92
N SER B 230 -31.88 -2.94 4.39
CA SER B 230 -32.24 -1.84 3.51
C SER B 230 -32.20 -0.52 4.27
N ALA B 231 -32.67 -0.51 5.51
CA ALA B 231 -32.61 0.70 6.32
C ALA B 231 -31.17 1.14 6.52
N THR B 232 -30.27 0.19 6.79
CA THR B 232 -28.86 0.53 6.91
C THR B 232 -28.32 1.11 5.60
N MET B 233 -28.65 0.49 4.47
CA MET B 233 -28.18 0.99 3.18
C MET B 233 -28.64 2.43 2.94
N SER B 234 -29.93 2.69 3.18
CA SER B 234 -30.45 4.04 2.97
C SER B 234 -29.80 5.04 3.92
N GLY B 235 -29.57 4.63 5.17
CA GLY B 235 -28.92 5.52 6.11
C GLY B 235 -27.50 5.86 5.72
N VAL B 236 -26.79 4.94 5.09
CA VAL B 236 -25.40 5.21 4.71
C VAL B 236 -25.34 6.39 3.73
N THR B 237 -26.21 6.39 2.73
CA THR B 237 -26.14 7.39 1.66
C THR B 237 -27.24 8.45 1.75
N THR B 238 -27.89 8.57 2.90
CA THR B 238 -28.84 9.67 3.08
C THR B 238 -28.20 11.04 2.93
N CYS B 239 -26.87 11.15 3.10
CA CYS B 239 -26.22 12.45 2.97
C CYS B 239 -26.20 12.93 1.53
N LEU B 240 -26.16 12.01 0.57
CA LEU B 240 -26.11 12.41 -0.84
C LEU B 240 -27.44 13.01 -1.28
N ARG B 241 -28.56 12.44 -0.85
CA ARG B 241 -29.87 12.81 -1.36
C ARG B 241 -30.47 14.04 -0.71
N PHE B 242 -30.04 14.41 0.49
CA PHE B 242 -30.72 15.45 1.25
C PHE B 242 -29.70 16.41 1.85
N PRO B 243 -30.11 17.64 2.12
CA PRO B 243 -29.19 18.62 2.73
C PRO B 243 -29.04 18.39 4.23
N GLY B 244 -28.09 19.13 4.80
CA GLY B 244 -27.84 19.04 6.23
C GLY B 244 -26.66 19.92 6.59
N GLN B 245 -26.47 20.10 7.89
CA GLN B 245 -25.38 20.94 8.38
C GLN B 245 -24.03 20.34 8.02
N LEU B 246 -23.87 19.04 8.23
CA LEU B 246 -22.66 18.32 7.88
C LEU B 246 -22.99 17.27 6.83
N ASN B 247 -22.24 17.25 5.74
CA ASN B 247 -22.49 16.34 4.63
C ASN B 247 -21.27 15.47 4.42
N ALA B 248 -21.49 14.15 4.40
CA ALA B 248 -20.40 13.18 4.25
C ALA B 248 -20.80 12.16 3.20
N ASP B 249 -20.05 12.11 2.10
CA ASP B 249 -20.29 11.16 1.03
C ASP B 249 -19.41 9.92 1.22
N LEU B 250 -19.43 9.02 0.24
CA LEU B 250 -18.75 7.74 0.38
C LEU B 250 -17.25 7.89 0.54
N ARG B 251 -16.64 8.75 -0.29
CA ARG B 251 -15.20 8.98 -0.17
C ARG B 251 -14.84 9.61 1.17
N LYS B 252 -15.66 10.56 1.62
CA LYS B 252 -15.45 11.17 2.91
C LYS B 252 -15.51 10.14 4.03
N LEU B 253 -16.51 9.26 3.97
CA LEU B 253 -16.66 8.22 4.99
C LEU B 253 -15.46 7.27 4.98
N ALA B 254 -15.01 6.89 3.77
CA ALA B 254 -13.88 5.98 3.66
C ALA B 254 -12.61 6.60 4.21
N VAL B 255 -12.30 7.84 3.81
CA VAL B 255 -11.08 8.47 4.30
C VAL B 255 -11.17 8.76 5.79
N ASN B 256 -12.38 8.93 6.32
CA ASN B 256 -12.52 9.06 7.77
C ASN B 256 -12.18 7.76 8.47
N MET B 257 -12.78 6.66 8.02
CA MET B 257 -12.62 5.40 8.74
C MET B 257 -11.36 4.64 8.35
N VAL B 258 -11.24 4.29 7.07
CA VAL B 258 -10.17 3.40 6.59
C VAL B 258 -8.80 3.98 6.90
N PRO B 259 -8.02 3.36 7.77
CA PRO B 259 -6.66 3.85 8.02
C PRO B 259 -5.62 3.28 7.07
N PHE B 260 -5.83 2.05 6.61
CA PHE B 260 -4.88 1.36 5.74
C PHE B 260 -5.65 0.64 4.66
N PRO B 261 -5.03 0.41 3.49
CA PRO B 261 -5.81 -0.08 2.34
C PRO B 261 -6.53 -1.39 2.56
N ARG B 262 -6.02 -2.25 3.45
CA ARG B 262 -6.56 -3.59 3.64
C ARG B 262 -7.42 -3.72 4.89
N LEU B 263 -7.80 -2.62 5.52
CA LEU B 263 -8.65 -2.65 6.71
C LEU B 263 -9.92 -1.85 6.40
N HIS B 264 -10.88 -2.49 5.74
CA HIS B 264 -12.11 -1.82 5.34
C HIS B 264 -13.31 -2.72 5.56
N PHE B 265 -13.37 -3.42 6.70
CA PHE B 265 -14.48 -4.32 7.02
C PHE B 265 -15.23 -3.72 8.20
N PHE B 266 -16.36 -3.08 7.90
CA PHE B 266 -17.10 -2.27 8.86
C PHE B 266 -18.30 -3.03 9.40
N MET B 267 -18.58 -2.84 10.68
CA MET B 267 -19.79 -3.36 11.31
C MET B 267 -20.88 -2.30 11.27
N PRO B 268 -22.00 -2.55 10.61
CA PRO B 268 -23.07 -1.56 10.54
C PRO B 268 -24.09 -1.70 11.65
N GLY B 269 -24.89 -0.66 11.84
CA GLY B 269 -25.95 -0.68 12.82
C GLY B 269 -26.86 0.51 12.63
N PHE B 270 -28.06 0.40 13.20
CA PHE B 270 -29.10 1.41 13.03
C PHE B 270 -29.73 1.74 14.38
N ALA B 271 -30.31 2.93 14.47
CA ALA B 271 -31.04 3.35 15.65
C ALA B 271 -32.01 4.43 15.23
N PRO B 272 -33.16 4.57 15.91
CA PRO B 272 -33.65 3.77 17.03
C PRO B 272 -34.52 2.61 16.59
N LEU B 273 -34.22 1.40 17.07
CA LEU B 273 -35.05 0.23 16.84
C LEU B 273 -35.70 -0.16 18.16
N THR B 274 -37.03 -0.21 18.17
CA THR B 274 -37.76 -0.57 19.37
C THR B 274 -38.97 -1.42 18.99
N SER B 275 -39.36 -2.31 19.90
CA SER B 275 -40.57 -3.08 19.73
C SER B 275 -41.79 -2.17 19.76
N ARG B 276 -42.86 -2.60 19.09
CA ARG B 276 -44.05 -1.77 18.96
C ARG B 276 -44.74 -1.50 20.29
N GLY B 277 -44.39 -2.23 21.35
CA GLY B 277 -45.00 -2.02 22.65
C GLY B 277 -44.33 -0.93 23.47
N SER B 278 -43.01 -1.05 23.66
CA SER B 278 -42.24 -0.06 24.41
C SER B 278 -41.86 1.14 23.56
N GLN B 279 -42.54 1.34 22.44
CA GLN B 279 -42.20 2.36 21.45
C GLN B 279 -42.99 3.64 21.68
N GLN B 280 -43.82 3.67 22.72
CA GLN B 280 -44.52 4.87 23.13
C GLN B 280 -43.97 5.46 24.43
N TYR B 281 -43.29 4.66 25.23
CA TYR B 281 -42.79 5.13 26.52
C TYR B 281 -41.53 5.97 26.34
N ARG B 282 -40.53 5.41 25.68
CA ARG B 282 -39.23 6.07 25.55
C ARG B 282 -39.35 7.28 24.61
N ALA B 283 -38.67 8.37 25.00
CA ALA B 283 -38.61 9.58 24.21
C ALA B 283 -37.29 9.64 23.45
N LEU B 284 -37.34 10.12 22.22
CA LEU B 284 -36.17 10.13 21.35
C LEU B 284 -35.29 11.33 21.67
N THR B 285 -34.03 11.06 22.01
CA THR B 285 -33.06 12.11 22.28
C THR B 285 -31.70 11.65 21.77
N VAL B 286 -30.85 12.63 21.44
CA VAL B 286 -29.54 12.32 20.85
C VAL B 286 -28.68 11.46 21.77
N PRO B 287 -28.57 11.74 23.08
CA PRO B 287 -27.77 10.84 23.93
C PRO B 287 -28.26 9.40 23.91
N GLU B 288 -29.57 9.18 23.85
CA GLU B 288 -30.08 7.81 23.78
C GLU B 288 -29.70 7.14 22.47
N LEU B 289 -29.77 7.87 21.35
CA LEU B 289 -29.33 7.32 20.08
C LEU B 289 -27.86 6.96 20.11
N THR B 290 -27.03 7.84 20.67
CA THR B 290 -25.60 7.55 20.73
C THR B 290 -25.31 6.38 21.66
N GLN B 291 -26.08 6.23 22.74
CA GLN B 291 -25.93 5.06 23.60
C GLN B 291 -26.29 3.79 22.85
N GLN B 292 -27.39 3.83 22.09
CA GLN B 292 -27.80 2.66 21.32
C GLN B 292 -26.85 2.35 20.17
N MET B 293 -26.08 3.35 19.72
CA MET B 293 -25.06 3.12 18.70
C MET B 293 -24.10 2.01 19.12
N PHE B 294 -23.53 2.14 20.31
CA PHE B 294 -22.43 1.30 20.75
C PHE B 294 -22.88 0.11 21.58
N ASP B 295 -24.17 -0.18 21.62
CA ASP B 295 -24.66 -1.38 22.29
C ASP B 295 -24.14 -2.60 21.56
N ALA B 296 -23.57 -3.54 22.32
CA ALA B 296 -23.02 -4.75 21.71
C ALA B 296 -24.09 -5.64 21.12
N LYS B 297 -25.36 -5.40 21.44
CA LYS B 297 -26.46 -6.19 20.92
C LYS B 297 -27.02 -5.63 19.63
N ASN B 298 -26.85 -4.33 19.37
CA ASN B 298 -27.40 -3.71 18.17
C ASN B 298 -26.54 -3.94 16.93
N MET B 299 -25.35 -4.53 17.07
CA MET B 299 -24.49 -4.76 15.93
C MET B 299 -25.15 -5.72 14.94
N MET B 300 -24.84 -5.51 13.66
CA MET B 300 -25.33 -6.36 12.59
C MET B 300 -24.31 -7.41 12.17
N ALA B 301 -23.27 -7.61 12.96
CA ALA B 301 -22.29 -8.66 12.74
C ALA B 301 -22.15 -9.48 14.00
N ALA B 302 -22.08 -10.80 13.85
CA ALA B 302 -22.08 -11.72 14.99
C ALA B 302 -20.69 -11.75 15.63
N CYS B 303 -20.34 -10.62 16.25
CA CYS B 303 -19.10 -10.53 17.00
C CYS B 303 -19.22 -9.39 18.00
N ASP B 304 -18.61 -9.57 19.17
CA ASP B 304 -18.71 -8.62 20.26
C ASP B 304 -17.69 -7.50 20.08
N PRO B 305 -18.10 -6.24 19.99
CA PRO B 305 -17.12 -5.15 19.91
C PRO B 305 -16.23 -5.02 21.13
N ARG B 306 -16.66 -5.54 22.29
CA ARG B 306 -15.88 -5.41 23.51
C ARG B 306 -14.63 -6.27 23.52
N HIS B 307 -14.49 -7.20 22.56
CA HIS B 307 -13.33 -8.09 22.52
C HIS B 307 -12.11 -7.45 21.87
N GLY B 308 -12.24 -6.25 21.33
CA GLY B 308 -11.11 -5.58 20.71
C GLY B 308 -11.36 -4.10 20.59
N ARG B 309 -10.28 -3.35 20.44
CA ARG B 309 -10.39 -1.91 20.37
C ARG B 309 -11.03 -1.47 19.06
N TYR B 310 -11.85 -0.42 19.13
CA TYR B 310 -12.35 0.22 17.93
C TYR B 310 -11.20 0.93 17.22
N LEU B 311 -11.23 0.91 15.89
CA LEU B 311 -10.29 1.71 15.11
C LEU B 311 -10.89 3.07 14.79
N THR B 312 -12.03 3.08 14.11
CA THR B 312 -12.73 4.32 13.77
C THR B 312 -14.22 4.07 13.79
N VAL B 313 -14.99 5.15 13.88
CA VAL B 313 -16.44 5.08 13.94
C VAL B 313 -17.01 6.23 13.12
N ALA B 314 -18.11 5.97 12.42
CA ALA B 314 -18.84 7.00 11.70
C ALA B 314 -20.29 6.97 12.14
N ALA B 315 -20.88 8.16 12.32
CA ALA B 315 -22.25 8.29 12.80
C ALA B 315 -22.98 9.27 11.91
N VAL B 316 -24.05 8.80 11.25
CA VAL B 316 -24.82 9.61 10.32
C VAL B 316 -26.21 9.80 10.92
N PHE B 317 -26.50 11.01 11.39
CA PHE B 317 -27.76 11.35 12.02
C PHE B 317 -28.73 11.93 10.99
N ARG B 318 -30.02 11.88 11.31
CA ARG B 318 -31.05 12.51 10.50
C ARG B 318 -32.04 13.22 11.41
N GLY B 319 -32.36 14.46 11.07
CA GLY B 319 -33.27 15.28 11.82
C GLY B 319 -32.73 16.67 12.03
N ARG B 320 -33.31 17.37 13.00
CA ARG B 320 -32.92 18.74 13.34
C ARG B 320 -32.43 18.75 14.79
N MET B 321 -31.11 18.68 14.96
CA MET B 321 -30.51 18.56 16.27
C MET B 321 -29.35 19.54 16.42
N SER B 322 -29.22 20.13 17.60
CA SER B 322 -28.05 20.96 17.89
C SER B 322 -26.80 20.10 17.86
N MET B 323 -25.77 20.59 17.17
CA MET B 323 -24.58 19.77 16.97
C MET B 323 -23.65 19.76 18.18
N LYS B 324 -23.82 20.70 19.11
CA LYS B 324 -23.14 20.55 20.40
C LYS B 324 -23.58 19.27 21.08
N GLU B 325 -24.87 18.94 21.00
CA GLU B 325 -25.38 17.73 21.63
C GLU B 325 -24.67 16.50 21.10
N VAL B 326 -24.62 16.34 19.76
CA VAL B 326 -24.04 15.15 19.18
C VAL B 326 -22.52 15.11 19.38
N ASP B 327 -21.86 16.27 19.27
CA ASP B 327 -20.41 16.28 19.45
C ASP B 327 -20.01 15.97 20.88
N GLU B 328 -20.76 16.50 21.86
CA GLU B 328 -20.52 16.15 23.25
C GLU B 328 -20.82 14.69 23.50
N GLN B 329 -21.86 14.15 22.84
CA GLN B 329 -22.17 12.73 22.97
C GLN B 329 -21.01 11.87 22.51
N MET B 330 -20.42 12.20 21.36
CA MET B 330 -19.26 11.45 20.89
C MET B 330 -18.06 11.60 21.81
N LEU B 331 -17.84 12.82 22.33
CA LEU B 331 -16.73 12.98 23.27
C LEU B 331 -16.93 12.11 24.50
N ASN B 332 -18.15 12.08 25.04
CA ASN B 332 -18.43 11.26 26.21
C ASN B 332 -18.27 9.77 25.89
N VAL B 333 -18.76 9.34 24.73
CA VAL B 333 -18.65 7.93 24.37
C VAL B 333 -17.19 7.53 24.24
N GLN B 334 -16.37 8.38 23.63
CA GLN B 334 -14.96 8.06 23.47
C GLN B 334 -14.24 8.01 24.81
N ASN B 335 -14.41 9.05 25.63
CA ASN B 335 -13.59 9.14 26.84
C ASN B 335 -14.06 8.19 27.94
N LYS B 336 -15.35 7.87 27.98
CA LYS B 336 -15.84 6.96 29.02
C LYS B 336 -15.38 5.53 28.76
N ASN B 337 -15.19 5.17 27.49
CA ASN B 337 -14.75 3.83 27.13
C ASN B 337 -13.39 3.87 26.44
N SER B 338 -12.46 4.62 27.03
CA SER B 338 -11.18 4.90 26.38
C SER B 338 -10.35 3.65 26.12
N SER B 339 -10.66 2.54 26.79
CA SER B 339 -9.95 1.29 26.53
C SER B 339 -10.50 0.54 25.33
N TYR B 340 -11.69 0.92 24.84
CA TYR B 340 -12.26 0.31 23.64
C TYR B 340 -11.86 1.01 22.36
N PHE B 341 -11.14 2.12 22.44
CA PHE B 341 -10.71 2.88 21.28
C PHE B 341 -9.20 2.97 21.27
N VAL B 342 -8.60 2.80 20.08
CA VAL B 342 -7.14 2.82 19.97
C VAL B 342 -6.59 4.17 20.39
N GLU B 343 -5.31 4.17 20.77
CA GLU B 343 -4.69 5.36 21.34
C GLU B 343 -4.03 6.27 20.31
N TRP B 344 -3.55 5.71 19.20
CA TRP B 344 -2.81 6.50 18.23
C TRP B 344 -3.70 7.13 17.16
N ILE B 345 -5.02 7.11 17.34
CA ILE B 345 -5.93 7.90 16.51
C ILE B 345 -6.84 8.70 17.44
N PRO B 346 -6.52 9.94 17.77
CA PRO B 346 -7.47 10.76 18.54
C PRO B 346 -8.71 11.07 17.73
N ASN B 347 -9.84 11.19 18.43
CA ASN B 347 -11.13 11.52 17.83
C ASN B 347 -11.50 10.51 16.74
N ASN B 348 -11.73 9.28 17.19
CA ASN B 348 -12.03 8.18 16.28
C ASN B 348 -13.35 8.35 15.54
N VAL B 349 -14.25 9.20 16.04
CA VAL B 349 -15.62 9.26 15.55
C VAL B 349 -15.78 10.45 14.61
N LYS B 350 -16.37 10.20 13.44
CA LYS B 350 -16.72 11.23 12.47
C LYS B 350 -18.24 11.31 12.37
N THR B 351 -18.78 12.52 12.50
CA THR B 351 -20.23 12.72 12.57
C THR B 351 -20.71 13.47 11.34
N ALA B 352 -21.89 13.09 10.86
CA ALA B 352 -22.59 13.80 9.81
C ALA B 352 -24.05 13.95 10.22
N VAL B 353 -24.68 15.04 9.77
CA VAL B 353 -26.06 15.33 10.14
C VAL B 353 -26.84 15.67 8.87
N CYS B 354 -27.95 14.97 8.65
CA CYS B 354 -28.85 15.22 7.54
C CYS B 354 -30.12 15.85 8.06
N ASP B 355 -30.61 16.87 7.35
CA ASP B 355 -31.72 17.66 7.87
C ASP B 355 -33.06 16.93 7.76
N ILE B 356 -33.24 16.13 6.72
CA ILE B 356 -34.53 15.51 6.42
C ILE B 356 -34.60 14.17 7.16
N PRO B 357 -35.53 13.99 8.08
CA PRO B 357 -35.64 12.70 8.79
C PRO B 357 -36.39 11.68 7.93
N PRO B 358 -36.31 10.40 8.27
CA PRO B 358 -37.07 9.40 7.54
C PRO B 358 -38.57 9.62 7.71
N ARG B 359 -39.33 9.21 6.69
CA ARG B 359 -40.78 9.34 6.75
C ARG B 359 -41.33 8.51 7.91
N GLY B 360 -42.22 9.12 8.69
CA GLY B 360 -42.71 8.47 9.88
C GLY B 360 -41.78 8.54 11.08
N LEU B 361 -40.75 9.37 11.03
CA LEU B 361 -39.81 9.50 12.12
C LEU B 361 -39.49 10.97 12.35
N LYS B 362 -39.14 11.29 13.59
CA LYS B 362 -38.62 12.60 13.95
C LYS B 362 -37.10 12.61 14.07
N MET B 363 -36.48 11.46 14.31
CA MET B 363 -35.05 11.38 14.51
C MET B 363 -34.60 9.97 14.20
N SER B 364 -33.42 9.84 13.60
CA SER B 364 -32.85 8.54 13.29
C SER B 364 -31.33 8.67 13.27
N ALA B 365 -30.65 7.54 13.09
CA ALA B 365 -29.20 7.53 13.20
C ALA B 365 -28.66 6.20 12.70
N THR B 366 -27.47 6.25 12.08
CA THR B 366 -26.80 5.07 11.54
C THR B 366 -25.37 5.05 12.04
N PHE B 367 -24.88 3.87 12.40
CA PHE B 367 -23.54 3.68 12.94
C PHE B 367 -22.74 2.76 12.02
N ILE B 368 -21.50 3.13 11.75
CA ILE B 368 -20.60 2.31 10.93
C ILE B 368 -19.25 2.24 11.62
N GLY B 369 -18.92 1.10 12.22
CA GLY B 369 -17.71 1.03 13.01
C GLY B 369 -16.66 0.08 12.47
N ASN B 370 -15.46 0.59 12.22
CA ASN B 370 -14.32 -0.25 11.85
C ASN B 370 -13.58 -0.57 13.14
N SER B 371 -13.65 -1.83 13.56
CA SER B 371 -13.07 -2.28 14.82
C SER B 371 -12.22 -3.51 14.58
N THR B 372 -11.20 -3.68 15.42
CA THR B 372 -10.30 -4.81 15.28
C THR B 372 -11.03 -6.14 15.51
N ALA B 373 -11.94 -6.18 16.48
CA ALA B 373 -12.56 -7.42 16.92
C ALA B 373 -13.15 -8.24 15.79
N ILE B 374 -13.42 -7.64 14.63
CA ILE B 374 -13.96 -8.36 13.50
C ILE B 374 -13.06 -9.52 13.08
N GLN B 375 -11.79 -9.52 13.49
CA GLN B 375 -10.92 -10.62 13.13
C GLN B 375 -11.45 -11.94 13.67
N GLU B 376 -12.17 -11.90 14.79
CA GLU B 376 -12.82 -13.11 15.28
C GLU B 376 -13.70 -13.71 14.20
N LEU B 377 -14.57 -12.89 13.61
CA LEU B 377 -15.47 -13.34 12.56
C LEU B 377 -14.75 -14.04 11.42
N PHE B 378 -13.42 -13.87 11.32
CA PHE B 378 -12.68 -14.54 10.28
C PHE B 378 -12.08 -15.87 10.76
N LYS B 379 -11.49 -15.89 11.96
CA LYS B 379 -10.78 -17.10 12.38
C LYS B 379 -11.69 -18.31 12.37
N ARG B 380 -12.93 -18.13 12.84
CA ARG B 380 -13.89 -19.22 12.85
C ARG B 380 -13.97 -19.86 11.46
N ILE B 381 -14.16 -19.04 10.43
CA ILE B 381 -14.20 -19.57 9.07
C ILE B 381 -12.90 -20.29 8.76
N SER B 382 -11.76 -19.63 9.02
CA SER B 382 -10.48 -20.25 8.73
C SER B 382 -10.25 -21.51 9.54
N GLU B 383 -11.01 -21.71 10.61
CA GLU B 383 -11.00 -23.02 11.27
C GLU B 383 -11.76 -24.04 10.45
N GLN B 384 -13.05 -23.76 10.19
CA GLN B 384 -13.90 -24.74 9.53
C GLN B 384 -13.34 -25.13 8.17
N PHE B 385 -12.98 -24.13 7.36
CA PHE B 385 -12.27 -24.38 6.11
C PHE B 385 -11.14 -25.38 6.32
N THR B 386 -10.20 -25.04 7.21
CA THR B 386 -9.10 -25.97 7.50
C THR B 386 -9.64 -27.29 8.00
N ALA B 387 -10.62 -27.27 8.91
CA ALA B 387 -11.17 -28.49 9.45
C ALA B 387 -11.75 -29.39 8.37
N MET B 388 -12.10 -28.82 7.22
CA MET B 388 -12.46 -29.65 6.08
C MET B 388 -11.28 -29.87 5.14
N PHE B 389 -10.50 -28.82 4.89
CA PHE B 389 -9.49 -28.89 3.84
C PHE B 389 -8.40 -29.89 4.17
N ARG B 390 -8.15 -30.13 5.46
CA ARG B 390 -7.16 -31.13 5.84
C ARG B 390 -7.57 -32.52 5.38
N ARG B 391 -8.86 -32.81 5.40
CA ARG B 391 -9.37 -34.10 4.94
C ARG B 391 -9.75 -34.09 3.47
N LYS B 392 -9.53 -32.98 2.78
CA LYS B 392 -9.87 -32.83 1.36
C LYS B 392 -11.33 -33.16 1.11
N ALA B 393 -12.19 -32.74 2.03
CA ALA B 393 -13.61 -32.96 1.89
C ALA B 393 -14.22 -32.00 0.88
N PHE B 394 -15.06 -32.54 0.00
CA PHE B 394 -15.85 -31.77 -0.96
C PHE B 394 -14.98 -31.02 -1.97
N LEU B 395 -13.67 -31.26 -1.97
CA LEU B 395 -12.79 -30.59 -2.94
C LEU B 395 -13.08 -31.03 -4.36
N HIS B 396 -13.37 -32.32 -4.55
CA HIS B 396 -13.44 -32.89 -5.90
C HIS B 396 -14.40 -32.10 -6.78
N TRP B 397 -15.47 -31.58 -6.19
CA TRP B 397 -16.44 -30.77 -6.92
C TRP B 397 -15.76 -29.56 -7.54
N TYR B 398 -15.15 -28.72 -6.69
CA TYR B 398 -14.49 -27.50 -7.17
C TYR B 398 -13.34 -27.84 -8.12
N THR B 399 -12.54 -28.85 -7.76
CA THR B 399 -11.34 -29.17 -8.53
C THR B 399 -11.70 -29.66 -9.93
N GLY B 400 -12.70 -30.54 -10.04
CA GLY B 400 -13.16 -30.95 -11.35
C GLY B 400 -13.91 -29.85 -12.07
N GLU B 401 -14.40 -28.87 -11.33
CA GLU B 401 -15.08 -27.74 -11.96
C GLU B 401 -14.09 -26.78 -12.62
N GLY B 402 -12.82 -26.83 -12.20
CA GLY B 402 -11.80 -26.01 -12.83
C GLY B 402 -10.97 -25.15 -11.89
N MET B 403 -10.94 -25.49 -10.61
CA MET B 403 -10.19 -24.75 -9.61
C MET B 403 -8.91 -25.49 -9.28
N ASP B 404 -7.78 -24.78 -9.38
CA ASP B 404 -6.49 -25.36 -9.00
C ASP B 404 -6.43 -25.56 -7.50
N GLU B 405 -5.65 -26.57 -7.08
CA GLU B 405 -5.59 -26.93 -5.67
C GLU B 405 -4.92 -25.84 -4.85
N MET B 406 -3.88 -25.20 -5.40
CA MET B 406 -3.12 -24.21 -4.64
C MET B 406 -3.93 -22.97 -4.30
N GLU B 407 -5.05 -22.74 -4.99
CA GLU B 407 -5.86 -21.56 -4.74
C GLU B 407 -6.46 -21.59 -3.34
N PHE B 408 -6.87 -22.78 -2.87
CA PHE B 408 -7.42 -22.90 -1.54
C PHE B 408 -6.37 -22.56 -0.48
N THR B 409 -5.15 -23.04 -0.66
CA THR B 409 -4.07 -22.72 0.27
C THR B 409 -3.77 -21.23 0.26
N GLU B 410 -3.76 -20.62 -0.93
CA GLU B 410 -3.53 -19.18 -1.02
C GLU B 410 -4.61 -18.40 -0.30
N ALA B 411 -5.88 -18.81 -0.48
CA ALA B 411 -6.98 -18.12 0.18
C ALA B 411 -6.89 -18.26 1.70
N GLU B 412 -6.58 -19.45 2.19
CA GLU B 412 -6.42 -19.63 3.62
C GLU B 412 -5.27 -18.79 4.17
N SER B 413 -4.16 -18.73 3.43
CA SER B 413 -3.02 -17.93 3.87
C SER B 413 -3.38 -16.46 3.94
N ASN B 414 -4.11 -15.95 2.94
CA ASN B 414 -4.46 -14.53 2.95
C ASN B 414 -5.49 -14.23 4.03
N MET B 415 -6.41 -15.16 4.30
CA MET B 415 -7.31 -14.98 5.44
C MET B 415 -6.53 -14.88 6.74
N ASN B 416 -5.55 -15.77 6.93
CA ASN B 416 -4.73 -15.71 8.13
C ASN B 416 -3.96 -14.39 8.20
N ASP B 417 -3.45 -13.92 7.06
CA ASP B 417 -2.70 -12.66 7.04
C ASP B 417 -3.59 -11.49 7.41
N LEU B 418 -4.83 -11.47 6.94
CA LEU B 418 -5.73 -10.38 7.30
C LEU B 418 -6.12 -10.44 8.78
N VAL B 419 -6.30 -11.65 9.30
CA VAL B 419 -6.54 -11.80 10.74
C VAL B 419 -5.37 -11.21 11.52
N SER B 420 -4.15 -11.53 11.10
CA SER B 420 -2.97 -10.96 11.75
C SER B 420 -2.93 -9.45 11.62
N GLU B 421 -3.37 -8.92 10.47
CA GLU B 421 -3.40 -7.47 10.28
C GLU B 421 -4.32 -6.81 11.30
N TYR B 422 -5.54 -7.35 11.46
CA TYR B 422 -6.46 -6.78 12.44
C TYR B 422 -5.94 -6.96 13.88
N GLN B 423 -5.39 -8.14 14.20
CA GLN B 423 -4.92 -8.36 15.56
C GLN B 423 -3.70 -7.52 15.88
N GLN B 424 -2.93 -7.13 14.86
CA GLN B 424 -1.68 -6.41 15.09
C GLN B 424 -1.93 -5.06 15.76
N TYR B 425 -2.96 -4.34 15.33
CA TYR B 425 -3.26 -3.04 15.90
C TYR B 425 -4.11 -3.12 17.17
N GLN B 426 -4.62 -4.31 17.50
CA GLN B 426 -5.40 -4.46 18.73
C GLN B 426 -4.53 -4.24 19.96
N ASP B 427 -3.31 -4.76 19.95
CA ASP B 427 -2.40 -4.61 21.08
C ASP B 427 -1.25 -3.67 20.71
N ASN C 113 10.97 -17.63 16.56
CA ASN C 113 12.20 -17.08 17.11
C ASN C 113 12.21 -15.56 17.03
N ARG C 114 12.89 -14.92 17.99
CA ARG C 114 12.92 -13.47 18.09
C ARG C 114 14.03 -12.90 17.21
N ASP C 115 14.13 -11.57 17.18
CA ASP C 115 15.13 -10.89 16.36
C ASP C 115 16.35 -10.62 17.22
N PRO C 116 17.51 -11.24 16.93
CA PRO C 116 18.70 -10.99 17.75
C PRO C 116 19.47 -9.74 17.34
N ARG C 117 19.31 -9.27 16.11
CA ARG C 117 20.02 -8.07 15.67
C ARG C 117 19.49 -6.85 16.40
N PRO C 118 20.34 -6.04 17.01
CA PRO C 118 19.89 -4.83 17.73
C PRO C 118 19.57 -3.65 16.82
N LEU C 119 18.41 -3.74 16.16
CA LEU C 119 17.96 -2.66 15.30
C LEU C 119 17.58 -1.42 16.11
N ARG C 120 17.13 -1.61 17.35
CA ARG C 120 16.74 -0.47 18.18
C ARG C 120 17.94 0.29 18.73
N ASP C 121 19.15 -0.22 18.57
CA ASP C 121 20.34 0.48 19.04
C ASP C 121 20.57 1.72 18.18
N LYS C 122 21.30 2.69 18.75
CA LYS C 122 21.47 3.98 18.09
C LYS C 122 22.79 4.07 17.31
N ASN C 123 23.92 3.83 17.98
CA ASN C 123 25.20 3.86 17.28
C ASN C 123 25.26 2.77 16.21
N PHE C 124 24.71 1.60 16.51
CA PHE C 124 24.58 0.56 15.50
C PHE C 124 23.74 1.04 14.31
N GLN C 125 22.64 1.74 14.60
CA GLN C 125 21.78 2.24 13.53
C GLN C 125 22.53 3.23 12.64
N SER C 126 23.30 4.12 13.27
CA SER C 126 24.10 5.07 12.50
C SER C 126 25.15 4.36 11.66
N ALA C 127 25.79 3.32 12.21
CA ALA C 127 26.77 2.56 11.45
C ALA C 127 26.13 1.90 10.24
N ILE C 128 24.93 1.34 10.42
CA ILE C 128 24.18 0.75 9.30
C ILE C 128 23.89 1.80 8.24
N GLN C 129 23.44 2.99 8.67
CA GLN C 129 23.29 4.10 7.74
C GLN C 129 24.57 4.30 6.96
N GLU C 130 25.71 4.25 7.65
CA GLU C 130 26.98 4.57 7.02
C GLU C 130 27.32 3.59 5.91
N GLU C 131 27.33 2.29 6.19
CA GLU C 131 27.80 1.42 5.10
C GLU C 131 26.72 1.26 4.04
N ILE C 132 25.44 1.37 4.41
CA ILE C 132 24.39 1.34 3.41
C ILE C 132 24.55 2.50 2.44
N TYR C 133 24.81 3.71 2.96
CA TYR C 133 25.01 4.85 2.08
C TYR C 133 26.27 4.69 1.24
N ASP C 134 27.34 4.17 1.82
CA ASP C 134 28.58 3.98 1.06
C ASP C 134 28.34 3.02 -0.10
N TYR C 135 27.73 1.87 0.17
CA TYR C 135 27.44 0.91 -0.89
C TYR C 135 26.51 1.51 -1.94
N LEU C 136 25.49 2.24 -1.50
CA LEU C 136 24.52 2.77 -2.46
C LEU C 136 25.16 3.82 -3.35
N LYS C 137 26.08 4.62 -2.80
CA LYS C 137 26.75 5.64 -3.58
C LYS C 137 27.78 5.05 -4.52
N LYS C 138 28.50 4.00 -4.10
CA LYS C 138 29.58 3.49 -4.93
C LYS C 138 29.08 2.78 -6.19
N ASN C 139 27.78 2.52 -6.30
CA ASN C 139 27.21 1.88 -7.47
C ASN C 139 26.50 2.86 -8.39
N LYS C 140 26.74 4.17 -8.21
CA LYS C 140 26.12 5.21 -9.05
C LYS C 140 24.60 5.12 -9.03
N PHE C 141 24.04 4.98 -7.82
CA PHE C 141 22.59 4.92 -7.67
C PHE C 141 21.94 6.22 -8.14
N ASP C 142 22.53 7.36 -7.77
CA ASP C 142 21.93 8.65 -8.05
C ASP C 142 21.73 8.90 -9.54
N ILE C 143 22.56 8.30 -10.38
CA ILE C 143 22.44 8.48 -11.82
C ILE C 143 21.52 7.42 -12.44
N GLU C 144 21.72 6.16 -12.08
CA GLU C 144 20.97 5.09 -12.74
C GLU C 144 19.51 5.11 -12.35
N THR C 145 19.21 5.43 -11.08
CA THR C 145 17.83 5.58 -10.64
C THR C 145 17.38 7.03 -10.51
N ASN C 146 18.15 7.97 -11.05
CA ASN C 146 17.88 9.41 -11.15
C ASN C 146 17.23 9.97 -9.88
N HIS C 147 17.56 9.43 -8.71
CA HIS C 147 17.01 9.87 -7.44
C HIS C 147 18.13 10.26 -6.50
N PRO C 148 18.22 11.51 -6.06
CA PRO C 148 19.28 11.88 -5.11
C PRO C 148 19.10 11.18 -3.78
N ILE C 149 20.22 10.90 -3.12
CA ILE C 149 20.25 10.22 -1.83
C ILE C 149 21.03 11.07 -0.84
N SER C 150 20.56 11.09 0.40
CA SER C 150 21.22 11.81 1.47
C SER C 150 21.04 11.04 2.77
N ILE C 151 21.91 11.33 3.74
CA ILE C 151 21.79 10.72 5.05
C ILE C 151 20.45 11.10 5.69
N LYS C 152 20.03 12.35 5.49
CA LYS C 152 18.75 12.79 6.02
C LYS C 152 17.59 12.04 5.38
N PHE C 153 17.69 11.76 4.08
CA PHE C 153 16.63 11.04 3.38
C PHE C 153 16.47 9.63 3.94
N LEU C 154 17.58 8.94 4.21
CA LEU C 154 17.49 7.63 4.83
C LEU C 154 17.08 7.72 6.29
N LYS C 155 17.36 8.84 6.96
CA LYS C 155 16.87 9.04 8.32
C LYS C 155 15.35 9.09 8.36
N GLN C 156 14.73 9.79 7.41
CA GLN C 156 13.28 9.89 7.31
C GLN C 156 12.83 9.31 5.97
N PRO C 157 12.43 8.05 5.93
CA PRO C 157 12.08 7.41 4.67
C PRO C 157 10.72 7.86 4.16
N THR C 158 10.43 7.49 2.92
CA THR C 158 9.15 7.76 2.29
C THR C 158 8.74 6.55 1.46
N GLN C 159 7.47 6.51 1.08
CA GLN C 159 6.95 5.38 0.32
C GLN C 159 7.69 5.22 -1.01
N LYS C 160 7.75 6.30 -1.79
CA LYS C 160 8.36 6.22 -3.12
C LYS C 160 9.85 5.93 -3.01
N GLY C 161 10.55 6.60 -2.10
CA GLY C 161 11.98 6.39 -1.96
C GLY C 161 12.32 4.99 -1.51
N PHE C 162 11.59 4.48 -0.50
CA PHE C 162 11.84 3.12 -0.03
C PHE C 162 11.52 2.10 -1.13
N ILE C 163 10.43 2.32 -1.87
CA ILE C 163 10.07 1.39 -2.93
C ILE C 163 11.14 1.39 -4.02
N ILE C 164 11.64 2.57 -4.40
CA ILE C 164 12.66 2.65 -5.44
C ILE C 164 13.96 2.00 -4.97
N ILE C 165 14.35 2.25 -3.72
CA ILE C 165 15.57 1.65 -3.19
C ILE C 165 15.44 0.13 -3.18
N PHE C 166 14.30 -0.39 -2.72
CA PHE C 166 14.10 -1.83 -2.69
C PHE C 166 14.10 -2.42 -4.10
N LYS C 167 13.49 -1.71 -5.06
CA LYS C 167 13.46 -2.20 -6.44
C LYS C 167 14.87 -2.30 -7.00
N TRP C 168 15.64 -1.23 -6.89
CA TRP C 168 17.02 -1.26 -7.38
C TRP C 168 17.84 -2.31 -6.65
N LEU C 169 17.59 -2.48 -5.36
CA LEU C 169 18.41 -3.35 -4.53
C LEU C 169 18.12 -4.82 -4.82
N TYR C 170 16.86 -5.14 -5.14
CA TYR C 170 16.52 -6.49 -5.58
C TYR C 170 16.91 -6.78 -7.02
N LEU C 171 16.80 -5.79 -7.93
CA LEU C 171 17.19 -6.05 -9.31
C LEU C 171 18.66 -6.41 -9.43
N ARG C 172 19.47 -6.08 -8.43
CA ARG C 172 20.84 -6.59 -8.40
C ARG C 172 20.88 -8.09 -8.10
N LEU C 173 19.84 -8.63 -7.47
CA LEU C 173 19.76 -10.06 -7.20
C LEU C 173 19.26 -10.84 -8.40
N ASP C 174 18.13 -10.42 -8.97
CA ASP C 174 17.53 -11.08 -10.12
C ASP C 174 17.24 -10.03 -11.18
N PRO C 175 18.20 -9.73 -12.06
CA PRO C 175 17.96 -8.69 -13.08
C PRO C 175 16.80 -9.01 -14.01
N GLY C 176 16.54 -10.29 -14.29
CA GLY C 176 15.47 -10.65 -15.20
C GLY C 176 14.08 -10.53 -14.63
N TYR C 177 13.94 -10.28 -13.32
CA TYR C 177 12.63 -10.13 -12.70
C TYR C 177 12.15 -8.70 -12.86
N GLY C 178 10.94 -8.55 -13.38
CA GLY C 178 10.34 -7.25 -13.63
C GLY C 178 9.24 -6.96 -12.63
N PHE C 179 9.12 -5.68 -12.26
CA PHE C 179 8.09 -5.25 -11.32
C PHE C 179 6.81 -4.87 -12.06
N THR C 180 5.74 -4.69 -11.28
CA THR C 180 4.44 -4.32 -11.81
C THR C 180 3.67 -3.61 -10.71
N LYS C 181 2.36 -3.44 -10.90
CA LYS C 181 1.51 -2.83 -9.89
C LYS C 181 1.40 -3.75 -8.67
N SER C 182 0.68 -3.27 -7.66
CA SER C 182 0.56 -3.95 -6.37
C SER C 182 1.94 -4.21 -5.77
N ILE C 183 2.62 -3.10 -5.47
CA ILE C 183 4.02 -3.17 -5.03
C ILE C 183 4.14 -3.91 -3.71
N GLU C 184 3.20 -3.68 -2.78
CA GLU C 184 3.29 -4.29 -1.46
C GLU C 184 3.22 -5.81 -1.54
N ASN C 185 2.27 -6.33 -2.33
CA ASN C 185 2.13 -7.77 -2.47
C ASN C 185 3.38 -8.37 -3.11
N GLU C 186 3.94 -7.68 -4.12
CA GLU C 186 5.17 -8.16 -4.75
C GLU C 186 6.32 -8.19 -3.76
N ILE C 187 6.44 -7.17 -2.91
CA ILE C 187 7.50 -7.16 -1.90
C ILE C 187 7.31 -8.31 -0.93
N TYR C 188 6.08 -8.56 -0.49
CA TYR C 188 5.84 -9.66 0.44
C TYR C 188 6.19 -11.00 -0.21
N GLN C 189 5.79 -11.20 -1.46
CA GLN C 189 6.10 -12.44 -2.17
C GLN C 189 7.60 -12.62 -2.33
N ILE C 190 8.30 -11.53 -2.67
CA ILE C 190 9.76 -11.57 -2.79
C ILE C 190 10.39 -11.95 -1.47
N LEU C 191 9.94 -11.34 -0.38
CA LEU C 191 10.51 -11.65 0.93
C LEU C 191 10.25 -13.10 1.31
N LYS C 192 9.08 -13.63 0.95
CA LYS C 192 8.78 -15.03 1.22
C LYS C 192 9.69 -15.96 0.44
N ASN C 193 9.86 -15.71 -0.85
CA ASN C 193 10.52 -16.69 -1.70
C ASN C 193 12.04 -16.58 -1.57
N LEU C 194 12.54 -15.50 -0.95
CA LEU C 194 13.96 -15.40 -0.62
C LEU C 194 14.37 -16.27 0.57
N ARG C 195 13.51 -17.17 1.03
CA ARG C 195 13.80 -18.04 2.17
C ARG C 195 14.16 -17.22 3.42
N TYR C 196 13.44 -16.11 3.61
CA TYR C 196 13.73 -15.21 4.72
C TYR C 196 13.26 -15.84 6.04
N PRO C 197 14.10 -15.88 7.08
CA PRO C 197 13.73 -16.59 8.31
C PRO C 197 12.91 -15.78 9.30
N PHE C 198 13.07 -14.46 9.30
CA PHE C 198 12.43 -13.60 10.30
C PHE C 198 11.13 -12.98 9.79
N LEU C 199 10.49 -13.59 8.80
CA LEU C 199 9.30 -13.01 8.18
C LEU C 199 8.09 -13.04 9.12
N GLU C 200 8.06 -13.94 10.10
CA GLU C 200 6.90 -14.00 10.99
C GLU C 200 6.76 -12.72 11.83
N SER C 201 7.79 -11.89 11.88
CA SER C 201 7.75 -10.62 12.57
C SER C 201 7.40 -9.44 11.67
N ILE C 202 7.09 -9.69 10.40
CA ILE C 202 6.73 -8.64 9.45
C ILE C 202 5.29 -8.88 9.01
N ASN C 203 4.64 -7.79 8.58
CA ASN C 203 3.24 -7.85 8.16
C ASN C 203 3.06 -6.97 6.93
N LYS C 204 2.04 -7.30 6.13
CA LYS C 204 1.82 -6.60 4.87
C LYS C 204 1.52 -5.13 5.09
N SER C 205 0.70 -4.81 6.10
CA SER C 205 0.34 -3.41 6.34
C SER C 205 1.55 -2.60 6.76
N GLN C 206 2.46 -3.20 7.52
CA GLN C 206 3.72 -2.51 7.86
C GLN C 206 4.54 -2.23 6.61
N ILE C 207 4.58 -3.19 5.67
CA ILE C 207 5.27 -2.96 4.41
C ILE C 207 4.62 -1.81 3.65
N SER C 208 3.29 -1.72 3.71
CA SER C 208 2.59 -0.65 3.02
C SER C 208 2.97 0.72 3.56
N ALA C 209 3.31 0.81 4.84
CA ALA C 209 3.70 2.08 5.49
C ALA C 209 5.08 1.89 6.10
N VAL C 210 6.12 2.15 5.30
CA VAL C 210 7.48 1.90 5.73
C VAL C 210 7.91 2.89 6.80
N GLY C 211 7.48 4.14 6.70
CA GLY C 211 8.10 5.23 7.45
C GLY C 211 7.77 5.29 8.92
N GLY C 212 6.85 4.46 9.41
CA GLY C 212 6.47 4.50 10.80
C GLY C 212 7.55 4.04 11.76
N SER C 213 7.18 3.75 13.00
CA SER C 213 8.14 3.22 13.96
C SER C 213 8.72 1.90 13.48
N ASN C 214 7.94 1.12 12.74
CA ASN C 214 8.41 -0.17 12.23
C ASN C 214 9.62 -0.03 11.32
N TRP C 215 9.88 1.19 10.81
CA TRP C 215 11.07 1.44 10.02
C TRP C 215 12.34 1.11 10.78
N HIS C 216 12.30 1.14 12.12
CA HIS C 216 13.48 0.79 12.89
C HIS C 216 13.95 -0.63 12.59
N LYS C 217 13.05 -1.47 12.07
CA LYS C 217 13.48 -2.77 11.56
C LYS C 217 13.77 -2.72 10.07
N PHE C 218 12.92 -2.01 9.31
CA PHE C 218 12.87 -2.19 7.87
C PHE C 218 14.20 -1.85 7.20
N LEU C 219 14.84 -0.76 7.64
CA LEU C 219 16.13 -0.39 7.04
C LEU C 219 17.14 -1.50 7.22
N GLY C 220 17.18 -2.12 8.40
CA GLY C 220 18.09 -3.22 8.63
C GLY C 220 17.83 -4.37 7.67
N MET C 221 16.56 -4.56 7.29
CA MET C 221 16.24 -5.57 6.30
C MET C 221 17.03 -5.31 5.02
N LEU C 222 17.01 -4.05 4.55
CA LEU C 222 17.78 -3.67 3.38
C LEU C 222 19.25 -4.04 3.56
N HIS C 223 19.77 -3.87 4.77
CA HIS C 223 21.15 -4.23 5.06
C HIS C 223 21.44 -5.65 4.61
N TRP C 224 20.56 -6.59 4.98
CA TRP C 224 20.82 -7.99 4.62
C TRP C 224 20.84 -8.12 3.10
N MET C 225 19.90 -7.44 2.43
CA MET C 225 19.98 -7.28 0.97
C MET C 225 21.41 -7.00 0.55
N VAL C 226 21.96 -5.88 1.00
CA VAL C 226 23.30 -5.48 0.58
C VAL C 226 24.29 -6.57 0.89
N ARG C 227 24.18 -7.18 2.09
CA ARG C 227 25.12 -8.22 2.47
C ARG C 227 25.09 -9.37 1.46
N THR C 228 23.88 -9.78 1.08
CA THR C 228 23.76 -10.84 0.08
C THR C 228 24.50 -10.45 -1.19
N ASN C 229 24.28 -9.21 -1.65
CA ASN C 229 24.99 -8.72 -2.82
C ASN C 229 26.49 -8.91 -2.67
N ILE C 230 27.03 -8.50 -1.53
CA ILE C 230 28.46 -8.69 -1.28
C ILE C 230 28.80 -10.17 -1.40
N LYS C 231 28.06 -11.00 -0.66
CA LYS C 231 28.28 -12.44 -0.75
C LYS C 231 28.13 -12.91 -2.19
N LEU C 232 27.13 -12.37 -2.89
CA LEU C 232 26.88 -12.75 -4.27
C LEU C 232 28.15 -12.65 -5.11
N ASP C 233 28.91 -11.55 -4.94
CA ASP C 233 30.05 -11.38 -5.83
C ASP C 233 31.14 -12.39 -5.53
N MET C 234 31.35 -12.74 -4.25
CA MET C 234 32.30 -13.81 -3.96
C MET C 234 31.89 -15.10 -4.65
N CYS C 235 30.60 -15.34 -4.82
CA CYS C 235 30.16 -16.48 -5.62
C CYS C 235 30.36 -16.20 -7.11
N LEU C 236 29.97 -15.00 -7.56
CA LEU C 236 29.72 -14.77 -8.98
C LEU C 236 30.94 -15.10 -9.82
N ASN C 237 32.02 -14.35 -9.63
CA ASN C 237 33.23 -14.57 -10.43
C ASN C 237 33.71 -16.02 -10.32
N LYS C 238 33.54 -16.63 -9.15
CA LYS C 238 34.06 -17.99 -8.97
C LYS C 238 33.40 -18.96 -9.94
N VAL C 239 32.12 -18.73 -10.25
CA VAL C 239 31.47 -19.57 -11.25
C VAL C 239 32.26 -19.54 -12.55
N ASP C 240 32.57 -18.33 -13.03
CA ASP C 240 33.44 -18.21 -14.19
C ASP C 240 34.80 -18.83 -13.91
N ARG C 241 35.33 -18.58 -12.71
CA ARG C 241 36.60 -19.18 -12.33
C ARG C 241 36.51 -20.70 -12.41
N SER C 242 35.36 -21.27 -12.05
CA SER C 242 35.17 -22.71 -12.20
C SER C 242 35.40 -23.12 -13.65
N LEU C 243 34.73 -22.44 -14.58
CA LEU C 243 34.98 -22.70 -16.00
C LEU C 243 36.44 -22.45 -16.33
N ILE C 244 37.04 -21.41 -15.74
CA ILE C 244 38.45 -21.13 -15.97
C ILE C 244 39.29 -22.35 -15.59
N ASN C 245 38.95 -23.00 -14.46
CA ASN C 245 39.64 -24.22 -14.10
C ASN C 245 39.52 -25.26 -15.19
N GLN C 246 38.29 -25.47 -15.69
CA GLN C 246 38.08 -26.40 -16.79
C GLN C 246 38.84 -26.00 -18.04
N ASN C 247 39.17 -24.71 -18.17
CA ASN C 247 39.98 -24.27 -19.30
C ASN C 247 41.46 -24.59 -19.10
N THR C 248 41.95 -24.55 -17.85
CA THR C 248 43.39 -24.66 -17.61
C THR C 248 43.75 -25.91 -16.81
N GLN C 249 43.17 -26.11 -15.62
CA GLN C 249 43.64 -27.15 -14.71
C GLN C 249 43.55 -28.53 -15.35
N GLU C 250 42.43 -28.83 -16.00
CA GLU C 250 42.29 -30.11 -16.68
C GLU C 250 43.38 -30.31 -17.73
N ILE C 251 43.72 -29.24 -18.44
CA ILE C 251 44.82 -29.31 -19.41
C ILE C 251 46.11 -29.72 -18.70
N THR C 252 46.36 -29.13 -17.52
CA THR C 252 47.52 -29.55 -16.75
C THR C 252 47.44 -31.02 -16.38
N ILE C 253 46.23 -31.51 -16.07
CA ILE C 253 46.05 -32.92 -15.79
C ILE C 253 46.40 -33.76 -17.01
N LEU C 254 46.18 -33.21 -18.21
CA LEU C 254 46.56 -33.90 -19.43
C LEU C 254 48.05 -33.78 -19.73
N SER C 255 48.77 -32.89 -19.05
CA SER C 255 50.20 -32.70 -19.28
C SER C 255 51.05 -33.34 -18.19
N GLN C 256 50.45 -34.15 -17.30
CA GLN C 256 51.20 -34.76 -16.22
C GLN C 256 51.39 -36.25 -16.48
N PRO C 257 52.48 -36.83 -15.98
CA PRO C 257 52.71 -38.27 -16.17
C PRO C 257 51.74 -39.10 -15.34
N LEU C 258 51.54 -40.34 -15.78
CA LEU C 258 50.67 -41.29 -15.12
C LEU C 258 51.48 -42.47 -14.60
N LYS C 259 51.23 -42.84 -13.35
CA LYS C 259 51.92 -43.95 -12.72
C LYS C 259 50.99 -45.05 -12.23
N THR C 260 49.68 -44.90 -12.41
CA THR C 260 48.72 -45.90 -11.98
C THR C 260 47.56 -45.94 -12.97
N LEU C 261 46.83 -47.06 -12.97
CA LEU C 261 45.67 -47.19 -13.85
C LEU C 261 44.58 -46.20 -13.48
N ASP C 262 44.42 -45.91 -12.19
CA ASP C 262 43.43 -44.92 -11.78
C ASP C 262 43.75 -43.54 -12.32
N GLU C 263 45.03 -43.17 -12.32
CA GLU C 263 45.43 -41.88 -12.88
C GLU C 263 45.14 -41.82 -14.38
N GLN C 264 45.41 -42.90 -15.10
CA GLN C 264 45.13 -42.94 -16.53
C GLN C 264 43.63 -42.84 -16.80
N ASP C 265 42.81 -43.53 -15.99
CA ASP C 265 41.37 -43.44 -16.14
C ASP C 265 40.88 -42.04 -15.86
N GLN C 266 41.42 -41.39 -14.83
CA GLN C 266 41.04 -40.01 -14.52
C GLN C 266 41.43 -39.07 -15.66
N ARG C 267 42.61 -39.26 -16.24
CA ARG C 267 43.04 -38.43 -17.36
C ARG C 267 42.13 -38.63 -18.56
N GLN C 268 41.75 -39.88 -18.85
CA GLN C 268 40.84 -40.14 -19.96
C GLN C 268 39.48 -39.51 -19.71
N GLU C 269 38.97 -39.59 -18.46
CA GLU C 269 37.70 -38.96 -18.14
C GLU C 269 37.78 -37.45 -18.28
N ARG C 270 38.90 -36.85 -17.86
CA ARG C 270 39.07 -35.41 -18.00
C ARG C 270 39.12 -35.01 -19.47
N TYR C 271 39.81 -35.80 -20.30
CA TYR C 271 39.85 -35.51 -21.73
C TYR C 271 38.46 -35.61 -22.36
N GLU C 272 37.70 -36.64 -21.97
CA GLU C 272 36.33 -36.77 -22.48
C GLU C 272 35.45 -35.61 -22.04
N LEU C 273 35.61 -35.18 -20.79
CA LEU C 273 34.83 -34.04 -20.31
C LEU C 273 35.21 -32.76 -21.05
N MET C 274 36.50 -32.57 -21.33
CA MET C 274 36.94 -31.40 -22.08
C MET C 274 36.38 -31.42 -23.51
N VAL C 275 36.38 -32.60 -24.14
CA VAL C 275 35.82 -32.73 -25.48
C VAL C 275 34.32 -32.42 -25.46
N GLU C 276 33.61 -32.93 -24.45
CA GLU C 276 32.18 -32.65 -24.34
C GLU C 276 31.93 -31.16 -24.12
N LYS C 277 32.75 -30.52 -23.30
CA LYS C 277 32.60 -29.08 -23.06
C LYS C 277 32.86 -28.29 -24.32
N LEU C 278 33.88 -28.67 -25.10
CA LEU C 278 34.14 -27.99 -26.37
C LEU C 278 32.98 -28.17 -27.34
N LEU C 279 32.42 -29.39 -27.41
CA LEU C 279 31.27 -29.62 -28.27
C LEU C 279 30.07 -28.80 -27.82
N ILE C 280 29.85 -28.70 -26.52
CA ILE C 280 28.73 -27.90 -25.99
C ILE C 280 28.93 -26.43 -26.31
N ASP C 281 30.16 -25.93 -26.18
CA ASP C 281 30.43 -24.54 -26.51
C ASP C 281 30.20 -24.27 -27.99
N TYR C 282 30.66 -25.19 -28.85
CA TYR C 282 30.43 -25.02 -30.28
C TYR C 282 28.94 -25.04 -30.61
N PHE C 283 28.18 -25.93 -29.98
CA PHE C 283 26.74 -25.99 -30.20
C PHE C 283 26.06 -24.71 -29.73
N THR C 284 26.50 -24.18 -28.59
CA THR C 284 25.93 -22.93 -28.09
C THR C 284 26.23 -21.76 -29.02
N GLU C 285 27.46 -21.70 -29.54
CA GLU C 285 27.79 -20.64 -30.50
C GLU C 285 26.97 -20.78 -31.77
N SER C 286 26.79 -22.01 -32.26
CA SER C 286 25.97 -22.21 -33.45
C SER C 286 24.52 -21.83 -33.20
N TYR C 287 23.99 -22.15 -32.02
CA TYR C 287 22.62 -21.78 -31.69
C TYR C 287 22.48 -20.26 -31.59
N LYS C 288 23.46 -19.58 -31.01
CA LYS C 288 23.42 -18.12 -30.95
C LYS C 288 23.46 -17.52 -32.35
N SER C 289 24.29 -18.07 -33.23
CA SER C 289 24.33 -17.60 -34.61
C SER C 289 22.99 -17.84 -35.32
N PHE C 290 22.38 -19.00 -35.09
CA PHE C 290 21.13 -19.33 -35.75
C PHE C 290 19.95 -18.58 -35.16
N LEU C 291 20.09 -18.02 -33.95
CA LEU C 291 18.99 -17.30 -33.33
C LEU C 291 18.62 -16.06 -34.12
N LYS C 292 19.60 -15.35 -34.67
CA LYS C 292 19.35 -14.08 -35.35
C LYS C 292 19.04 -14.28 -36.83
N LEU C 293 18.09 -15.17 -37.13
CA LEU C 293 17.56 -15.36 -38.48
C LEU C 293 18.67 -15.58 -39.50
N GLU C 294 19.63 -16.42 -39.16
CA GLU C 294 20.76 -16.68 -40.05
C GLU C 294 21.27 -18.09 -39.81
N ASP C 295 22.05 -18.57 -40.77
CA ASP C 295 22.69 -19.89 -40.69
C ASP C 295 24.17 -19.70 -40.99
N ASN C 296 24.95 -19.37 -39.95
CA ASN C 296 26.39 -19.12 -40.08
C ASN C 296 27.10 -19.94 -39.00
N TYR C 297 27.42 -21.18 -39.33
CA TYR C 297 28.14 -22.07 -38.42
C TYR C 297 29.64 -22.06 -38.68
N GLU C 298 30.12 -21.20 -39.57
CA GLU C 298 31.55 -21.17 -39.90
C GLU C 298 32.41 -20.85 -38.69
N PRO C 299 32.12 -19.79 -37.90
CA PRO C 299 32.91 -19.57 -36.69
C PRO C 299 32.83 -20.72 -35.70
N SER C 300 31.64 -21.32 -35.55
CA SER C 300 31.51 -22.47 -34.67
C SER C 300 32.31 -23.65 -35.18
N MET C 301 32.29 -23.89 -36.49
CA MET C 301 33.08 -24.97 -37.07
C MET C 301 34.57 -24.73 -36.86
N GLN C 302 35.03 -23.49 -37.03
CA GLN C 302 36.43 -23.17 -36.82
C GLN C 302 36.82 -23.39 -35.36
N GLU C 303 35.97 -22.96 -34.43
CA GLU C 303 36.27 -23.17 -33.01
C GLU C 303 36.31 -24.65 -32.67
N LEU C 304 35.38 -25.43 -33.22
CA LEU C 304 35.37 -26.87 -32.97
C LEU C 304 36.62 -27.52 -33.55
N LYS C 305 37.04 -27.10 -34.74
CA LYS C 305 38.26 -27.64 -35.34
C LYS C 305 39.49 -27.30 -34.50
N LEU C 306 39.56 -26.07 -34.02
CA LEU C 306 40.69 -25.68 -33.17
C LEU C 306 40.71 -26.48 -31.88
N GLY C 307 39.55 -26.67 -31.25
CA GLY C 307 39.49 -27.48 -30.05
C GLY C 307 39.87 -28.93 -30.29
N PHE C 308 39.41 -29.49 -31.42
CA PHE C 308 39.77 -30.86 -31.75
C PHE C 308 41.26 -30.99 -32.01
N GLU C 309 41.86 -30.00 -32.68
CA GLU C 309 43.30 -30.02 -32.91
C GLU C 309 44.07 -29.94 -31.60
N LYS C 310 43.63 -29.08 -30.68
CA LYS C 310 44.29 -28.99 -29.38
C LYS C 310 44.18 -30.29 -28.61
N PHE C 311 42.98 -30.90 -28.62
CA PHE C 311 42.80 -32.18 -27.93
C PHE C 311 43.66 -33.27 -28.56
N VAL C 312 43.77 -33.28 -29.89
CA VAL C 312 44.59 -34.28 -30.56
C VAL C 312 46.06 -34.08 -30.21
N HIS C 313 46.51 -32.83 -30.16
CA HIS C 313 47.90 -32.56 -29.78
C HIS C 313 48.17 -33.01 -28.35
N ILE C 314 47.24 -32.72 -27.44
CA ILE C 314 47.41 -33.15 -26.04
C ILE C 314 47.44 -34.67 -25.95
N ILE C 315 46.55 -35.34 -26.68
CA ILE C 315 46.51 -36.81 -26.66
C ILE C 315 47.80 -37.39 -27.22
N ASN C 316 48.32 -36.78 -28.31
CA ASN C 316 49.56 -37.26 -28.89
C ASN C 316 50.73 -37.08 -27.93
N THR C 317 50.79 -35.93 -27.23
CA THR C 317 51.84 -35.72 -26.25
C THR C 317 51.75 -36.73 -25.12
N ASP C 318 50.53 -36.98 -24.63
CA ASP C 318 50.35 -37.96 -23.57
C ASP C 318 50.75 -39.36 -24.02
N ILE C 319 50.39 -39.72 -25.26
CA ILE C 319 50.74 -41.03 -25.79
C ILE C 319 52.24 -41.17 -25.94
N ALA C 320 52.91 -40.12 -26.41
CA ALA C 320 54.36 -40.15 -26.52
C ALA C 320 55.02 -40.30 -25.16
N ASN C 321 54.53 -39.56 -24.17
CA ASN C 321 55.07 -39.69 -22.81
C ASN C 321 54.86 -41.10 -22.27
N LEU C 322 53.67 -41.66 -22.49
CA LEU C 322 53.39 -43.01 -22.01
C LEU C 322 54.28 -44.03 -22.71
N GLN C 323 54.50 -43.88 -24.01
CA GLN C 323 55.36 -44.79 -24.74
C GLN C 323 56.81 -44.70 -24.25
N THR C 324 57.29 -43.48 -24.01
CA THR C 324 58.64 -43.32 -23.47
C THR C 324 58.76 -43.95 -22.09
N GLN C 325 57.75 -43.75 -21.24
CA GLN C 325 57.75 -44.35 -19.92
C GLN C 325 57.73 -45.87 -20.00
N ASN C 326 56.94 -46.42 -20.92
CA ASN C 326 56.88 -47.87 -21.08
C ASN C 326 58.21 -48.44 -21.58
N ASP C 327 58.86 -47.75 -22.53
CA ASP C 327 60.16 -48.21 -23.00
C ASP C 327 61.20 -48.16 -21.90
N ASN C 328 61.21 -47.07 -21.12
CA ASN C 328 62.13 -46.97 -20.00
C ASN C 328 61.86 -48.06 -18.96
N LEU C 329 60.58 -48.33 -18.70
CA LEU C 329 60.22 -49.38 -17.75
C LEU C 329 60.65 -50.76 -18.24
N TYR C 330 60.51 -51.02 -19.54
CA TYR C 330 60.95 -52.31 -20.09
C TYR C 330 62.47 -52.46 -20.00
N GLU C 331 63.21 -51.40 -20.34
CA GLU C 331 64.66 -51.45 -20.22
C GLU C 331 65.09 -51.65 -18.77
N LYS C 332 64.44 -50.93 -17.86
CA LYS C 332 64.73 -51.10 -16.44
C LYS C 332 64.36 -52.49 -15.95
N TYR C 333 63.29 -53.08 -16.51
CA TYR C 333 62.91 -54.44 -16.12
C TYR C 333 63.96 -55.46 -16.57
N GLN C 334 64.46 -55.32 -17.79
CA GLN C 334 65.52 -56.21 -18.26
C GLN C 334 66.78 -56.05 -17.41
N GLU C 335 67.16 -54.80 -17.14
CA GLU C 335 68.33 -54.54 -16.31
C GLU C 335 68.14 -55.09 -14.90
N VAL C 336 66.93 -54.96 -14.36
CA VAL C 336 66.62 -55.44 -13.02
C VAL C 336 66.65 -56.96 -12.97
N MET C 337 66.19 -57.62 -14.02
CA MET C 337 66.27 -59.07 -14.08
C MET C 337 67.72 -59.54 -14.10
N LYS C 338 68.54 -58.90 -14.93
CA LYS C 338 69.96 -59.26 -14.97
C LYS C 338 70.64 -59.00 -13.63
N ILE C 339 70.35 -57.85 -13.02
CA ILE C 339 70.93 -57.49 -11.74
C ILE C 339 70.44 -58.44 -10.65
N SER C 340 69.19 -58.89 -10.73
CA SER C 340 68.67 -59.82 -9.74
C SER C 340 69.33 -61.18 -9.85
N GLN C 341 69.57 -61.65 -11.08
CA GLN C 341 70.30 -62.90 -11.25
C GLN C 341 71.73 -62.78 -10.69
N LYS C 342 72.40 -61.67 -11.02
CA LYS C 342 73.75 -61.46 -10.52
C LYS C 342 73.77 -61.35 -9.00
N ILE C 343 72.79 -60.66 -8.43
CA ILE C 343 72.73 -60.47 -6.98
C ILE C 343 72.42 -61.78 -6.28
N LYS C 344 71.57 -62.62 -6.87
CA LYS C 344 71.30 -63.93 -6.29
C LYS C 344 72.55 -64.79 -6.29
N THR C 345 73.29 -64.79 -7.41
CA THR C 345 74.54 -65.55 -7.45
C THR C 345 75.53 -65.03 -6.42
N THR C 346 75.67 -63.70 -6.32
CA THR C 346 76.61 -63.11 -5.37
C THR C 346 76.20 -63.40 -3.93
N ARG C 347 74.90 -63.35 -3.64
CA ARG C 347 74.42 -63.64 -2.29
C ARG C 347 74.65 -65.09 -1.92
N GLU C 348 74.41 -66.01 -2.86
CA GLU C 348 74.70 -67.42 -2.59
C GLU C 348 76.18 -67.63 -2.33
N LYS C 349 77.04 -67.02 -3.15
CA LYS C 349 78.49 -67.16 -2.94
C LYS C 349 78.91 -66.56 -1.60
N TRP C 350 78.37 -65.40 -1.25
CA TRP C 350 78.71 -64.75 0.01
C TRP C 350 78.24 -65.58 1.20
N LYS C 351 77.04 -66.14 1.12
CA LYS C 351 76.54 -66.99 2.21
C LYS C 351 77.41 -68.24 2.37
N ALA C 352 77.78 -68.87 1.25
CA ALA C 352 78.64 -70.04 1.34
C ALA C 352 80.00 -69.69 1.93
N LEU C 353 80.58 -68.57 1.50
CA LEU C 353 81.89 -68.16 2.02
C LEU C 353 81.80 -67.82 3.50
N LYS C 354 80.74 -67.14 3.93
CA LYS C 354 80.57 -66.80 5.34
C LYS C 354 80.39 -68.06 6.18
N SER C 355 79.62 -69.03 5.68
CA SER C 355 79.46 -70.28 6.41
C SER C 355 80.79 -71.02 6.53
N ASP C 356 81.56 -71.06 5.44
CA ASP C 356 82.86 -71.72 5.48
C ASP C 356 83.80 -71.03 6.46
N SER C 357 83.81 -69.69 6.45
CA SER C 357 84.67 -68.95 7.36
C SER C 357 84.26 -69.17 8.81
N ASN C 358 82.95 -69.19 9.09
CA ASN C 358 82.49 -69.44 10.44
C ASN C 358 82.86 -70.85 10.91
N LYS C 359 82.70 -71.84 10.02
CA LYS C 359 83.08 -73.20 10.38
C LYS C 359 84.58 -73.31 10.64
N TYR C 360 85.40 -72.66 9.81
CA TYR C 360 86.84 -72.69 10.01
C TYR C 360 87.24 -72.01 11.31
N GLU C 361 86.60 -70.87 11.62
CA GLU C 361 86.90 -70.19 12.87
C GLU C 361 86.50 -71.02 14.07
N ASN C 362 85.34 -71.69 14.00
CA ASN C 362 84.91 -72.56 15.09
C ASN C 362 85.86 -73.73 15.27
N TYR C 363 86.34 -74.30 14.17
CA TYR C 363 87.29 -75.41 14.26
C TYR C 363 88.62 -74.95 14.84
N VAL C 364 89.09 -73.76 14.44
CA VAL C 364 90.38 -73.27 14.90
C VAL C 364 90.31 -72.69 16.30
N ASN C 365 89.13 -72.36 16.79
CA ASN C 365 88.99 -71.79 18.13
C ASN C 365 88.28 -72.76 19.08
N MET D 1 6.34 -7.09 -15.53
CA MET D 1 7.05 -8.33 -15.79
C MET D 1 7.77 -8.29 -17.12
N SER D 2 9.02 -8.76 -17.14
CA SER D 2 9.80 -8.77 -18.37
C SER D 2 9.21 -9.76 -19.37
N ARG D 3 9.28 -9.40 -20.65
CA ARG D 3 8.80 -10.27 -21.72
C ARG D 3 9.51 -9.90 -23.01
N ASN D 4 9.86 -10.91 -23.79
CA ASN D 4 10.55 -10.71 -25.07
C ASN D 4 9.90 -11.54 -26.16
N GLN D 5 10.17 -11.17 -27.40
CA GLN D 5 9.74 -11.98 -28.54
C GLN D 5 10.75 -13.09 -28.78
N ASP D 6 10.25 -14.28 -29.11
CA ASP D 6 11.09 -15.46 -29.28
C ASP D 6 11.15 -15.88 -30.75
N VAL D 7 12.33 -16.32 -31.17
CA VAL D 7 12.50 -16.79 -32.54
C VAL D 7 11.77 -18.13 -32.74
N PHE D 8 11.78 -18.98 -31.72
CA PHE D 8 11.12 -20.27 -31.84
C PHE D 8 9.61 -20.10 -31.67
N PRO D 9 8.81 -20.91 -32.35
CA PRO D 9 7.35 -20.82 -32.20
C PRO D 9 6.87 -21.47 -30.92
N ILE D 10 5.63 -21.14 -30.55
CA ILE D 10 5.00 -21.74 -29.38
C ILE D 10 4.61 -23.18 -29.72
N LEU D 11 4.95 -24.11 -28.83
CA LEU D 11 4.76 -25.53 -29.08
C LEU D 11 3.87 -26.13 -28.00
N ASP D 12 2.97 -27.02 -28.40
CA ASP D 12 2.03 -27.61 -27.45
C ASP D 12 2.70 -28.76 -26.69
N LEU D 13 2.00 -29.23 -25.65
CA LEU D 13 2.64 -29.92 -24.54
C LEU D 13 2.95 -31.39 -24.82
N GLN D 14 2.09 -32.11 -25.56
CA GLN D 14 2.17 -33.57 -25.55
C GLN D 14 3.40 -34.10 -26.30
N GLU D 15 3.67 -33.60 -27.51
CA GLU D 15 4.87 -34.12 -28.16
C GLU D 15 6.13 -33.54 -27.52
N LEU D 16 6.01 -32.37 -26.88
CA LEU D 16 7.08 -31.89 -26.01
C LEU D 16 7.42 -32.94 -24.95
N VAL D 17 6.41 -33.46 -24.27
CA VAL D 17 6.63 -34.45 -23.22
C VAL D 17 7.27 -35.72 -23.79
N ILE D 18 6.71 -36.22 -24.90
CA ILE D 18 7.21 -37.50 -25.40
C ILE D 18 8.63 -37.35 -25.94
N CYS D 19 8.95 -36.22 -26.58
CA CYS D 19 10.29 -36.05 -27.11
C CYS D 19 11.31 -35.78 -25.99
N LEU D 20 10.89 -35.08 -24.94
CA LEU D 20 11.78 -34.91 -23.79
C LEU D 20 12.06 -36.24 -23.11
N GLN D 21 11.06 -37.12 -23.03
CA GLN D 21 11.30 -38.46 -22.53
C GLN D 21 12.23 -39.25 -23.45
N SER D 22 12.06 -39.08 -24.77
CA SER D 22 12.83 -39.88 -25.71
C SER D 22 14.30 -39.45 -25.76
N CYS D 23 14.57 -38.15 -25.65
CA CYS D 23 15.92 -37.67 -25.91
C CYS D 23 16.88 -38.02 -24.78
N ASP D 24 16.70 -37.43 -23.60
CA ASP D 24 17.52 -37.80 -22.45
C ASP D 24 16.74 -37.88 -21.15
N PHE D 25 15.63 -37.18 -20.99
CA PHE D 25 14.99 -37.04 -19.70
C PHE D 25 14.01 -38.19 -19.43
N ALA D 26 13.68 -38.36 -18.16
CA ALA D 26 12.66 -39.30 -17.73
C ALA D 26 11.61 -38.70 -16.80
N LEU D 27 11.90 -37.56 -16.17
CA LEU D 27 10.95 -36.91 -15.28
C LEU D 27 9.98 -35.99 -16.01
N ALA D 28 10.23 -35.71 -17.30
CA ALA D 28 9.39 -34.79 -18.07
C ALA D 28 8.16 -35.54 -18.58
N THR D 29 7.28 -35.89 -17.64
CA THR D 29 6.05 -36.57 -17.96
C THR D 29 4.92 -35.56 -18.17
N GLN D 30 3.77 -36.06 -18.63
CA GLN D 30 2.65 -35.19 -18.93
C GLN D 30 2.16 -34.45 -17.70
N GLU D 31 1.88 -35.18 -16.62
CA GLU D 31 1.34 -34.57 -15.42
C GLU D 31 2.36 -33.71 -14.68
N ASN D 32 3.66 -33.99 -14.85
CA ASN D 32 4.67 -33.21 -14.15
C ASN D 32 4.71 -31.77 -14.64
N ILE D 33 4.67 -31.56 -15.96
CA ILE D 33 4.61 -30.20 -16.48
C ILE D 33 3.19 -29.66 -16.44
N SER D 34 2.18 -30.54 -16.57
CA SER D 34 0.79 -30.08 -16.49
C SER D 34 0.46 -29.48 -15.14
N ARG D 35 1.21 -29.83 -14.10
CA ARG D 35 1.02 -29.27 -12.76
C ARG D 35 2.30 -28.55 -12.36
N PRO D 36 2.39 -27.23 -12.53
CA PRO D 36 3.62 -26.51 -12.20
C PRO D 36 3.83 -26.43 -10.69
N THR D 37 4.98 -26.92 -10.24
CA THR D 37 5.35 -26.85 -8.83
C THR D 37 6.83 -26.50 -8.73
N SER D 38 7.21 -25.94 -7.57
CA SER D 38 8.57 -25.45 -7.39
C SER D 38 9.59 -26.59 -7.40
N ASP D 39 9.32 -27.65 -6.64
CA ASP D 39 10.30 -28.72 -6.46
C ASP D 39 10.60 -29.40 -7.79
N TYR D 40 9.57 -29.81 -8.52
CA TYR D 40 9.80 -30.50 -9.79
C TYR D 40 10.49 -29.59 -10.79
N MET D 41 10.10 -28.31 -10.83
CA MET D 41 10.67 -27.41 -11.83
C MET D 41 12.15 -27.16 -11.57
N VAL D 42 12.51 -26.96 -10.29
CA VAL D 42 13.92 -26.75 -9.96
C VAL D 42 14.73 -28.03 -10.18
N THR D 43 14.13 -29.19 -9.89
CA THR D 43 14.83 -30.44 -10.20
C THR D 43 15.06 -30.58 -11.69
N LEU D 44 14.06 -30.22 -12.51
CA LEU D 44 14.23 -30.26 -13.96
C LEU D 44 15.34 -29.32 -14.41
N TYR D 45 15.41 -28.13 -13.81
CA TYR D 45 16.56 -27.26 -14.03
C TYR D 45 17.86 -27.99 -13.74
N LYS D 46 17.89 -28.76 -12.64
CA LYS D 46 19.07 -29.54 -12.31
C LYS D 46 19.40 -30.58 -13.37
N GLN D 47 18.43 -31.41 -13.78
CA GLN D 47 18.77 -32.41 -14.79
C GLN D 47 19.22 -31.76 -16.10
N ILE D 48 18.63 -30.64 -16.50
CA ILE D 48 19.08 -30.03 -17.75
C ILE D 48 20.47 -29.42 -17.61
N ILE D 49 20.77 -28.79 -16.47
CA ILE D 49 22.09 -28.20 -16.28
C ILE D 49 23.16 -29.29 -16.21
N GLU D 50 22.83 -30.47 -15.70
CA GLU D 50 23.76 -31.60 -15.84
C GLU D 50 23.69 -32.22 -17.23
N ASN D 51 22.67 -31.90 -18.02
CA ASN D 51 22.54 -32.52 -19.34
C ASN D 51 23.41 -31.82 -20.37
N PHE D 52 23.12 -30.54 -20.66
CA PHE D 52 23.61 -29.97 -21.91
C PHE D 52 25.12 -29.74 -21.88
N MET D 53 25.68 -29.48 -20.70
CA MET D 53 27.12 -29.23 -20.58
C MET D 53 27.80 -30.09 -19.53
N GLY D 54 27.05 -30.91 -18.79
CA GLY D 54 27.59 -32.06 -18.08
C GLY D 54 28.55 -31.83 -16.92
N ILE D 55 28.23 -30.92 -16.01
CA ILE D 55 28.89 -30.86 -14.72
C ILE D 55 27.82 -30.72 -13.64
N SER D 56 28.04 -31.38 -12.50
CA SER D 56 27.01 -31.52 -11.48
C SER D 56 26.75 -30.19 -10.77
N VAL D 57 25.54 -30.07 -10.22
CA VAL D 57 25.20 -28.88 -9.43
C VAL D 57 26.00 -28.85 -8.13
N GLU D 58 26.08 -29.99 -7.43
CA GLU D 58 26.63 -29.99 -6.09
C GLU D 58 28.09 -29.54 -6.08
N SER D 59 28.86 -29.93 -7.09
CA SER D 59 30.24 -29.49 -7.18
C SER D 59 30.32 -27.98 -7.26
N LEU D 60 29.52 -27.37 -8.14
CA LEU D 60 29.54 -25.91 -8.29
C LEU D 60 29.05 -25.22 -7.02
N LEU D 61 28.01 -25.75 -6.39
CA LEU D 61 27.47 -25.13 -5.18
C LEU D 61 28.51 -25.15 -4.06
N ASN D 62 29.16 -26.30 -3.86
CA ASN D 62 30.20 -26.37 -2.84
C ASN D 62 31.39 -25.49 -3.18
N SER D 63 31.81 -25.46 -4.45
CA SER D 63 32.95 -24.68 -4.90
C SER D 63 32.66 -23.18 -4.92
N SER D 64 31.40 -22.78 -4.84
CA SER D 64 31.06 -21.38 -4.60
C SER D 64 30.74 -21.09 -3.15
N ASN D 65 30.55 -22.13 -2.33
CA ASN D 65 30.12 -21.93 -0.95
C ASN D 65 31.28 -21.98 0.05
N GLN D 66 32.38 -22.68 -0.27
CA GLN D 66 33.33 -23.03 0.78
C GLN D 66 33.89 -21.82 1.53
N GLU D 67 33.97 -20.65 0.88
CA GLU D 67 34.59 -19.50 1.51
C GLU D 67 33.71 -18.90 2.60
N THR D 68 32.39 -19.01 2.46
CA THR D 68 31.50 -18.55 3.52
C THR D 68 31.05 -19.67 4.44
N GLY D 69 31.03 -20.91 3.96
CA GLY D 69 30.61 -22.03 4.79
C GLY D 69 31.66 -22.53 5.77
N ASP D 70 32.90 -22.08 5.65
CA ASP D 70 33.96 -22.50 6.55
C ASP D 70 34.06 -21.51 7.71
N GLY D 71 35.14 -21.61 8.49
CA GLY D 71 35.25 -20.86 9.72
C GLY D 71 35.97 -19.51 9.62
N HIS D 72 35.60 -18.67 8.66
CA HIS D 72 36.10 -17.30 8.66
C HIS D 72 35.53 -16.51 9.84
N LEU D 73 34.26 -16.72 10.17
CA LEU D 73 33.62 -15.98 11.25
C LEU D 73 32.53 -16.84 11.87
N GLN D 74 32.15 -16.49 13.10
CA GLN D 74 31.31 -17.33 13.94
C GLN D 74 29.83 -16.94 13.89
N GLU D 75 29.48 -15.91 13.13
CA GLU D 75 28.12 -15.39 13.16
C GLU D 75 27.12 -16.47 12.75
N GLU D 76 25.97 -16.48 13.43
CA GLU D 76 25.06 -17.62 13.38
C GLU D 76 24.32 -17.69 12.05
N ASN D 77 24.09 -16.56 11.39
CA ASN D 77 23.21 -16.50 10.23
C ASN D 77 23.90 -17.07 8.99
N GLU D 78 24.98 -17.83 9.19
CA GLU D 78 25.73 -18.37 8.06
C GLU D 78 24.89 -19.34 7.24
N ASN D 79 24.07 -20.16 7.90
CA ASN D 79 23.30 -21.16 7.18
C ASN D 79 22.23 -20.52 6.29
N ILE D 80 21.48 -19.54 6.79
CA ILE D 80 20.53 -18.84 5.91
C ILE D 80 21.29 -18.04 4.86
N TYR D 81 22.45 -17.48 5.23
CA TYR D 81 23.30 -16.82 4.24
C TYR D 81 23.58 -17.74 3.06
N LEU D 82 24.05 -18.95 3.36
CA LEU D 82 24.46 -19.87 2.30
C LEU D 82 23.24 -20.40 1.54
N ASP D 83 22.11 -20.57 2.22
CA ASP D 83 20.90 -21.02 1.53
C ASP D 83 20.43 -19.98 0.52
N THR D 84 20.42 -18.70 0.91
CA THR D 84 20.10 -17.64 -0.02
C THR D 84 21.11 -17.60 -1.17
N LEU D 85 22.39 -17.82 -0.86
CA LEU D 85 23.40 -17.91 -1.91
C LEU D 85 23.10 -19.05 -2.87
N ASN D 86 22.69 -20.21 -2.34
CA ASN D 86 22.36 -21.36 -3.19
C ASN D 86 21.25 -21.00 -4.16
N VAL D 87 20.14 -20.46 -3.63
CA VAL D 87 19.00 -20.20 -4.50
C VAL D 87 19.34 -19.11 -5.52
N LEU D 88 20.11 -18.09 -5.10
CA LEU D 88 20.45 -17.01 -6.02
C LEU D 88 21.39 -17.49 -7.11
N VAL D 89 22.37 -18.33 -6.79
CA VAL D 89 23.27 -18.79 -7.84
C VAL D 89 22.59 -19.78 -8.77
N LEU D 90 21.64 -20.59 -8.27
CA LEU D 90 20.84 -21.40 -9.17
C LEU D 90 20.05 -20.52 -10.14
N ASN D 91 19.39 -19.48 -9.60
CA ASN D 91 18.72 -18.49 -10.45
C ASN D 91 19.68 -17.93 -11.49
N LYS D 92 20.89 -17.61 -11.06
CA LYS D 92 21.82 -16.88 -11.91
C LYS D 92 22.38 -17.76 -13.03
N ILE D 93 22.70 -19.01 -12.73
CA ILE D 93 23.18 -19.93 -13.77
C ILE D 93 22.06 -20.28 -14.74
N CYS D 94 20.84 -20.49 -14.23
CA CYS D 94 19.71 -20.71 -15.12
C CYS D 94 19.48 -19.51 -16.02
N PHE D 95 19.69 -18.30 -15.48
CA PHE D 95 19.56 -17.09 -16.29
C PHE D 95 20.62 -17.04 -17.37
N LYS D 96 21.87 -17.41 -17.04
CA LYS D 96 22.90 -17.50 -18.08
C LYS D 96 22.46 -18.41 -19.22
N PHE D 97 22.01 -19.63 -18.88
CA PHE D 97 21.62 -20.54 -19.95
C PHE D 97 20.44 -20.02 -20.75
N PHE D 98 19.46 -19.43 -20.08
CA PHE D 98 18.25 -19.02 -20.79
C PHE D 98 18.47 -17.77 -21.63
N GLU D 99 19.38 -16.89 -21.23
CA GLU D 99 19.77 -15.81 -22.14
C GLU D 99 20.71 -16.33 -23.24
N ASN D 100 21.36 -17.47 -23.02
CA ASN D 100 22.16 -18.09 -24.06
C ASN D 100 21.29 -18.74 -25.13
N ILE D 101 20.02 -19.02 -24.83
CA ILE D 101 19.12 -19.67 -25.78
C ILE D 101 18.03 -18.73 -26.27
N GLY D 102 18.14 -17.44 -25.96
CA GLY D 102 17.21 -16.45 -26.48
C GLY D 102 16.08 -16.06 -25.55
N VAL D 103 16.12 -16.45 -24.28
CA VAL D 103 15.10 -16.08 -23.31
C VAL D 103 15.70 -15.04 -22.37
N GLN D 104 15.18 -13.81 -22.43
CA GLN D 104 15.68 -12.71 -21.62
C GLN D 104 14.63 -12.20 -20.63
N ASP D 105 13.56 -12.96 -20.41
CA ASP D 105 12.54 -12.62 -19.43
C ASP D 105 12.51 -13.58 -18.25
N PHE D 106 13.39 -14.58 -18.25
CA PHE D 106 13.40 -15.59 -17.19
C PHE D 106 13.87 -14.99 -15.87
N ASN D 107 13.34 -15.52 -14.77
CA ASN D 107 13.61 -14.97 -13.45
C ASN D 107 13.55 -16.07 -12.41
N MET D 108 13.56 -15.66 -11.14
CA MET D 108 13.57 -16.55 -9.96
C MET D 108 12.19 -17.09 -9.62
N THR D 109 11.14 -16.28 -9.83
CA THR D 109 9.78 -16.81 -9.69
C THR D 109 9.52 -17.95 -10.66
N ASP D 110 10.22 -17.97 -11.80
CA ASP D 110 10.15 -19.14 -12.67
C ASP D 110 10.68 -20.38 -11.99
N LEU D 111 11.76 -20.25 -11.22
CA LEU D 111 12.26 -21.39 -10.46
C LEU D 111 11.23 -21.84 -9.42
N TYR D 112 10.75 -20.91 -8.60
CA TYR D 112 10.05 -21.32 -7.39
C TYR D 112 8.53 -21.11 -7.42
N LYS D 113 8.00 -20.30 -8.34
CA LYS D 113 6.56 -20.16 -8.52
C LYS D 113 6.23 -20.29 -10.01
N PRO D 114 6.38 -21.48 -10.57
CA PRO D 114 6.18 -21.65 -12.01
C PRO D 114 4.69 -21.66 -12.39
N GLU D 115 4.45 -21.33 -13.66
CA GLU D 115 3.12 -21.37 -14.23
C GLU D 115 3.23 -21.97 -15.63
N ALA D 116 2.10 -22.45 -16.15
CA ALA D 116 2.12 -23.30 -17.34
C ALA D 116 2.72 -22.60 -18.55
N GLN D 117 2.33 -21.34 -18.79
CA GLN D 117 2.70 -20.68 -20.05
C GLN D 117 4.21 -20.47 -20.16
N ARG D 118 4.82 -19.86 -19.14
CA ARG D 118 6.25 -19.57 -19.23
C ARG D 118 7.07 -20.85 -19.18
N THR D 119 6.62 -21.83 -18.38
CA THR D 119 7.34 -23.10 -18.33
C THR D 119 7.29 -23.81 -19.67
N GLN D 120 6.14 -23.80 -20.35
CA GLN D 120 6.06 -24.46 -21.65
C GLN D 120 6.83 -23.70 -22.72
N ARG D 121 6.90 -22.36 -22.63
CA ARG D 121 7.75 -21.62 -23.55
C ARG D 121 9.23 -21.99 -23.33
N LEU D 122 9.64 -22.09 -22.06
CA LEU D 122 11.00 -22.50 -21.76
C LEU D 122 11.27 -23.92 -22.27
N LEU D 123 10.28 -24.81 -22.16
CA LEU D 123 10.44 -26.16 -22.66
C LEU D 123 10.53 -26.20 -24.19
N SER D 124 9.80 -25.31 -24.87
CA SER D 124 9.94 -25.21 -26.32
C SER D 124 11.35 -24.74 -26.70
N ALA D 125 11.88 -23.76 -25.97
CA ALA D 125 13.27 -23.38 -26.18
C ALA D 125 14.21 -24.55 -25.91
N VAL D 126 13.94 -25.32 -24.85
CA VAL D 126 14.76 -26.46 -24.50
C VAL D 126 14.77 -27.48 -25.62
N VAL D 127 13.58 -27.78 -26.19
CA VAL D 127 13.50 -28.80 -27.22
C VAL D 127 14.16 -28.32 -28.51
N ASN D 128 14.03 -27.03 -28.84
CA ASN D 128 14.68 -26.56 -30.06
C ASN D 128 16.20 -26.62 -29.90
N TYR D 129 16.72 -26.24 -28.72
CA TYR D 129 18.15 -26.36 -28.48
C TYR D 129 18.61 -27.81 -28.50
N ALA D 130 17.80 -28.72 -27.93
CA ALA D 130 18.15 -30.13 -27.92
C ALA D 130 18.19 -30.70 -29.33
N ARG D 131 17.23 -30.34 -30.17
CA ARG D 131 17.23 -30.80 -31.55
C ARG D 131 18.42 -30.25 -32.32
N PHE D 132 18.74 -28.97 -32.13
CA PHE D 132 19.90 -28.40 -32.82
C PHE D 132 21.18 -29.06 -32.35
N ARG D 133 21.29 -29.35 -31.05
CA ARG D 133 22.47 -30.03 -30.52
C ARG D 133 22.56 -31.45 -31.05
N GLU D 134 21.44 -32.13 -31.19
CA GLU D 134 21.44 -33.47 -31.78
C GLU D 134 21.90 -33.43 -33.23
N GLU D 135 21.45 -32.43 -33.99
CA GLU D 135 21.92 -32.26 -35.36
C GLU D 135 23.42 -31.99 -35.40
N ARG D 136 23.91 -31.14 -34.50
CA ARG D 136 25.33 -30.84 -34.44
C ARG D 136 26.14 -32.08 -34.09
N MET D 137 25.64 -32.90 -33.16
CA MET D 137 26.32 -34.14 -32.80
C MET D 137 26.33 -35.12 -33.97
N PHE D 138 25.21 -35.21 -34.70
CA PHE D 138 25.19 -36.06 -35.89
C PHE D 138 26.18 -35.58 -36.94
N ASP D 139 26.36 -34.27 -37.06
CA ASP D 139 27.31 -33.73 -38.03
C ASP D 139 28.76 -33.92 -37.59
N CYS D 140 29.03 -33.85 -36.28
CA CYS D 140 30.40 -33.86 -35.77
C CYS D 140 30.74 -35.16 -35.02
N ASN D 141 29.98 -36.23 -35.26
CA ASN D 141 30.31 -37.51 -34.65
C ASN D 141 31.68 -38.04 -35.06
N SER D 142 32.25 -37.52 -36.15
CA SER D 142 33.61 -37.91 -36.51
C SER D 142 34.60 -37.50 -35.43
N PHE D 143 34.44 -36.30 -34.86
CA PHE D 143 35.29 -35.88 -33.77
C PHE D 143 35.13 -36.77 -32.55
N ILE D 144 33.89 -37.17 -32.25
CA ILE D 144 33.65 -38.06 -31.11
C ILE D 144 34.31 -39.41 -31.34
N LEU D 145 34.21 -39.94 -32.56
CA LEU D 145 34.86 -41.21 -32.87
C LEU D 145 36.37 -41.10 -32.76
N GLN D 146 36.94 -40.00 -33.24
CA GLN D 146 38.38 -39.79 -33.13
C GLN D 146 38.80 -39.70 -31.66
N MET D 147 38.01 -39.00 -30.84
CA MET D 147 38.32 -38.92 -29.42
C MET D 147 38.24 -40.28 -28.75
N GLU D 148 37.25 -41.10 -29.12
CA GLU D 148 37.14 -42.44 -28.57
C GLU D 148 38.33 -43.30 -28.97
N SER D 149 38.77 -43.19 -30.23
CA SER D 149 39.94 -43.94 -30.67
C SER D 149 41.19 -43.49 -29.91
N LEU D 150 41.35 -42.18 -29.70
CA LEU D 150 42.49 -41.67 -28.95
C LEU D 150 42.45 -42.16 -27.51
N LEU D 151 41.25 -42.19 -26.90
CA LEU D 151 41.13 -42.68 -25.53
C LEU D 151 41.47 -44.17 -25.46
N GLY D 152 41.05 -44.95 -26.45
CA GLY D 152 41.41 -46.35 -26.48
C GLY D 152 42.91 -46.57 -26.63
N GLN D 153 43.55 -45.78 -27.49
CA GLN D 153 44.99 -45.88 -27.64
C GLN D 153 45.71 -45.50 -26.35
N LEU D 154 45.23 -44.45 -25.68
CA LEU D 154 45.84 -44.04 -24.41
C LEU D 154 45.66 -45.12 -23.35
N ARG D 155 44.48 -45.76 -23.32
CA ARG D 155 44.26 -46.84 -22.37
C ARG D 155 45.18 -48.02 -22.66
N SER D 156 45.37 -48.36 -23.94
CA SER D 156 46.29 -49.43 -24.29
C SER D 156 47.72 -49.09 -23.87
N LYS D 157 48.15 -47.85 -24.10
CA LYS D 157 49.49 -47.43 -23.70
C LYS D 157 49.65 -47.49 -22.17
N PHE D 158 48.61 -47.07 -21.44
CA PHE D 158 48.67 -47.13 -19.98
C PHE D 158 48.73 -48.57 -19.50
N ASP D 159 47.97 -49.47 -20.13
CA ASP D 159 48.03 -50.88 -19.76
C ASP D 159 49.42 -51.47 -20.03
N ASP D 160 50.02 -51.11 -21.17
CA ASP D 160 51.36 -51.57 -21.47
C ASP D 160 52.37 -51.06 -20.45
N TYR D 161 52.25 -49.77 -20.07
CA TYR D 161 53.15 -49.21 -19.07
C TYR D 161 52.98 -49.91 -17.72
N ASN D 162 51.74 -50.18 -17.34
CA ASN D 162 51.48 -50.89 -16.08
C ASN D 162 52.06 -52.29 -16.11
N LEU D 163 51.93 -52.99 -17.23
CA LEU D 163 52.51 -54.32 -17.36
C LEU D 163 54.03 -54.27 -17.27
N ILE D 164 54.64 -53.27 -17.91
CA ILE D 164 56.09 -53.13 -17.85
C ILE D 164 56.55 -52.85 -16.41
N GLN D 165 55.82 -51.98 -15.71
CA GLN D 165 56.16 -51.68 -14.32
C GLN D 165 56.01 -52.91 -13.43
N GLN D 166 54.95 -53.70 -13.65
CA GLN D 166 54.76 -54.92 -12.88
C GLN D 166 55.88 -55.92 -13.14
N GLN D 167 56.30 -56.05 -14.41
CA GLN D 167 57.41 -56.93 -14.73
C GLN D 167 58.71 -56.45 -14.08
N LEU D 168 58.92 -55.13 -14.06
CA LEU D 168 60.11 -54.58 -13.43
C LEU D 168 60.11 -54.83 -11.92
N LYS D 169 58.95 -54.72 -11.28
CA LYS D 169 58.82 -54.90 -9.84
C LYS D 169 58.79 -56.37 -9.42
N GLN D 170 59.12 -57.29 -10.32
CA GLN D 170 59.11 -58.71 -10.02
C GLN D 170 60.45 -59.25 -9.56
N TYR D 171 61.45 -58.38 -9.41
CA TYR D 171 62.80 -58.79 -9.02
C TYR D 171 63.04 -58.41 -7.56
N GLU D 172 63.52 -59.37 -6.78
CA GLU D 172 63.81 -59.13 -5.37
C GLU D 172 64.85 -60.16 -4.91
N ASP D 173 65.52 -59.84 -3.81
CA ASP D 173 66.54 -60.71 -3.24
C ASP D 173 66.78 -60.29 -1.80
N VAL D 174 67.56 -61.12 -1.09
CA VAL D 174 67.94 -60.79 0.28
C VAL D 174 68.74 -59.49 0.31
N ASP D 175 69.71 -59.36 -0.60
CA ASP D 175 70.44 -58.12 -0.80
C ASP D 175 69.89 -57.47 -2.06
N GLY D 176 69.03 -56.46 -1.87
CA GLY D 176 68.33 -55.86 -2.99
C GLY D 176 66.83 -56.03 -2.91
N ASP D 177 66.30 -56.04 -1.68
CA ASP D 177 64.85 -56.17 -1.49
C ASP D 177 64.08 -55.00 -2.07
N ASN D 178 64.77 -53.89 -2.38
CA ASN D 178 64.16 -52.73 -3.02
C ASN D 178 64.41 -52.73 -4.52
N ILE D 179 64.33 -53.92 -5.12
CA ILE D 179 64.63 -54.20 -6.54
C ILE D 179 66.14 -54.16 -6.73
N PRO D 180 66.71 -55.13 -7.44
CA PRO D 180 68.17 -55.20 -7.57
C PRO D 180 68.74 -53.98 -8.28
N ASP D 181 69.93 -53.59 -7.85
CA ASP D 181 70.62 -52.43 -8.42
C ASP D 181 72.12 -52.66 -8.29
N GLU D 182 72.90 -51.68 -8.76
CA GLU D 182 74.36 -51.81 -8.71
C GLU D 182 74.88 -51.74 -7.28
N GLN D 183 74.26 -50.94 -6.42
CA GLN D 183 74.75 -50.79 -5.05
C GLN D 183 74.63 -52.09 -4.27
N GLU D 184 73.50 -52.79 -4.38
CA GLU D 184 73.32 -54.05 -3.68
C GLU D 184 74.30 -55.10 -4.19
N LEU D 185 74.50 -55.15 -5.50
CA LEU D 185 75.47 -56.10 -6.07
C LEU D 185 76.88 -55.79 -5.59
N GLN D 186 77.25 -54.51 -5.53
CA GLN D 186 78.58 -54.14 -5.06
C GLN D 186 78.76 -54.50 -3.58
N LYS D 187 77.75 -54.25 -2.76
CA LYS D 187 77.83 -54.61 -1.35
C LYS D 187 77.96 -56.12 -1.16
N LEU D 188 77.17 -56.89 -1.92
CA LEU D 188 77.26 -58.34 -1.85
C LEU D 188 78.64 -58.82 -2.30
N GLU D 189 79.18 -58.23 -3.35
CA GLU D 189 80.50 -58.60 -3.83
C GLU D 189 81.57 -58.29 -2.80
N GLU D 190 81.48 -57.14 -2.14
CA GLU D 190 82.46 -56.79 -1.11
C GLU D 190 82.38 -57.75 0.07
N GLN D 191 81.15 -58.08 0.51
CA GLN D 191 81.00 -59.04 1.60
C GLN D 191 81.54 -60.41 1.23
N ASN D 192 81.26 -60.85 -0.01
CA ASN D 192 81.75 -62.14 -0.46
C ASN D 192 83.28 -62.14 -0.55
N LYS D 193 83.87 -61.04 -1.00
CA LYS D 193 85.32 -60.95 -1.08
C LYS D 193 85.95 -61.01 0.31
N GLU D 194 85.37 -60.29 1.27
CA GLU D 194 85.90 -60.34 2.64
C GLU D 194 85.78 -61.75 3.22
N LEU D 195 84.63 -62.39 3.04
CA LEU D 195 84.45 -63.75 3.55
C LEU D 195 85.39 -64.74 2.88
N GLU D 196 85.60 -64.58 1.57
CA GLU D 196 86.53 -65.46 0.86
C GLU D 196 87.96 -65.25 1.32
N ILE D 197 88.35 -64.01 1.58
CA ILE D 197 89.69 -63.74 2.11
C ILE D 197 89.87 -64.39 3.47
N GLN D 198 88.86 -64.26 4.34
CA GLN D 198 88.93 -64.89 5.65
C GLN D 198 89.02 -66.40 5.53
N LEU D 199 88.21 -66.99 4.64
CA LEU D 199 88.22 -68.44 4.46
C LEU D 199 89.57 -68.92 3.91
N LYS D 200 90.14 -68.17 2.96
CA LYS D 200 91.45 -68.54 2.41
C LYS D 200 92.53 -68.45 3.47
N LYS D 201 92.49 -67.40 4.32
CA LYS D 201 93.47 -67.31 5.39
C LYS D 201 93.32 -68.47 6.37
N LEU D 202 92.08 -68.82 6.72
CA LEU D 202 91.86 -69.95 7.63
C LEU D 202 92.34 -71.25 7.03
N THR D 203 92.08 -71.46 5.72
CA THR D 203 92.55 -72.67 5.05
C THR D 203 94.06 -72.74 5.00
N LYS D 204 94.72 -71.61 4.73
CA LYS D 204 96.18 -71.58 4.74
C LYS D 204 96.73 -71.87 6.13
N ILE D 205 96.07 -71.35 7.17
CA ILE D 205 96.50 -71.65 8.54
C ILE D 205 96.33 -73.13 8.84
N GLN D 206 95.23 -73.73 8.40
CA GLN D 206 94.93 -75.13 8.66
C GLN D 206 95.48 -76.06 7.59
N GLU D 207 96.20 -75.54 6.59
CA GLU D 207 96.76 -76.37 5.53
C GLU D 207 97.85 -77.28 6.06
N ARG E 254 27.27 -39.21 -12.67
CA ARG E 254 26.82 -39.97 -13.83
C ARG E 254 27.96 -40.12 -14.84
N ARG E 255 28.22 -41.36 -15.26
CA ARG E 255 29.27 -41.67 -16.22
C ARG E 255 28.75 -41.75 -17.65
N LYS E 256 27.48 -41.46 -17.88
CA LYS E 256 26.90 -41.52 -19.22
C LYS E 256 27.37 -40.32 -20.02
N SER E 257 28.40 -40.52 -20.84
CA SER E 257 28.94 -39.43 -21.65
C SER E 257 27.93 -39.02 -22.72
N ILE E 258 27.81 -37.71 -22.92
CA ILE E 258 26.86 -37.19 -23.91
C ILE E 258 27.29 -37.59 -25.32
N LEU E 259 28.58 -37.47 -25.62
CA LEU E 259 29.06 -37.81 -26.95
C LEU E 259 28.89 -39.30 -27.23
N HIS E 260 29.21 -40.15 -26.25
CA HIS E 260 29.05 -41.59 -26.43
C HIS E 260 27.58 -41.96 -26.62
N THR E 261 26.69 -41.35 -25.83
CA THR E 261 25.27 -41.62 -25.97
C THR E 261 24.76 -41.17 -27.34
N ILE E 262 25.21 -40.02 -27.81
CA ILE E 262 24.80 -39.52 -29.13
C ILE E 262 25.29 -40.46 -30.22
N ARG E 263 26.53 -40.92 -30.11
CA ARG E 263 27.07 -41.85 -31.11
C ARG E 263 26.31 -43.17 -31.10
N ASN E 264 25.97 -43.68 -29.92
CA ASN E 264 25.21 -44.92 -29.83
C ASN E 264 23.81 -44.74 -30.42
N SER E 265 23.16 -43.61 -30.15
CA SER E 265 21.83 -43.37 -30.69
C SER E 265 21.87 -43.24 -32.21
N ILE E 266 22.90 -42.56 -32.74
CA ILE E 266 23.03 -42.42 -34.19
C ILE E 266 23.27 -43.77 -34.84
N ALA E 267 24.14 -44.59 -34.24
CA ALA E 267 24.44 -45.91 -34.77
C ALA E 267 23.30 -46.88 -34.52
N ILE E 291 14.76 -37.54 -35.06
CA ILE E 291 14.11 -36.35 -34.54
C ILE E 291 13.04 -36.73 -33.53
N SER E 292 12.82 -38.04 -33.37
CA SER E 292 11.83 -38.58 -32.45
C SER E 292 10.43 -38.02 -32.75
N LEU E 293 9.96 -38.30 -33.97
CA LEU E 293 8.66 -37.83 -34.44
C LEU E 293 8.57 -36.31 -34.36
N GLY E 294 9.65 -35.64 -34.74
CA GLY E 294 9.70 -34.19 -34.71
C GLY E 294 10.29 -33.59 -35.97
N SER E 295 10.87 -32.40 -35.84
CA SER E 295 11.48 -31.70 -36.98
C SER E 295 12.83 -31.15 -36.57
N GLY E 296 13.68 -30.91 -37.57
CA GLY E 296 15.01 -30.39 -37.33
C GLY E 296 15.01 -28.91 -37.01
N ALA E 297 14.46 -28.55 -35.83
CA ALA E 297 14.40 -27.18 -35.34
C ALA E 297 13.54 -26.29 -36.24
N ALA E 298 13.31 -25.06 -35.81
CA ALA E 298 12.50 -24.11 -36.58
C ALA E 298 12.89 -22.70 -36.20
N ARG E 299 12.53 -21.76 -37.07
CA ARG E 299 12.82 -20.34 -36.84
C ARG E 299 11.80 -19.52 -37.62
N VAL E 300 10.87 -18.91 -36.91
CA VAL E 300 9.83 -18.07 -37.51
C VAL E 300 9.74 -16.76 -36.75
N VAL E 301 9.67 -15.65 -37.50
CA VAL E 301 9.60 -14.34 -36.88
C VAL E 301 8.27 -14.17 -36.18
N ASN E 302 8.31 -13.76 -34.91
CA ASN E 302 7.09 -13.58 -34.15
C ASN E 302 6.28 -12.40 -34.67
N GLY E 303 4.97 -12.58 -34.78
CA GLY E 303 4.09 -11.56 -35.27
C GLY E 303 4.00 -10.37 -34.34
N PRO E 304 3.89 -10.63 -33.04
CA PRO E 304 3.76 -9.54 -32.05
C PRO E 304 5.11 -8.96 -31.65
N VAL E 305 5.85 -8.44 -32.64
CA VAL E 305 7.16 -7.87 -32.40
C VAL E 305 7.03 -6.54 -31.65
PG GTP F . -15.07 19.45 3.02
O1G GTP F . -15.73 20.47 2.13
O2G GTP F . -14.14 18.59 2.20
O3G GTP F . -16.14 18.58 3.63
O3B GTP F . -14.24 20.21 4.17
PB GTP F . -14.89 21.41 5.01
O1B GTP F . -15.37 22.47 4.04
O2B GTP F . -13.93 22.02 5.99
O3A GTP F . -16.13 20.75 5.79
PA GTP F . -15.90 19.53 6.82
O1A GTP F . -15.03 18.46 6.19
O2A GTP F . -17.23 18.94 7.27
O5' GTP F . -15.12 20.16 8.08
C5' GTP F . -15.66 20.03 9.38
C4' GTP F . -15.49 21.32 10.15
O4' GTP F . -16.25 22.36 9.56
C3' GTP F . -15.99 21.20 11.57
O3' GTP F . -14.92 20.96 12.44
C2' GTP F . -16.62 22.54 11.88
O2' GTP F . -15.86 23.23 12.84
C1' GTP F . -16.62 23.30 10.56
N9 GTP F . -17.96 23.86 10.29
C8 GTP F . -18.86 23.43 9.36
N7 GTP F . -19.95 24.22 9.41
C5 GTP F . -19.75 25.17 10.35
C6 GTP F . -20.53 26.22 10.80
O6 GTP F . -21.65 26.43 10.33
N1 GTP F . -20.06 27.05 11.80
C2 GTP F . -18.81 26.83 12.34
N2 GTP F . -18.36 27.62 13.29
N3 GTP F . -18.04 25.78 11.88
C4 GTP F . -18.49 24.96 10.91
MG MG G . -17.58 19.59 2.37
PB GDP H . -26.50 -18.12 -3.75
O1B GDP H . -27.35 -16.93 -4.12
O2B GDP H . -25.06 -17.85 -4.09
O3B GDP H . -26.98 -19.32 -4.53
O3A GDP H . -26.65 -18.40 -2.18
PA GDP H . -28.10 -18.32 -1.49
O1A GDP H . -28.67 -16.92 -1.63
O2A GDP H . -29.03 -19.34 -2.07
O5' GDP H . -27.79 -18.64 0.06
C5' GDP H . -26.58 -18.17 0.66
C4' GDP H . -26.84 -17.83 2.12
O4' GDP H . -27.58 -16.60 2.18
C3' GDP H . -27.69 -18.88 2.79
O3' GDP H . -26.91 -19.58 3.77
C2' GDP H . -28.83 -18.14 3.47
O2' GDP H . -28.84 -18.42 4.86
C1' GDP H . -28.55 -16.66 3.23
N9 GDP H . -29.79 -15.95 2.82
C8 GDP H . -30.71 -16.41 1.95
N7 GDP H . -31.71 -15.52 1.80
C5 GDP H . -31.44 -14.45 2.57
C6 GDP H . -32.08 -13.15 2.88
O6 GDP H . -33.16 -12.82 2.35
N1 GDP H . -31.46 -12.33 3.73
C2 GDP H . -30.29 -12.66 4.32
N2 GDP H . -29.73 -11.77 5.18
N3 GDP H . -29.65 -13.83 4.09
C4 GDP H . -30.16 -14.75 3.24
O01 TA1 I . -42.87 -0.09 11.62
C01 TA1 I . -42.64 1.24 12.02
C02 TA1 I . -41.99 1.19 13.46
O02 TA1 I . -41.03 0.16 13.28
C03 TA1 I . -41.17 -1.08 13.74
O03 TA1 I . -41.92 -1.41 14.62
C04 TA1 I . -40.25 -2.00 13.02
C05 TA1 I . -40.76 -3.19 12.49
C06 TA1 I . -39.93 -4.07 11.82
C07 TA1 I . -38.58 -3.76 11.64
C08 TA1 I . -38.08 -2.57 12.16
C09 TA1 I . -38.90 -1.70 12.85
C10 TA1 I . -41.23 2.48 13.97
C11 TA1 I . -39.81 2.15 14.51
O04 TA1 I . -39.02 1.80 13.37
C12 TA1 I . -38.56 2.65 12.44
O05 TA1 I . -38.66 3.84 12.50
C13 TA1 I . -37.88 1.90 11.34
C14 TA1 I . -39.69 1.25 15.75
O06 TA1 I . -38.95 2.25 16.46
C15 TA1 I . -39.08 3.20 15.38
C16 TA1 I . -39.78 4.49 15.79
C17 TA1 I . -41.08 4.81 15.08
O07 TA1 I . -41.73 5.89 15.72
C18 TA1 I . -42.01 3.54 14.92
C19 TA1 I . -42.32 3.17 16.37
C20 TA1 I . -43.32 3.98 14.23
O08 TA1 I . -44.33 3.93 14.89
C21 TA1 I . -43.54 4.54 12.80
O09 TA1 I . -44.57 5.51 12.68
C22 TA1 I . -44.62 6.54 13.52
O10 TA1 I . -43.67 6.93 14.14
C23 TA1 I . -46.00 7.11 13.59
C24 TA1 I . -43.75 3.42 11.79
C25 TA1 I . -43.31 3.71 10.56
C26 TA1 I . -42.10 2.98 10.05
O11 TA1 I . -40.95 3.84 9.85
C27 TA1 I . -40.65 4.19 8.61
O12 TA1 I . -41.41 4.18 7.68
C28 TA1 I . -39.19 4.63 8.47
O13 TA1 I . -39.11 5.86 7.85
C29 TA1 I . -38.51 3.59 7.57
N01 TA1 I . -39.47 3.20 6.54
C30 TA1 I . -39.68 1.91 6.29
O14 TA1 I . -39.09 1.01 6.88
C31 TA1 I . -40.68 1.58 5.23
C32 TA1 I . -41.59 2.57 4.86
C33 TA1 I . -42.53 2.31 3.88
C34 TA1 I . -42.59 1.06 3.27
C35 TA1 I . -41.69 0.07 3.63
C36 TA1 I . -40.73 0.33 4.62
C37 TA1 I . -37.19 4.10 7.05
C38 TA1 I . -36.19 4.43 7.96
C39 TA1 I . -34.96 4.91 7.53
C40 TA1 I . -34.71 5.04 6.17
C41 TA1 I . -35.69 4.70 5.26
C42 TA1 I . -36.93 4.24 5.69
C43 TA1 I . -41.63 1.89 11.02
C44 TA1 I . -43.97 4.63 9.56
C45 TA1 I . -44.04 1.92 12.03
C46 TA1 I . -44.95 1.36 10.90
C47 TA1 I . -44.88 1.39 13.21
#